data_4L2O
#
_entry.id   4L2O
#
_cell.length_a   95.221
_cell.length_b   90.916
_cell.length_c   117.925
_cell.angle_alpha   90.00
_cell.angle_beta   112.48
_cell.angle_gamma   90.00
#
_symmetry.space_group_name_H-M   'P 1 21 1'
#
loop_
_entity.id
_entity.type
_entity.pdbx_description
1 polymer 'Aldehyde dehydrogenase'
2 non-polymer 'POTASSIUM ION'
3 non-polymer 'ACETATE ION'
4 non-polymer NICOTINAMIDE-ADENINE-DINUCLEOTIDE
5 non-polymer 1-[(4-fluorophenyl)sulfonyl]-2-methyl-1H-benzimidazole
6 water water
#
_entity_poly.entity_id   1
_entity_poly.type   'polypeptide(L)'
_entity_poly.pdbx_seq_one_letter_code
;HHHHHHSSGLVPRGSHMSKISEAVKRARAAFSSGRTRPLQFRIQQLEALQRLIQEQEQELVGALAADLHKNEWNAYYEEV
VYVLEEIEYMIQKLPEWAADEPVEKTPQTQQDELYIHSEPLGVVLVIGTWNYPFNLTIQPMVGAIAAGNAVVLKPSELSE
NMASLLATIIPQYLDKDLYPVINGGVPETTELLKERFDHILYTGSTGVGKIIMTAAAKHLTPVTLELGGKSPCYVDKNCD
LDVACRRIAWGKFMNSGQTCVAPDYILCDPSIQNQIVEKLKKSLKEFYGEDAKKSRDYGRIISARHFQRVMGLIEGQKVA
YGGTGDAATRYIAPTILTDVDPQSPVMQEEIFGPVLPIVCVRSLEEAIQFINQREKPLALYMFSSNDKVIKKMIAETSSG
GVAANDVIVHITLHSLPFGGVGNSGMGSYHGKKSFETFSHRRSCLVRPLMNDEGLKVRYPPSPAKMTQH
;
_entity_poly.pdbx_strand_id   A,B,E,G
#
# COMPACT_ATOMS: atom_id res chain seq x y z
N SER A 18 49.83 33.23 -9.08
CA SER A 18 49.70 34.71 -8.99
C SER A 18 49.79 35.21 -7.56
N LYS A 19 50.09 36.50 -7.40
CA LYS A 19 50.20 37.15 -6.09
C LYS A 19 48.93 36.99 -5.26
N ILE A 20 47.77 37.20 -5.89
CA ILE A 20 46.47 37.05 -5.23
C ILE A 20 46.25 35.61 -4.77
N SER A 21 46.44 34.65 -5.69
CA SER A 21 46.27 33.24 -5.39
CA SER A 21 46.27 33.23 -5.39
C SER A 21 47.18 32.78 -4.25
N GLU A 22 48.36 33.32 -4.14
CA GLU A 22 49.31 32.88 -3.15
C GLU A 22 48.98 33.44 -1.79
N ALA A 23 48.61 34.68 -1.78
CA ALA A 23 48.21 35.33 -0.58
C ALA A 23 47.05 34.57 0.06
N VAL A 24 46.11 34.13 -0.76
CA VAL A 24 44.94 33.45 -0.23
C VAL A 24 45.31 32.05 0.23
N LYS A 25 46.11 31.36 -0.53
CA LYS A 25 46.64 30.09 -0.11
C LYS A 25 47.31 30.12 1.22
N ARG A 26 48.21 31.08 1.39
CA ARG A 26 48.94 31.21 2.64
C ARG A 26 48.00 31.53 3.81
N ALA A 27 46.93 32.26 3.52
CA ALA A 27 45.95 32.62 4.53
C ALA A 27 45.18 31.38 5.02
N ARG A 28 44.77 30.53 4.10
CA ARG A 28 44.06 29.30 4.46
C ARG A 28 44.97 28.30 5.18
N ALA A 29 46.19 28.15 4.67
CA ALA A 29 47.21 27.29 5.29
C ALA A 29 47.44 27.69 6.74
N ALA A 30 47.55 28.99 7.00
CA ALA A 30 47.73 29.50 8.34
C ALA A 30 46.50 29.26 9.23
N PHE A 31 45.31 29.40 8.66
CA PHE A 31 44.09 29.06 9.39
C PHE A 31 44.02 27.56 9.69
N SER A 32 44.36 26.74 8.70
CA SER A 32 44.33 25.28 8.84
C SER A 32 45.28 24.76 9.92
N SER A 33 46.35 25.51 10.19
CA SER A 33 47.34 25.11 11.20
C SER A 33 46.78 25.18 12.63
N GLY A 34 45.65 25.86 12.79
CA GLY A 34 44.97 25.96 14.10
C GLY A 34 45.40 27.18 14.90
N ARG A 35 46.24 28.01 14.31
CA ARG A 35 46.85 29.17 14.98
C ARG A 35 45.84 30.13 15.62
N THR A 36 44.73 30.38 14.92
CA THR A 36 43.76 31.39 15.37
C THR A 36 42.78 30.89 16.44
N ARG A 37 42.78 29.58 16.68
CA ARG A 37 41.78 28.98 17.56
C ARG A 37 41.81 29.47 19.02
N PRO A 38 43.01 29.47 19.66
CA PRO A 38 43.06 29.97 21.03
C PRO A 38 42.66 31.45 21.11
N LEU A 39 41.87 31.79 22.14
CA LEU A 39 41.38 33.16 22.30
C LEU A 39 42.51 34.15 22.53
N GLN A 40 43.55 33.71 23.24
CA GLN A 40 44.71 34.58 23.52
CA GLN A 40 44.75 34.52 23.52
C GLN A 40 45.41 35.02 22.24
N PHE A 41 45.46 34.17 21.22
CA PHE A 41 46.05 34.56 19.95
C PHE A 41 45.27 35.69 19.31
N ARG A 42 43.94 35.55 19.30
CA ARG A 42 43.06 36.57 18.72
C ARG A 42 43.17 37.89 19.46
N ILE A 43 43.16 37.83 20.80
CA ILE A 43 43.29 39.02 21.65
C ILE A 43 44.62 39.74 21.37
N GLN A 44 45.70 38.98 21.23
CA GLN A 44 47.00 39.56 20.93
C GLN A 44 47.07 40.23 19.56
N GLN A 45 46.35 39.67 18.58
CA GLN A 45 46.23 40.33 17.28
C GLN A 45 45.46 41.64 17.41
N LEU A 46 44.40 41.64 18.23
CA LEU A 46 43.60 42.84 18.46
C LEU A 46 44.35 43.91 19.25
N GLU A 47 45.19 43.47 20.18
CA GLU A 47 46.04 44.39 20.95
C GLU A 47 47.16 44.97 20.07
N ALA A 48 47.61 44.19 19.10
CA ALA A 48 48.56 44.68 18.11
C ALA A 48 47.93 45.75 17.23
N LEU A 49 46.65 45.54 16.90
CA LEU A 49 45.86 46.52 16.13
CA LEU A 49 45.88 46.51 16.12
C LEU A 49 45.68 47.80 16.92
N GLN A 50 45.43 47.64 18.21
CA GLN A 50 45.29 48.75 19.15
C GLN A 50 46.57 49.60 19.14
N ARG A 51 47.73 48.92 19.19
CA ARG A 51 49.02 49.60 19.16
CA ARG A 51 49.02 49.60 19.17
C ARG A 51 49.29 50.27 17.82
N LEU A 52 48.84 49.63 16.74
CA LEU A 52 48.96 50.19 15.39
C LEU A 52 48.25 51.54 15.29
N ILE A 53 47.04 51.61 15.83
CA ILE A 53 46.22 52.82 15.77
C ILE A 53 46.85 53.96 16.58
N GLN A 54 47.33 53.64 17.78
CA GLN A 54 48.02 54.59 18.65
C GLN A 54 49.33 55.11 18.07
N GLU A 55 50.12 54.20 17.49
CA GLU A 55 51.45 54.54 16.97
C GLU A 55 51.43 55.16 15.57
N GLN A 56 50.42 54.83 14.78
CA GLN A 56 50.33 55.31 13.40
C GLN A 56 49.25 56.39 13.24
N GLU A 57 48.89 57.04 14.34
CA GLU A 57 47.79 58.01 14.35
C GLU A 57 48.01 59.16 13.37
N GLN A 58 49.20 59.70 13.31
CA GLN A 58 49.47 60.78 12.40
C GLN A 58 49.43 60.34 10.96
N GLU A 59 49.96 59.18 10.71
CA GLU A 59 49.94 58.61 9.40
C GLU A 59 48.51 58.37 8.93
N LEU A 60 47.68 57.85 9.79
CA LEU A 60 46.29 57.69 9.50
C LEU A 60 45.56 59.02 9.23
N VAL A 61 45.80 60.03 10.05
CA VAL A 61 45.30 61.35 9.79
C VAL A 61 45.75 61.85 8.43
N GLY A 62 47.01 61.67 8.14
CA GLY A 62 47.54 62.09 6.88
C GLY A 62 46.84 61.49 5.70
N ALA A 63 46.62 60.20 5.79
CA ALA A 63 45.93 59.46 4.73
C ALA A 63 44.51 59.98 4.50
N LEU A 64 43.80 60.23 5.60
CA LEU A 64 42.43 60.74 5.55
C LEU A 64 42.36 62.18 5.08
N ALA A 65 43.35 62.99 5.47
CA ALA A 65 43.47 64.36 4.99
C ALA A 65 43.69 64.42 3.48
N ALA A 66 44.52 63.50 2.97
CA ALA A 66 44.85 63.46 1.55
C ALA A 66 43.73 62.87 0.70
N ASP A 67 42.98 61.93 1.28
CA ASP A 67 41.88 61.27 0.56
C ASP A 67 40.58 62.09 0.58
N LEU A 68 40.24 62.63 1.75
CA LEU A 68 38.90 63.19 1.97
C LEU A 68 38.89 64.57 2.62
N HIS A 69 40.07 65.16 2.81
CA HIS A 69 40.22 66.48 3.46
C HIS A 69 39.69 66.46 4.87
N LYS A 70 40.02 65.40 5.61
CA LYS A 70 39.71 65.32 7.03
C LYS A 70 40.83 66.00 7.82
N ASN A 71 40.53 66.42 9.04
CA ASN A 71 41.55 66.96 9.94
C ASN A 71 41.81 65.99 11.10
N GLU A 72 42.78 66.30 11.96
CA GLU A 72 43.17 65.39 13.04
C GLU A 72 42.04 65.11 14.04
N TRP A 73 41.09 66.04 14.14
CA TRP A 73 39.95 65.87 15.04
C TRP A 73 38.91 64.93 14.48
N ASN A 74 38.37 65.24 13.31
CA ASN A 74 37.30 64.42 12.73
C ASN A 74 37.78 63.08 12.16
N ALA A 75 39.07 63.00 11.82
CA ALA A 75 39.68 61.72 11.46
C ALA A 75 39.59 60.74 12.62
N TYR A 76 39.76 61.26 13.84
CA TYR A 76 39.69 60.46 15.05
C TYR A 76 38.26 60.25 15.54
N TYR A 77 37.57 61.35 15.82
CA TYR A 77 36.25 61.29 16.47
C TYR A 77 35.07 60.96 15.55
N GLU A 78 35.31 60.93 14.24
CA GLU A 78 34.28 60.52 13.29
C GLU A 78 34.64 59.24 12.54
N GLU A 79 35.72 58.57 12.97
CA GLU A 79 36.15 57.34 12.33
C GLU A 79 36.99 56.43 13.25
N VAL A 80 38.22 56.85 13.54
CA VAL A 80 39.22 56.03 14.22
C VAL A 80 38.80 55.55 15.61
N VAL A 81 38.20 56.45 16.40
CA VAL A 81 37.84 56.14 17.80
C VAL A 81 36.88 54.94 17.92
N TYR A 82 35.97 54.80 16.96
CA TYR A 82 34.98 53.72 17.01
C TYR A 82 35.58 52.35 16.71
N VAL A 83 36.66 52.32 15.95
CA VAL A 83 37.44 51.10 15.77
C VAL A 83 38.08 50.70 17.10
N LEU A 84 38.68 51.67 17.78
CA LEU A 84 39.30 51.46 19.08
C LEU A 84 38.29 50.98 20.12
N GLU A 85 37.11 51.60 20.12
CA GLU A 85 36.04 51.19 21.04
C GLU A 85 35.58 49.77 20.77
N GLU A 86 35.50 49.41 19.48
CA GLU A 86 35.14 48.05 19.06
C GLU A 86 36.19 47.04 19.52
N ILE A 87 37.47 47.38 19.36
CA ILE A 87 38.57 46.50 19.78
C ILE A 87 38.52 46.25 21.29
N GLU A 88 38.39 47.33 22.06
CA GLU A 88 38.32 47.23 23.52
C GLU A 88 37.14 46.37 23.96
N TYR A 89 35.97 46.64 23.38
CA TYR A 89 34.76 45.89 23.64
C TYR A 89 34.91 44.40 23.35
N MET A 90 35.48 44.07 22.19
CA MET A 90 35.62 42.68 21.76
C MET A 90 36.64 41.89 22.59
N ILE A 91 37.75 42.52 22.94
CA ILE A 91 38.74 41.91 23.84
C ILE A 91 38.07 41.52 25.16
N GLN A 92 37.31 42.45 25.73
CA GLN A 92 36.62 42.23 27.00
C GLN A 92 35.54 41.15 26.90
N LYS A 93 34.80 41.14 25.79
CA LYS A 93 33.65 40.25 25.66
C LYS A 93 33.95 38.86 25.07
N LEU A 94 35.12 38.71 24.43
CA LEU A 94 35.46 37.49 23.70
C LEU A 94 35.30 36.19 24.51
N PRO A 95 35.85 36.12 25.75
CA PRO A 95 35.62 34.92 26.57
C PRO A 95 34.14 34.53 26.68
N GLU A 96 33.28 35.51 26.95
CA GLU A 96 31.84 35.27 27.10
C GLU A 96 31.20 34.80 25.78
N TRP A 97 31.51 35.49 24.69
CA TRP A 97 30.94 35.17 23.38
C TRP A 97 31.40 33.84 22.84
N ALA A 98 32.66 33.50 23.07
CA ALA A 98 33.26 32.29 22.51
C ALA A 98 32.89 31.02 23.28
N ALA A 99 32.38 31.18 24.50
CA ALA A 99 32.00 30.04 25.33
C ALA A 99 30.85 29.26 24.69
N ASP A 100 30.84 27.94 24.88
CA ASP A 100 29.68 27.12 24.54
C ASP A 100 28.47 27.67 25.28
N GLU A 101 27.36 27.87 24.55
CA GLU A 101 26.16 28.49 25.10
C GLU A 101 25.06 27.44 25.31
N PRO A 102 24.79 27.07 26.58
CA PRO A 102 23.70 26.14 26.89
C PRO A 102 22.35 26.70 26.47
N VAL A 103 21.49 25.85 25.92
CA VAL A 103 20.13 26.25 25.51
C VAL A 103 19.08 25.48 26.31
N GLU A 104 17.84 25.95 26.26
CA GLU A 104 16.76 25.36 27.05
C GLU A 104 16.50 23.89 26.72
N LYS A 105 16.40 23.07 27.75
CA LYS A 105 16.17 21.63 27.60
C LYS A 105 14.68 21.28 27.66
N THR A 106 14.37 20.05 27.27
CA THR A 106 13.03 19.49 27.38
C THR A 106 13.02 18.43 28.48
N PRO A 107 11.84 17.95 28.90
CA PRO A 107 11.80 16.86 29.89
C PRO A 107 12.45 15.56 29.40
N GLN A 108 12.56 15.40 28.09
CA GLN A 108 13.17 14.21 27.49
C GLN A 108 14.68 14.33 27.32
N THR A 109 15.19 15.56 27.48
CA THR A 109 16.61 15.83 27.26
C THR A 109 17.33 16.35 28.52
N GLN A 110 16.80 16.01 29.69
CA GLN A 110 17.37 16.42 30.97
C GLN A 110 18.76 15.86 31.24
N GLN A 111 19.02 14.64 30.75
CA GLN A 111 20.31 13.99 30.92
C GLN A 111 21.32 14.35 29.83
N ASP A 112 20.90 15.20 28.89
CA ASP A 112 21.74 15.60 27.77
C ASP A 112 22.37 16.97 27.97
N GLU A 113 23.42 17.23 27.18
CA GLU A 113 23.97 18.58 27.03
C GLU A 113 23.42 19.17 25.74
N LEU A 114 22.73 20.30 25.85
CA LEU A 114 22.24 21.03 24.69
C LEU A 114 22.88 22.40 24.68
N TYR A 115 23.68 22.68 23.65
CA TYR A 115 24.39 23.95 23.57
C TYR A 115 24.77 24.38 22.15
N ILE A 116 25.08 25.66 22.00
CA ILE A 116 25.55 26.21 20.73
C ILE A 116 27.07 26.42 20.81
N HIS A 117 27.78 25.84 19.86
CA HIS A 117 29.23 25.93 19.76
C HIS A 117 29.58 26.90 18.66
N SER A 118 30.34 27.94 19.01
CA SER A 118 30.76 28.94 18.04
C SER A 118 32.15 28.58 17.53
N GLU A 119 32.32 28.66 16.22
CA GLU A 119 33.58 28.31 15.57
C GLU A 119 33.84 29.24 14.38
N PRO A 120 35.13 29.49 14.05
CA PRO A 120 35.47 30.34 12.91
C PRO A 120 34.95 29.76 11.60
N LEU A 121 34.75 30.61 10.61
CA LEU A 121 34.33 30.15 9.29
C LEU A 121 35.51 29.72 8.44
N GLY A 122 36.64 30.39 8.60
CA GLY A 122 37.85 30.05 7.87
C GLY A 122 38.57 31.30 7.38
N VAL A 123 38.53 31.50 6.07
CA VAL A 123 39.11 32.70 5.47
C VAL A 123 38.00 33.66 5.07
N VAL A 124 38.01 34.83 5.69
CA VAL A 124 37.02 35.87 5.43
C VAL A 124 37.62 36.90 4.49
N LEU A 125 36.83 37.34 3.51
CA LEU A 125 37.20 38.47 2.66
C LEU A 125 36.42 39.71 3.07
N VAL A 126 37.15 40.78 3.37
CA VAL A 126 36.54 42.08 3.63
C VAL A 126 36.89 43.04 2.48
N ILE A 127 35.87 43.47 1.75
CA ILE A 127 36.04 44.48 0.72
C ILE A 127 35.55 45.82 1.26
N GLY A 128 36.48 46.75 1.42
CA GLY A 128 36.17 48.06 1.97
C GLY A 128 35.73 49.07 0.92
N THR A 129 35.20 50.20 1.40
CA THR A 129 34.83 51.31 0.54
C THR A 129 35.64 52.56 0.91
N TRP A 130 35.39 53.66 0.21
CA TRP A 130 36.30 54.82 0.27
C TRP A 130 35.90 55.95 1.18
N ASN A 131 34.63 56.02 1.56
CA ASN A 131 34.13 57.18 2.32
C ASN A 131 34.57 57.21 3.78
N TYR A 132 34.69 56.03 4.37
CA TYR A 132 35.34 55.86 5.67
C TYR A 132 36.30 54.69 5.52
N PRO A 133 37.46 54.94 4.84
CA PRO A 133 38.32 53.86 4.35
C PRO A 133 39.09 53.12 5.44
N PHE A 134 39.19 53.70 6.63
CA PHE A 134 39.78 52.99 7.77
C PHE A 134 38.71 52.17 8.48
N ASN A 135 37.65 52.83 8.93
CA ASN A 135 36.58 52.18 9.68
C ASN A 135 35.94 51.00 8.95
N LEU A 136 35.70 51.17 7.65
CA LEU A 136 34.95 50.16 6.89
C LEU A 136 35.81 49.06 6.30
N THR A 137 37.09 49.08 6.63
CA THR A 137 37.98 47.96 6.33
C THR A 137 38.36 47.27 7.63
N ILE A 138 38.64 48.07 8.66
CA ILE A 138 39.20 47.56 9.90
C ILE A 138 38.15 47.11 10.91
N GLN A 139 37.01 47.81 11.00
CA GLN A 139 35.97 47.36 11.94
C GLN A 139 35.35 46.00 11.55
N PRO A 140 35.10 45.74 10.25
CA PRO A 140 34.74 44.36 9.89
C PRO A 140 35.86 43.38 10.21
N MET A 141 37.10 43.78 9.94
CA MET A 141 38.28 42.96 10.23
C MET A 141 38.39 42.57 11.70
N VAL A 142 38.12 43.53 12.59
CA VAL A 142 38.16 43.31 14.05
C VAL A 142 37.25 42.15 14.46
N GLY A 143 36.00 42.21 14.00
CA GLY A 143 35.02 41.16 14.27
C GLY A 143 35.46 39.81 13.76
N ALA A 144 35.96 39.78 12.53
CA ALA A 144 36.43 38.56 11.89
C ALA A 144 37.65 37.96 12.59
N ILE A 145 38.57 38.82 13.04
CA ILE A 145 39.72 38.39 13.84
C ILE A 145 39.25 37.81 15.18
N ALA A 146 38.32 38.51 15.83
CA ALA A 146 37.77 38.07 17.11
C ALA A 146 37.09 36.70 17.02
N ALA A 147 36.49 36.43 15.85
CA ALA A 147 35.82 35.16 15.60
C ALA A 147 36.79 34.03 15.24
N GLY A 148 38.06 34.35 15.07
CA GLY A 148 39.11 33.36 14.84
C GLY A 148 39.36 33.03 13.38
N ASN A 149 39.04 33.97 12.50
CA ASN A 149 39.21 33.78 11.07
C ASN A 149 40.51 34.37 10.56
N ALA A 150 41.00 33.82 9.44
CA ALA A 150 41.96 34.54 8.62
C ALA A 150 41.16 35.61 7.88
N VAL A 151 41.77 36.77 7.67
CA VAL A 151 41.05 37.89 7.06
C VAL A 151 41.85 38.52 5.93
N VAL A 152 41.34 38.37 4.70
CA VAL A 152 41.93 39.03 3.54
C VAL A 152 41.24 40.38 3.35
N LEU A 153 42.04 41.44 3.30
N LEU A 153 42.03 41.44 3.27
CA LEU A 153 41.53 42.80 3.13
CA LEU A 153 41.51 42.80 3.15
C LEU A 153 41.69 43.28 1.69
C LEU A 153 41.71 43.37 1.75
N LYS A 154 40.60 43.81 1.13
CA LYS A 154 40.64 44.49 -0.15
C LYS A 154 40.11 45.92 0.06
N PRO A 155 41.03 46.87 0.31
CA PRO A 155 40.64 48.27 0.48
C PRO A 155 40.23 48.90 -0.84
N SER A 156 39.41 49.95 -0.76
CA SER A 156 38.99 50.70 -1.94
C SER A 156 40.18 51.40 -2.58
N GLU A 157 40.24 51.33 -3.91
CA GLU A 157 41.30 52.01 -4.67
C GLU A 157 41.06 53.52 -4.79
N LEU A 158 39.80 53.94 -4.60
CA LEU A 158 39.44 55.36 -4.66
C LEU A 158 40.12 56.18 -3.57
N SER A 159 40.14 55.64 -2.35
N SER A 159 40.13 55.64 -2.34
CA SER A 159 40.90 56.24 -1.25
CA SER A 159 40.90 56.23 -1.25
C SER A 159 42.34 55.72 -1.32
C SER A 159 42.34 55.72 -1.32
N GLU A 160 43.08 56.24 -2.29
CA GLU A 160 44.43 55.77 -2.62
C GLU A 160 45.44 55.82 -1.49
N ASN A 161 45.40 56.89 -0.69
CA ASN A 161 46.36 57.08 0.39
C ASN A 161 46.15 56.10 1.55
N MET A 162 44.89 55.87 1.91
CA MET A 162 44.58 54.87 2.94
C MET A 162 44.89 53.46 2.46
N ALA A 163 44.57 53.18 1.19
CA ALA A 163 44.87 51.88 0.57
C ALA A 163 46.37 51.55 0.62
N SER A 164 47.19 52.53 0.27
CA SER A 164 48.65 52.38 0.29
C SER A 164 49.17 52.18 1.71
N LEU A 165 48.64 52.97 2.65
CA LEU A 165 49.08 52.95 4.04
C LEU A 165 48.76 51.62 4.73
N LEU A 166 47.53 51.13 4.53
CA LEU A 166 47.09 49.88 5.13
C LEU A 166 47.90 48.68 4.64
N ALA A 167 48.26 48.66 3.37
CA ALA A 167 49.13 47.62 2.82
C ALA A 167 50.51 47.66 3.47
N THR A 168 50.94 48.84 3.89
CA THR A 168 52.23 49.01 4.55
C THR A 168 52.20 48.64 6.03
N ILE A 169 51.22 49.19 6.76
CA ILE A 169 51.24 49.11 8.24
C ILE A 169 50.59 47.87 8.86
N ILE A 170 49.58 47.30 8.19
CA ILE A 170 48.93 46.08 8.70
C ILE A 170 49.92 44.93 8.90
N PRO A 171 50.72 44.58 7.86
CA PRO A 171 51.70 43.48 8.01
C PRO A 171 52.81 43.74 9.03
N GLN A 172 53.01 45.02 9.39
CA GLN A 172 54.01 45.38 10.39
C GLN A 172 53.58 44.98 11.80
N TYR A 173 52.27 44.94 12.03
CA TYR A 173 51.71 44.67 13.36
C TYR A 173 51.00 43.32 13.44
N LEU A 174 50.38 42.88 12.35
CA LEU A 174 49.58 41.66 12.34
C LEU A 174 50.25 40.51 11.60
N ASP A 175 49.82 39.29 11.92
CA ASP A 175 50.31 38.09 11.27
C ASP A 175 50.28 38.25 9.76
N LYS A 176 51.45 38.11 9.13
CA LYS A 176 51.60 38.36 7.69
C LYS A 176 50.86 37.37 6.81
N ASP A 177 50.73 36.12 7.26
CA ASP A 177 50.02 35.11 6.50
C ASP A 177 48.50 35.15 6.67
N LEU A 178 48.06 35.35 7.91
CA LEU A 178 46.63 35.33 8.24
C LEU A 178 45.84 36.54 7.72
N TYR A 179 46.48 37.70 7.70
CA TYR A 179 45.76 38.95 7.42
C TYR A 179 46.36 39.80 6.29
N PRO A 180 46.41 39.25 5.06
CA PRO A 180 47.04 39.99 3.97
C PRO A 180 46.17 41.14 3.45
N VAL A 181 46.83 42.16 2.90
CA VAL A 181 46.15 43.25 2.24
C VAL A 181 46.35 43.12 0.73
N ILE A 182 45.25 43.15 -0.01
CA ILE A 182 45.29 43.09 -1.47
C ILE A 182 44.75 44.40 -2.04
N ASN A 183 45.57 45.09 -2.83
CA ASN A 183 45.15 46.32 -3.50
C ASN A 183 44.98 46.12 -5.00
N GLY A 184 44.08 46.89 -5.60
CA GLY A 184 43.87 46.86 -7.04
C GLY A 184 42.55 47.47 -7.48
N GLY A 185 42.29 47.42 -8.78
CA GLY A 185 41.05 47.92 -9.36
C GLY A 185 40.05 46.81 -9.63
N VAL A 186 39.27 46.96 -10.69
CA VAL A 186 38.22 46.00 -11.04
C VAL A 186 38.76 44.60 -11.41
N PRO A 187 39.71 44.52 -12.37
CA PRO A 187 40.21 43.18 -12.77
C PRO A 187 40.82 42.41 -11.61
N GLU A 188 41.55 43.10 -10.73
CA GLU A 188 42.17 42.49 -9.56
C GLU A 188 41.11 41.96 -8.57
N THR A 189 40.01 42.71 -8.45
CA THR A 189 38.89 42.31 -7.59
C THR A 189 38.16 41.11 -8.19
N THR A 190 37.93 41.15 -9.49
CA THR A 190 37.36 40.03 -10.23
C THR A 190 38.22 38.77 -10.03
N GLU A 191 39.53 38.95 -10.12
CA GLU A 191 40.50 37.87 -9.89
C GLU A 191 40.40 37.34 -8.46
N LEU A 192 40.36 38.25 -7.50
CA LEU A 192 40.21 37.90 -6.08
C LEU A 192 38.94 37.11 -5.80
N LEU A 193 37.85 37.51 -6.46
CA LEU A 193 36.54 36.88 -6.24
C LEU A 193 36.41 35.46 -6.79
N LYS A 194 37.41 35.01 -7.54
CA LYS A 194 37.47 33.63 -8.00
C LYS A 194 38.03 32.70 -6.91
N GLU A 195 38.77 33.28 -5.96
CA GLU A 195 39.31 32.53 -4.83
C GLU A 195 38.20 32.08 -3.88
N ARG A 196 38.44 30.99 -3.16
CA ARG A 196 37.42 30.44 -2.29
C ARG A 196 37.53 30.96 -0.85
N PHE A 197 36.50 31.69 -0.43
CA PHE A 197 36.41 32.21 0.93
C PHE A 197 35.26 31.55 1.69
N ASP A 198 35.28 31.68 3.00
CA ASP A 198 34.25 31.10 3.85
C ASP A 198 33.21 32.13 4.27
N HIS A 199 33.51 33.39 3.99
CA HIS A 199 32.57 34.50 4.16
C HIS A 199 33.11 35.70 3.46
N ILE A 200 32.21 36.50 2.90
CA ILE A 200 32.57 37.78 2.28
C ILE A 200 31.70 38.89 2.88
N LEU A 201 32.35 39.87 3.49
CA LEU A 201 31.68 41.11 3.83
C LEU A 201 32.05 42.17 2.80
N TYR A 202 31.04 42.70 2.14
CA TYR A 202 31.22 43.72 1.12
C TYR A 202 30.49 44.99 1.50
N THR A 203 31.20 46.11 1.43
CA THR A 203 30.60 47.42 1.61
C THR A 203 30.76 48.19 0.30
N GLY A 204 29.65 48.62 -0.27
CA GLY A 204 29.68 49.36 -1.53
C GLY A 204 28.32 49.53 -2.19
N SER A 205 28.31 49.56 -3.52
CA SER A 205 27.10 49.86 -4.27
C SER A 205 26.17 48.65 -4.42
N THR A 206 24.89 48.95 -4.61
CA THR A 206 23.86 47.96 -4.89
C THR A 206 24.24 47.13 -6.12
N GLY A 207 24.65 47.82 -7.20
CA GLY A 207 25.03 47.18 -8.46
C GLY A 207 26.18 46.19 -8.36
N VAL A 208 27.27 46.61 -7.71
CA VAL A 208 28.43 45.74 -7.52
C VAL A 208 28.13 44.64 -6.49
N GLY A 209 27.26 44.96 -5.53
CA GLY A 209 26.78 43.97 -4.55
C GLY A 209 26.23 42.71 -5.20
N LYS A 210 25.51 42.88 -6.33
CA LYS A 210 24.97 41.75 -7.09
C LYS A 210 26.09 40.91 -7.71
N ILE A 211 27.14 41.58 -8.18
CA ILE A 211 28.33 40.91 -8.73
C ILE A 211 29.06 40.11 -7.63
N ILE A 212 29.19 40.71 -6.45
CA ILE A 212 29.80 40.04 -5.28
C ILE A 212 29.06 38.76 -4.92
N MET A 213 27.74 38.86 -4.83
CA MET A 213 26.91 37.71 -4.46
C MET A 213 26.95 36.60 -5.52
N THR A 214 26.99 37.00 -6.78
CA THR A 214 27.13 36.06 -7.91
C THR A 214 28.43 35.26 -7.80
N ALA A 215 29.53 35.95 -7.53
CA ALA A 215 30.83 35.28 -7.36
C ALA A 215 30.83 34.36 -6.14
N ALA A 216 30.19 34.80 -5.05
CA ALA A 216 30.10 34.02 -3.83
C ALA A 216 29.31 32.73 -4.00
N ALA A 217 28.27 32.79 -4.83
CA ALA A 217 27.42 31.63 -5.16
C ALA A 217 28.20 30.45 -5.72
N LYS A 218 29.28 30.75 -6.46
CA LYS A 218 30.12 29.72 -7.08
C LYS A 218 30.82 28.82 -6.05
N HIS A 219 31.06 29.36 -4.86
CA HIS A 219 31.70 28.62 -3.76
C HIS A 219 30.78 28.45 -2.59
N LEU A 220 29.51 28.80 -2.78
CA LEU A 220 28.50 28.81 -1.72
C LEU A 220 28.99 29.58 -0.49
N THR A 221 29.53 30.77 -0.76
CA THR A 221 30.10 31.61 0.28
C THR A 221 29.02 32.55 0.82
N PRO A 222 28.76 32.49 2.14
CA PRO A 222 27.78 33.42 2.70
C PRO A 222 28.27 34.86 2.63
N VAL A 223 27.35 35.79 2.41
CA VAL A 223 27.71 37.19 2.23
C VAL A 223 27.03 38.11 3.24
N THR A 224 27.77 39.14 3.65
CA THR A 224 27.20 40.28 4.31
C THR A 224 27.40 41.44 3.35
N LEU A 225 26.29 41.98 2.86
CA LEU A 225 26.34 43.09 1.91
C LEU A 225 25.84 44.35 2.58
N GLU A 226 26.72 45.33 2.66
CA GLU A 226 26.41 46.62 3.28
C GLU A 226 26.32 47.64 2.15
N LEU A 227 25.10 47.89 1.71
CA LEU A 227 24.89 48.60 0.46
C LEU A 227 24.29 49.98 0.69
N GLY A 228 23.77 50.58 -0.39
CA GLY A 228 23.30 51.96 -0.33
C GLY A 228 21.82 52.17 -0.52
N GLY A 229 21.48 53.35 -1.00
CA GLY A 229 20.09 53.79 -1.15
C GLY A 229 19.95 55.22 -0.68
N LYS A 230 18.71 55.69 -0.58
CA LYS A 230 18.45 57.06 -0.16
C LYS A 230 17.75 57.07 1.20
N SER A 231 18.48 57.43 2.25
CA SER A 231 17.92 57.48 3.60
C SER A 231 17.00 58.69 3.77
N PRO A 232 15.69 58.45 3.91
CA PRO A 232 14.74 59.54 4.04
C PRO A 232 14.79 60.17 5.44
N CYS A 233 14.55 61.47 5.50
CA CYS A 233 14.47 62.17 6.76
C CYS A 233 13.17 62.95 6.84
N TYR A 234 12.20 62.39 7.55
CA TYR A 234 10.90 63.02 7.72
C TYR A 234 10.90 63.98 8.91
N VAL A 235 10.52 65.22 8.66
CA VAL A 235 10.45 66.23 9.72
C VAL A 235 8.98 66.59 9.97
N ASP A 236 8.52 66.34 11.18
CA ASP A 236 7.13 66.59 11.57
C ASP A 236 6.86 68.09 11.69
N LYS A 237 5.63 68.47 11.34
CA LYS A 237 5.21 69.87 11.26
C LYS A 237 5.28 70.64 12.58
N ASN A 238 5.17 69.93 13.70
CA ASN A 238 5.12 70.57 15.02
C ASN A 238 6.24 70.14 15.97
N CYS A 239 7.48 70.28 15.51
CA CYS A 239 8.65 69.90 16.31
C CYS A 239 9.67 71.04 16.41
N ASP A 240 10.55 70.96 17.40
CA ASP A 240 11.61 71.94 17.59
C ASP A 240 12.59 71.91 16.42
N LEU A 241 12.45 72.89 15.51
CA LEU A 241 13.23 72.93 14.28
C LEU A 241 14.67 73.43 14.48
N ASP A 242 14.92 74.10 15.60
CA ASP A 242 16.27 74.53 15.98
C ASP A 242 17.15 73.31 16.19
N VAL A 243 16.68 72.41 17.07
CA VAL A 243 17.38 71.18 17.41
C VAL A 243 17.46 70.24 16.20
N ALA A 244 16.33 70.06 15.53
CA ALA A 244 16.20 69.14 14.40
C ALA A 244 17.19 69.44 13.27
N CYS A 245 17.15 70.67 12.76
CA CYS A 245 17.98 71.06 11.62
C CYS A 245 19.49 71.09 11.94
N ARG A 246 19.83 71.38 13.20
CA ARG A 246 21.22 71.33 13.66
C ARG A 246 21.75 69.90 13.59
N ARG A 247 20.93 68.95 14.05
CA ARG A 247 21.29 67.54 14.01
C ARG A 247 21.32 67.01 12.58
N ILE A 248 20.34 67.40 11.78
CA ILE A 248 20.27 66.99 10.37
C ILE A 248 21.43 67.53 9.54
N ALA A 249 21.74 68.83 9.71
CA ALA A 249 22.86 69.45 8.99
C ALA A 249 24.18 68.78 9.35
N TRP A 250 24.32 68.40 10.61
CA TRP A 250 25.51 67.71 11.10
C TRP A 250 25.72 66.39 10.39
N GLY A 251 24.66 65.57 10.35
CA GLY A 251 24.70 64.27 9.69
C GLY A 251 24.81 64.34 8.18
N LYS A 252 24.04 65.25 7.57
CA LYS A 252 24.01 65.38 6.12
C LYS A 252 25.34 65.87 5.53
N PHE A 253 26.00 66.79 6.24
CA PHE A 253 27.14 67.51 5.65
C PHE A 253 28.53 67.08 6.10
N MET A 254 28.61 66.27 7.16
CA MET A 254 29.89 65.68 7.56
C MET A 254 30.45 64.82 6.41
N ASN A 255 31.78 64.79 6.31
CA ASN A 255 32.46 64.07 5.23
C ASN A 255 32.00 64.52 3.84
N SER A 256 31.60 65.79 3.75
CA SER A 256 31.04 66.38 2.53
C SER A 256 29.87 65.55 1.98
N GLY A 257 28.99 65.10 2.88
CA GLY A 257 27.80 64.34 2.50
C GLY A 257 28.05 62.90 2.10
N GLN A 258 29.29 62.44 2.24
CA GLN A 258 29.68 61.12 1.78
C GLN A 258 29.56 60.10 2.92
N THR A 259 28.33 59.91 3.38
CA THR A 259 28.02 58.95 4.43
C THR A 259 26.82 58.12 4.00
N CYS A 260 26.95 56.81 4.12
CA CYS A 260 25.89 55.87 3.74
C CYS A 260 24.61 56.05 4.55
N VAL A 261 24.76 56.45 5.82
CA VAL A 261 23.61 56.70 6.67
C VAL A 261 23.29 58.19 6.82
N ALA A 262 23.85 59.02 5.95
CA ALA A 262 23.50 60.44 5.92
C ALA A 262 22.02 60.60 5.60
N PRO A 263 21.35 61.57 6.24
CA PRO A 263 19.98 61.90 5.80
C PRO A 263 20.02 62.41 4.36
N ASP A 264 19.70 61.53 3.42
CA ASP A 264 19.81 61.84 1.99
C ASP A 264 18.91 63.00 1.59
N TYR A 265 17.63 62.90 1.94
CA TYR A 265 16.66 63.93 1.61
C TYR A 265 15.66 64.16 2.74
N ILE A 266 15.02 65.32 2.73
CA ILE A 266 14.04 65.69 3.74
C ILE A 266 12.61 65.57 3.18
N LEU A 267 11.71 65.04 4.02
CA LEU A 267 10.28 65.03 3.73
C LEU A 267 9.58 65.89 4.77
N CYS A 268 8.90 66.94 4.31
CA CYS A 268 8.23 67.88 5.20
C CYS A 268 7.02 68.56 4.56
N ASP A 269 6.14 69.07 5.40
CA ASP A 269 5.01 69.90 4.97
C ASP A 269 5.52 71.17 4.30
N PRO A 270 4.86 71.61 3.20
CA PRO A 270 5.22 72.86 2.51
C PRO A 270 5.26 74.09 3.43
N SER A 271 4.54 74.02 4.55
CA SER A 271 4.45 75.13 5.50
C SER A 271 5.71 75.35 6.33
N ILE A 272 6.57 74.33 6.40
CA ILE A 272 7.81 74.41 7.19
C ILE A 272 9.09 74.39 6.35
N GLN A 273 8.94 74.30 5.03
CA GLN A 273 10.08 74.22 4.12
C GLN A 273 11.02 75.44 4.22
N ASN A 274 10.44 76.64 4.22
CA ASN A 274 11.22 77.87 4.35
C ASN A 274 11.92 77.98 5.71
N GLN A 275 11.23 77.56 6.77
CA GLN A 275 11.79 77.52 8.12
C GLN A 275 12.95 76.54 8.24
N ILE A 276 12.81 75.39 7.57
CA ILE A 276 13.86 74.37 7.55
C ILE A 276 15.10 74.88 6.82
N VAL A 277 14.90 75.53 5.67
CA VAL A 277 15.99 76.15 4.92
C VAL A 277 16.79 77.13 5.78
N GLU A 278 16.07 78.00 6.50
CA GLU A 278 16.70 79.01 7.36
C GLU A 278 17.46 78.43 8.55
N LYS A 279 16.98 77.34 9.12
CA LYS A 279 17.66 76.73 10.23
C LYS A 279 18.83 75.87 9.85
N LEU A 280 18.74 75.20 8.72
CA LEU A 280 19.87 74.48 8.20
C LEU A 280 20.93 75.50 7.93
N LYS A 281 20.50 76.63 7.42
CA LYS A 281 21.38 77.72 7.10
C LYS A 281 22.15 78.19 8.32
N LYS A 282 21.47 78.38 9.42
CA LYS A 282 22.05 78.89 10.61
C LYS A 282 23.05 77.90 11.16
N SER A 283 22.72 76.65 11.09
CA SER A 283 23.58 75.58 11.61
C SER A 283 24.85 75.42 10.78
N LEU A 284 24.71 75.51 9.45
CA LEU A 284 25.85 75.39 8.54
C LEU A 284 26.86 76.52 8.71
N LYS A 285 26.35 77.73 9.00
CA LYS A 285 27.21 78.88 9.29
C LYS A 285 27.93 78.73 10.62
N GLU A 286 27.23 78.21 11.60
CA GLU A 286 27.82 77.86 12.85
C GLU A 286 28.94 76.84 12.68
N PHE A 287 28.69 75.80 11.92
CA PHE A 287 29.63 74.70 11.74
C PHE A 287 30.87 75.12 10.93
N TYR A 288 30.64 75.74 9.78
CA TYR A 288 31.70 75.96 8.79
C TYR A 288 31.94 77.43 8.41
N GLY A 289 31.29 78.35 9.11
CA GLY A 289 31.42 79.78 8.81
C GLY A 289 30.54 80.22 7.65
N GLU A 290 30.66 81.49 7.27
CA GLU A 290 29.92 82.04 6.13
C GLU A 290 30.34 81.38 4.83
N ASP A 291 31.64 81.13 4.69
CA ASP A 291 32.19 80.41 3.55
C ASP A 291 32.80 79.09 4.04
N ALA A 292 32.20 77.99 3.60
CA ALA A 292 32.60 76.64 4.02
C ALA A 292 33.92 76.20 3.41
N LYS A 293 34.34 76.85 2.32
CA LYS A 293 35.59 76.53 1.63
C LYS A 293 36.82 76.84 2.50
N LYS A 294 36.61 77.59 3.55
CA LYS A 294 37.66 78.04 4.43
C LYS A 294 37.65 77.31 5.77
N SER A 295 36.76 76.38 5.90
CA SER A 295 36.66 75.58 7.12
C SER A 295 37.55 74.34 7.03
N ARG A 296 38.42 74.16 8.02
CA ARG A 296 39.27 72.96 8.10
C ARG A 296 38.45 71.72 8.45
N ASP A 297 37.20 71.95 8.87
CA ASP A 297 36.29 70.87 9.28
C ASP A 297 35.40 70.37 8.15
N TYR A 298 35.43 71.05 7.01
CA TYR A 298 34.61 70.68 5.86
C TYR A 298 35.42 69.84 4.87
N GLY A 299 34.82 68.76 4.39
CA GLY A 299 35.50 67.79 3.53
C GLY A 299 35.47 68.10 2.04
N ARG A 300 36.05 67.21 1.25
CA ARG A 300 36.07 67.31 -0.20
C ARG A 300 35.56 66.01 -0.83
N ILE A 301 35.15 66.09 -2.10
CA ILE A 301 34.69 64.92 -2.84
C ILE A 301 35.88 64.03 -3.20
N ILE A 302 35.67 62.71 -3.08
CA ILE A 302 36.73 61.71 -3.26
C ILE A 302 37.44 61.77 -4.61
N SER A 303 36.68 61.95 -5.69
CA SER A 303 37.22 61.90 -7.04
C SER A 303 36.52 62.86 -7.99
N ALA A 304 37.16 63.11 -9.13
CA ALA A 304 36.62 63.99 -10.17
C ALA A 304 35.34 63.41 -10.76
N ARG A 305 35.33 62.11 -10.93
CA ARG A 305 34.17 61.43 -11.39
C ARG A 305 32.98 61.69 -10.52
N HIS A 306 33.17 61.68 -9.21
CA HIS A 306 32.08 61.90 -8.31
C HIS A 306 31.77 63.34 -8.16
N PHE A 307 32.75 64.18 -8.31
CA PHE A 307 32.52 65.60 -8.28
C PHE A 307 31.57 66.00 -9.40
N GLN A 308 31.81 65.49 -10.58
CA GLN A 308 30.98 65.80 -11.71
C GLN A 308 29.58 65.30 -11.47
N ARG A 309 29.47 64.10 -10.93
CA ARG A 309 28.17 63.50 -10.67
C ARG A 309 27.32 64.30 -9.77
N VAL A 310 27.86 64.71 -8.65
CA VAL A 310 27.12 65.48 -7.64
C VAL A 310 26.74 66.87 -8.17
N MET A 311 27.65 67.48 -8.93
CA MET A 311 27.38 68.78 -9.56
C MET A 311 26.26 68.68 -10.58
N GLY A 312 26.24 67.58 -11.33
CA GLY A 312 25.19 67.31 -12.32
C GLY A 312 23.79 67.21 -11.73
N LEU A 313 23.71 66.80 -10.47
CA LEU A 313 22.43 66.68 -9.75
C LEU A 313 21.87 68.04 -9.32
N ILE A 314 22.71 69.08 -9.35
CA ILE A 314 22.27 70.43 -9.01
C ILE A 314 21.60 71.12 -10.22
N GLU A 315 21.99 70.70 -11.42
CA GLU A 315 21.44 71.25 -12.67
C GLU A 315 19.92 71.20 -12.73
N GLY A 316 19.31 72.29 -13.18
CA GLY A 316 17.86 72.40 -13.34
C GLY A 316 17.06 72.39 -12.05
N GLN A 317 17.73 72.68 -10.94
CA GLN A 317 17.10 72.69 -9.62
C GLN A 317 17.08 74.09 -9.02
N LYS A 318 16.14 74.33 -8.12
CA LYS A 318 16.04 75.60 -7.41
C LYS A 318 16.99 75.61 -6.22
N VAL A 319 18.07 76.37 -6.34
CA VAL A 319 19.11 76.43 -5.31
C VAL A 319 18.77 77.50 -4.26
N ALA A 320 18.43 77.04 -3.06
CA ALA A 320 18.13 77.94 -1.94
C ALA A 320 19.39 78.35 -1.17
N TYR A 321 20.43 77.52 -1.27
CA TYR A 321 21.69 77.77 -0.57
C TYR A 321 22.82 77.02 -1.29
N GLY A 322 23.99 77.66 -1.36
CA GLY A 322 25.17 77.06 -2.00
C GLY A 322 25.04 76.93 -3.51
N GLY A 323 25.38 75.77 -4.03
CA GLY A 323 25.22 75.47 -5.46
C GLY A 323 26.47 75.53 -6.31
N THR A 324 27.54 76.12 -5.76
CA THR A 324 28.80 76.28 -6.50
C THR A 324 29.86 75.29 -6.09
N GLY A 325 30.75 74.95 -7.02
CA GLY A 325 31.82 73.99 -6.77
C GLY A 325 33.11 74.26 -7.51
N ASP A 326 34.22 73.80 -6.94
CA ASP A 326 35.54 73.95 -7.53
C ASP A 326 36.08 72.60 -7.98
N ALA A 327 36.28 72.45 -9.29
CA ALA A 327 36.75 71.20 -9.88
C ALA A 327 38.20 70.85 -9.48
N ALA A 328 39.03 71.89 -9.33
CA ALA A 328 40.44 71.71 -9.02
C ALA A 328 40.67 71.10 -7.63
N THR A 329 39.85 71.49 -6.67
CA THR A 329 39.99 71.01 -5.28
C THR A 329 38.88 70.02 -4.90
N ARG A 330 37.93 69.83 -5.80
CA ARG A 330 36.76 68.96 -5.59
C ARG A 330 35.89 69.41 -4.41
N TYR A 331 35.75 70.72 -4.28
CA TYR A 331 34.91 71.33 -3.27
C TYR A 331 33.51 71.56 -3.83
N ILE A 332 32.49 71.21 -3.03
CA ILE A 332 31.11 71.52 -3.35
C ILE A 332 30.48 72.18 -2.12
N ALA A 333 30.03 73.42 -2.29
CA ALA A 333 29.40 74.19 -1.22
C ALA A 333 28.16 73.48 -0.68
N PRO A 334 27.93 73.59 0.65
CA PRO A 334 26.72 73.00 1.23
C PRO A 334 25.49 73.53 0.50
N THR A 335 24.82 72.65 -0.24
CA THR A 335 23.72 73.04 -1.11
C THR A 335 22.38 72.54 -0.58
N ILE A 336 21.39 73.43 -0.54
CA ILE A 336 20.03 73.09 -0.16
C ILE A 336 19.08 73.38 -1.32
N LEU A 337 18.34 72.36 -1.75
CA LEU A 337 17.38 72.50 -2.84
C LEU A 337 15.95 72.46 -2.32
N THR A 338 15.09 73.27 -2.91
CA THR A 338 13.70 73.39 -2.48
C THR A 338 12.69 72.94 -3.54
N ASP A 339 11.52 72.52 -3.08
CA ASP A 339 10.42 72.04 -3.95
C ASP A 339 10.91 71.08 -5.02
N VAL A 340 11.65 70.07 -4.60
CA VAL A 340 12.32 69.14 -5.50
C VAL A 340 11.33 68.12 -6.07
N ASP A 341 11.32 68.01 -7.39
CA ASP A 341 10.49 67.03 -8.09
C ASP A 341 11.08 65.63 -7.87
N PRO A 342 10.28 64.70 -7.28
CA PRO A 342 10.74 63.34 -6.97
C PRO A 342 11.30 62.58 -8.18
N GLN A 343 10.90 62.96 -9.39
CA GLN A 343 11.35 62.29 -10.60
C GLN A 343 12.63 62.87 -11.19
N SER A 344 13.11 63.98 -10.63
CA SER A 344 14.34 64.63 -11.09
C SER A 344 15.59 63.87 -10.62
N PRO A 345 16.71 63.96 -11.38
CA PRO A 345 17.93 63.18 -11.12
C PRO A 345 18.42 63.13 -9.66
N VAL A 346 18.29 64.24 -8.94
CA VAL A 346 18.76 64.33 -7.56
C VAL A 346 17.92 63.48 -6.58
N MET A 347 16.73 63.08 -7.03
CA MET A 347 15.86 62.22 -6.24
C MET A 347 15.68 60.83 -6.84
N GLN A 348 16.56 60.50 -7.79
CA GLN A 348 16.51 59.21 -8.46
C GLN A 348 17.78 58.38 -8.27
N GLU A 349 18.72 58.93 -7.51
CA GLU A 349 19.95 58.23 -7.16
C GLU A 349 20.45 58.70 -5.79
N GLU A 350 21.25 57.85 -5.15
CA GLU A 350 21.94 58.21 -3.92
C GLU A 350 22.88 59.37 -4.20
N ILE A 351 22.67 60.48 -3.50
CA ILE A 351 23.42 61.71 -3.74
C ILE A 351 24.88 61.54 -3.34
N PHE A 352 25.12 61.14 -2.09
CA PHE A 352 26.46 60.94 -1.57
C PHE A 352 27.30 62.20 -1.78
N GLY A 353 26.73 63.33 -1.38
CA GLY A 353 27.34 64.64 -1.56
C GLY A 353 26.62 65.68 -0.71
N PRO A 354 27.17 66.90 -0.65
CA PRO A 354 26.61 67.94 0.20
C PRO A 354 25.48 68.70 -0.50
N VAL A 355 24.52 67.95 -1.05
CA VAL A 355 23.35 68.52 -1.71
C VAL A 355 22.11 67.92 -1.05
N LEU A 356 21.39 68.75 -0.31
CA LEU A 356 20.22 68.29 0.43
C LEU A 356 18.93 68.77 -0.24
N PRO A 357 18.23 67.86 -0.93
CA PRO A 357 16.95 68.22 -1.52
C PRO A 357 15.81 68.12 -0.51
N ILE A 358 14.86 69.05 -0.62
CA ILE A 358 13.68 69.03 0.23
C ILE A 358 12.46 68.71 -0.64
N VAL A 359 11.79 67.62 -0.28
CA VAL A 359 10.60 67.16 -0.99
C VAL A 359 9.36 67.37 -0.12
N CYS A 360 8.34 68.01 -0.68
CA CYS A 360 7.14 68.35 0.07
C CYS A 360 6.07 67.25 0.05
N VAL A 361 5.64 66.86 1.24
CA VAL A 361 4.51 65.95 1.42
C VAL A 361 3.54 66.58 2.42
N ARG A 362 2.24 66.31 2.24
CA ARG A 362 1.21 67.01 2.99
C ARG A 362 0.69 66.27 4.23
N SER A 363 1.19 65.05 4.44
CA SER A 363 0.78 64.24 5.60
C SER A 363 1.81 63.15 5.93
N LEU A 364 1.69 62.57 7.11
CA LEU A 364 2.50 61.43 7.52
C LEU A 364 2.23 60.24 6.60
N GLU A 365 0.96 60.06 6.25
CA GLU A 365 0.51 58.98 5.37
C GLU A 365 1.16 59.05 3.99
N GLU A 366 1.24 60.26 3.44
CA GLU A 366 1.90 60.48 2.15
C GLU A 366 3.41 60.20 2.24
N ALA A 367 4.01 60.56 3.37
CA ALA A 367 5.43 60.30 3.63
C ALA A 367 5.73 58.81 3.67
N ILE A 368 4.88 58.06 4.39
CA ILE A 368 5.01 56.61 4.49
C ILE A 368 4.89 55.94 3.11
N GLN A 369 3.89 56.37 2.33
CA GLN A 369 3.70 55.88 0.97
C GLN A 369 4.92 56.20 0.09
N PHE A 370 5.43 57.42 0.21
CA PHE A 370 6.62 57.85 -0.51
C PHE A 370 7.82 56.93 -0.24
N ILE A 371 8.05 56.64 1.03
CA ILE A 371 9.16 55.77 1.44
C ILE A 371 8.93 54.34 0.96
N ASN A 372 7.69 53.85 1.09
CA ASN A 372 7.33 52.48 0.73
C ASN A 372 7.41 52.18 -0.76
N GLN A 373 7.17 53.18 -1.60
CA GLN A 373 7.19 53.01 -3.05
C GLN A 373 8.61 53.00 -3.64
N ARG A 374 9.59 53.33 -2.80
CA ARG A 374 10.99 53.30 -3.19
C ARG A 374 11.71 52.10 -2.55
N GLU A 375 12.96 51.87 -2.94
CA GLU A 375 13.75 50.76 -2.40
C GLU A 375 14.05 50.98 -0.91
N LYS A 376 14.14 49.89 -0.16
CA LYS A 376 14.33 49.96 1.29
C LYS A 376 15.68 50.59 1.64
N PRO A 377 15.65 51.70 2.38
CA PRO A 377 16.87 52.46 2.69
C PRO A 377 17.68 51.84 3.81
N LEU A 378 18.97 52.16 3.86
CA LEU A 378 19.86 51.68 4.91
C LEU A 378 19.45 52.26 6.27
N ALA A 379 19.08 53.53 6.27
CA ALA A 379 18.59 54.20 7.47
C ALA A 379 17.30 54.94 7.18
N LEU A 380 16.45 55.04 8.20
CA LEU A 380 15.28 55.89 8.14
C LEU A 380 15.32 56.86 9.31
N TYR A 381 15.09 58.13 9.03
CA TYR A 381 15.11 59.16 10.07
C TYR A 381 13.77 59.88 10.15
N MET A 382 13.32 60.10 11.39
CA MET A 382 12.13 60.89 11.66
C MET A 382 12.38 61.86 12.80
N PHE A 383 11.94 63.10 12.62
CA PHE A 383 12.05 64.12 13.66
C PHE A 383 10.65 64.55 14.06
N SER A 384 10.29 64.26 15.31
CA SER A 384 8.95 64.50 15.83
C SER A 384 8.92 64.49 17.35
N SER A 385 8.16 65.43 17.92
CA SER A 385 7.91 65.45 19.36
C SER A 385 6.84 64.42 19.73
N ASN A 386 6.09 63.99 18.72
CA ASN A 386 4.98 63.05 18.89
C ASN A 386 5.43 61.60 18.77
N ASP A 387 5.26 60.83 19.82
CA ASP A 387 5.73 59.46 19.78
C ASP A 387 4.91 58.52 18.92
N LYS A 388 3.64 58.84 18.72
CA LYS A 388 2.81 58.02 17.90
C LYS A 388 3.18 58.17 16.47
N VAL A 389 3.70 59.32 16.12
CA VAL A 389 4.19 59.53 14.82
C VAL A 389 5.40 58.67 14.61
N ILE A 390 6.29 58.63 15.60
CA ILE A 390 7.49 57.82 15.47
C ILE A 390 7.17 56.33 15.29
N LYS A 391 6.33 55.79 16.14
CA LYS A 391 6.02 54.41 16.11
C LYS A 391 5.22 53.98 14.91
N LYS A 392 4.36 54.85 14.43
CA LYS A 392 3.57 54.58 13.22
C LYS A 392 4.44 54.50 11.98
N MET A 393 5.38 55.42 11.83
CA MET A 393 6.29 55.41 10.68
C MET A 393 7.18 54.17 10.67
N ILE A 394 7.68 53.78 11.85
CA ILE A 394 8.50 52.58 11.98
C ILE A 394 7.71 51.33 11.60
N ALA A 395 6.51 51.18 12.19
CA ALA A 395 5.66 50.02 11.95
C ALA A 395 5.22 49.83 10.50
N GLU A 396 5.13 50.94 9.76
CA GLU A 396 4.60 50.91 8.39
C GLU A 396 5.66 51.02 7.28
N THR A 397 6.91 51.25 7.67
CA THR A 397 8.01 51.25 6.71
C THR A 397 8.98 50.11 7.00
N SER A 398 9.93 49.92 6.08
CA SER A 398 11.03 48.98 6.29
C SER A 398 12.33 49.66 5.90
N SER A 399 13.32 49.55 6.78
CA SER A 399 14.65 50.11 6.54
C SER A 399 15.67 49.28 7.31
N GLY A 400 16.93 49.42 6.94
CA GLY A 400 18.02 48.72 7.65
C GLY A 400 17.97 49.03 9.13
N GLY A 401 18.06 50.32 9.45
CA GLY A 401 17.96 50.78 10.84
C GLY A 401 17.16 52.07 10.94
N VAL A 402 16.81 52.44 12.17
CA VAL A 402 16.02 53.64 12.44
C VAL A 402 16.67 54.50 13.50
N ALA A 403 16.69 55.81 13.26
CA ALA A 403 16.98 56.78 14.32
C ALA A 403 15.91 57.87 14.32
N ALA A 404 15.34 58.09 15.49
CA ALA A 404 14.33 59.14 15.68
C ALA A 404 14.96 60.30 16.45
N ASN A 405 14.81 61.51 15.91
CA ASN A 405 15.29 62.75 16.54
C ASN A 405 16.81 62.91 16.61
N ASP A 406 17.51 62.09 15.83
CA ASP A 406 18.94 62.24 15.58
C ASP A 406 19.29 61.46 14.32
N VAL A 407 20.49 61.68 13.82
CA VAL A 407 20.98 60.96 12.64
C VAL A 407 22.35 60.33 12.95
N ILE A 408 22.72 59.33 12.15
CA ILE A 408 24.06 58.70 12.18
C ILE A 408 24.34 57.84 13.42
N VAL A 409 24.00 58.36 14.61
CA VAL A 409 24.43 57.78 15.88
C VAL A 409 23.98 56.34 16.17
N HIS A 410 22.92 55.88 15.52
CA HIS A 410 22.39 54.53 15.74
C HIS A 410 23.34 53.44 15.29
N ILE A 411 24.36 53.81 14.53
CA ILE A 411 25.36 52.85 14.03
C ILE A 411 26.64 52.86 14.86
N THR A 412 26.64 53.66 15.93
CA THR A 412 27.84 53.80 16.78
C THR A 412 27.70 53.01 18.09
N LEU A 413 26.59 52.29 18.23
CA LEU A 413 26.28 51.59 19.47
C LEU A 413 26.45 50.09 19.33
N HIS A 414 27.31 49.52 20.19
CA HIS A 414 27.62 48.08 20.18
C HIS A 414 26.42 47.19 20.21
N SER A 415 25.37 47.63 20.92
CA SER A 415 24.18 46.81 21.14
C SER A 415 23.17 46.84 19.99
N LEU A 416 23.43 47.66 18.97
CA LEU A 416 22.54 47.75 17.82
C LEU A 416 23.24 47.27 16.54
N PRO A 417 22.88 46.07 16.06
CA PRO A 417 23.44 45.55 14.80
C PRO A 417 23.25 46.52 13.64
N PHE A 418 24.28 46.68 12.83
CA PHE A 418 24.24 47.59 11.70
C PHE A 418 24.20 46.83 10.38
N GLY A 419 23.14 47.05 9.62
CA GLY A 419 22.99 46.43 8.31
C GLY A 419 21.79 46.96 7.57
N GLY A 420 21.65 46.55 6.32
CA GLY A 420 20.54 46.96 5.48
C GLY A 420 19.45 45.91 5.33
N VAL A 421 18.49 46.20 4.47
CA VAL A 421 17.44 45.26 4.10
C VAL A 421 17.08 45.55 2.64
N GLY A 422 16.72 44.51 1.89
CA GLY A 422 16.43 44.64 0.47
C GLY A 422 17.63 45.18 -0.28
N ASN A 423 17.41 46.25 -1.05
CA ASN A 423 18.49 46.88 -1.83
C ASN A 423 19.59 47.54 -1.00
N SER A 424 19.32 47.83 0.26
CA SER A 424 20.35 48.39 1.15
C SER A 424 21.27 47.32 1.76
N GLY A 425 20.93 46.04 1.52
CA GLY A 425 21.83 44.95 1.87
C GLY A 425 21.22 43.79 2.65
N MET A 426 22.08 42.84 3.02
CA MET A 426 21.68 41.65 3.78
C MET A 426 22.76 41.33 4.82
N GLY A 427 22.32 40.79 5.96
CA GLY A 427 23.22 40.52 7.08
C GLY A 427 23.52 41.79 7.84
N SER A 428 24.30 41.65 8.91
CA SER A 428 24.65 42.80 9.76
C SER A 428 25.87 42.49 10.61
N TYR A 429 26.47 43.55 11.15
CA TYR A 429 27.62 43.41 12.06
C TYR A 429 27.69 44.54 13.09
N HIS A 430 28.82 44.62 13.80
CA HIS A 430 29.04 45.50 14.97
C HIS A 430 28.82 44.74 16.24
N GLY A 431 29.77 44.85 17.16
CA GLY A 431 29.67 44.20 18.48
C GLY A 431 29.48 42.70 18.40
N LYS A 432 28.62 42.17 19.27
CA LYS A 432 28.33 40.74 19.29
C LYS A 432 27.91 40.19 17.92
N LYS A 433 27.19 41.02 17.17
CA LYS A 433 26.72 40.62 15.84
C LYS A 433 27.90 40.32 14.89
N SER A 434 28.99 41.05 15.02
CA SER A 434 30.21 40.79 14.23
C SER A 434 30.77 39.41 14.56
N PHE A 435 30.83 39.07 15.84
CA PHE A 435 31.28 37.75 16.27
C PHE A 435 30.40 36.66 15.67
N GLU A 436 29.08 36.83 15.80
CA GLU A 436 28.11 35.87 15.26
C GLU A 436 28.22 35.74 13.73
N THR A 437 28.24 36.88 13.04
CA THR A 437 28.31 36.92 11.57
C THR A 437 29.56 36.24 11.00
N PHE A 438 30.69 36.38 11.69
CA PHE A 438 31.94 35.77 11.22
C PHE A 438 32.24 34.42 11.89
N SER A 439 31.22 33.86 12.54
CA SER A 439 31.31 32.55 13.14
C SER A 439 30.27 31.63 12.54
N HIS A 440 30.49 30.32 12.65
CA HIS A 440 29.40 29.39 12.46
C HIS A 440 28.88 28.98 13.82
N ARG A 441 27.57 29.16 14.02
CA ARG A 441 26.91 28.78 15.26
C ARG A 441 26.38 27.36 15.12
N ARG A 442 27.03 26.44 15.83
CA ARG A 442 26.88 25.01 15.62
C ARG A 442 26.06 24.39 16.75
N SER A 443 24.87 23.89 16.43
CA SER A 443 24.02 23.23 17.41
C SER A 443 24.60 21.88 17.81
N CYS A 444 24.65 21.63 19.11
CA CYS A 444 25.27 20.42 19.65
C CYS A 444 24.36 19.71 20.64
N LEU A 445 24.24 18.39 20.45
CA LEU A 445 23.55 17.53 21.38
C LEU A 445 24.50 16.44 21.84
N VAL A 446 24.82 16.44 23.14
CA VAL A 446 25.69 15.42 23.71
C VAL A 446 24.87 14.56 24.67
N ARG A 447 24.78 13.28 24.34
CA ARG A 447 23.99 12.33 25.13
C ARG A 447 24.89 11.31 25.82
N PRO A 448 24.42 10.74 26.94
CA PRO A 448 25.13 9.60 27.52
C PRO A 448 24.93 8.37 26.64
N LEU A 449 25.98 7.57 26.48
CA LEU A 449 25.87 6.30 25.76
C LEU A 449 25.49 5.19 26.75
N MET A 450 24.29 5.32 27.31
CA MET A 450 23.73 4.35 28.24
C MET A 450 22.33 3.98 27.79
N ASN A 451 21.98 2.70 27.95
CA ASN A 451 20.66 2.20 27.57
C ASN A 451 19.55 3.05 28.20
N ASP A 452 18.78 3.71 27.34
CA ASP A 452 17.63 4.49 27.77
C ASP A 452 16.36 3.87 27.21
N GLU A 453 15.46 3.49 28.13
CA GLU A 453 14.21 2.84 27.77
C GLU A 453 13.20 3.81 27.15
N GLY A 454 13.40 5.10 27.44
CA GLY A 454 12.55 6.17 26.89
C GLY A 454 12.72 6.38 25.40
N LEU A 455 13.86 5.95 24.87
CA LEU A 455 14.14 6.07 23.44
C LEU A 455 13.56 4.91 22.62
N LYS A 456 13.17 3.83 23.30
CA LYS A 456 12.68 2.62 22.65
C LYS A 456 11.49 2.83 21.70
N VAL A 457 10.67 3.82 22.01
CA VAL A 457 9.47 4.11 21.23
C VAL A 457 9.76 4.43 19.76
N ARG A 458 10.94 4.99 19.50
CA ARG A 458 11.31 5.44 18.15
C ARG A 458 11.73 4.31 17.21
N TYR A 459 12.20 3.19 17.77
CA TYR A 459 12.74 2.10 16.97
C TYR A 459 11.63 1.25 16.34
N PRO A 460 11.84 0.80 15.10
CA PRO A 460 10.96 -0.22 14.50
C PRO A 460 11.11 -1.55 15.24
N PRO A 461 10.09 -2.43 15.17
CA PRO A 461 8.82 -2.27 14.47
C PRO A 461 7.85 -1.33 15.17
N SER A 462 7.03 -0.62 14.40
CA SER A 462 6.01 0.27 14.93
C SER A 462 4.88 -0.54 15.59
N PRO A 463 4.18 0.06 16.58
CA PRO A 463 3.10 -0.65 17.27
C PRO A 463 1.94 -1.02 16.35
N SER B 18 2.17 34.98 -17.26
CA SER B 18 2.14 33.55 -16.86
C SER B 18 1.39 33.33 -15.55
N LYS B 19 1.02 32.09 -15.27
CA LYS B 19 0.39 31.72 -14.00
C LYS B 19 1.33 31.90 -12.81
N ILE B 20 2.63 31.69 -13.06
CA ILE B 20 3.65 31.91 -12.04
C ILE B 20 3.74 33.40 -11.66
N SER B 21 3.87 34.26 -12.67
CA SER B 21 3.95 35.70 -12.47
C SER B 21 2.72 36.27 -11.74
N GLU B 22 1.54 35.80 -12.11
CA GLU B 22 0.30 36.25 -11.49
C GLU B 22 0.19 35.83 -10.02
N ALA B 23 0.63 34.62 -9.71
CA ALA B 23 0.59 34.10 -8.34
C ALA B 23 1.53 34.87 -7.40
N VAL B 24 2.71 35.24 -7.90
CA VAL B 24 3.67 36.02 -7.14
C VAL B 24 3.15 37.45 -6.96
N LYS B 25 2.54 37.98 -8.02
CA LYS B 25 1.94 39.32 -8.03
C LYS B 25 0.81 39.44 -7.00
N ARG B 26 -0.09 38.45 -6.98
CA ARG B 26 -1.20 38.42 -6.03
C ARG B 26 -0.71 38.28 -4.59
N ALA B 27 0.39 37.56 -4.41
CA ALA B 27 0.99 37.38 -3.08
C ALA B 27 1.59 38.67 -2.56
N ARG B 28 2.29 39.41 -3.41
CA ARG B 28 2.88 40.70 -3.04
C ARG B 28 1.79 41.74 -2.76
N ALA B 29 0.74 41.73 -3.59
CA ALA B 29 -0.39 42.63 -3.42
C ALA B 29 -1.09 42.39 -2.09
N ALA B 30 -1.29 41.12 -1.75
CA ALA B 30 -1.93 40.74 -0.50
C ALA B 30 -1.08 41.09 0.71
N PHE B 31 0.24 41.00 0.56
CA PHE B 31 1.15 41.44 1.63
C PHE B 31 1.14 42.97 1.78
N SER B 32 1.21 43.66 0.65
CA SER B 32 1.25 45.13 0.63
C SER B 32 -0.02 45.77 1.19
N SER B 33 -1.09 44.97 1.34
CA SER B 33 -2.33 45.43 1.96
C SER B 33 -2.21 45.55 3.48
N GLY B 34 -1.20 44.89 4.06
CA GLY B 34 -0.97 44.94 5.50
C GLY B 34 -1.70 43.86 6.28
N ARG B 35 -2.36 42.96 5.55
CA ARG B 35 -3.18 41.88 6.13
C ARG B 35 -2.44 41.01 7.15
N THR B 36 -1.17 40.73 6.89
CA THR B 36 -0.39 39.79 7.73
C THR B 36 0.19 40.41 8.99
N ARG B 37 0.18 41.75 9.07
CA ARG B 37 0.88 42.45 10.15
C ARG B 37 0.38 42.12 11.57
N PRO B 38 -0.95 42.16 11.80
CA PRO B 38 -1.43 41.83 13.16
C PRO B 38 -1.17 40.36 13.52
N LEU B 39 -0.81 40.12 14.77
CA LEU B 39 -0.46 38.77 15.23
C LEU B 39 -1.62 37.79 15.19
N GLN B 40 -2.84 38.28 15.45
CA GLN B 40 -4.05 37.46 15.40
C GLN B 40 -4.23 36.79 14.03
N PHE B 41 -3.97 37.55 12.96
CA PHE B 41 -4.07 37.01 11.60
C PHE B 41 -3.10 35.86 11.37
N ARG B 42 -1.85 36.04 11.81
CA ARG B 42 -0.82 35.02 11.69
C ARG B 42 -1.17 33.77 12.48
N ILE B 43 -1.64 33.96 13.72
CA ILE B 43 -2.07 32.87 14.59
C ILE B 43 -3.22 32.10 13.94
N GLN B 44 -4.15 32.83 13.33
CA GLN B 44 -5.28 32.22 12.62
C GLN B 44 -4.86 31.36 11.44
N GLN B 45 -3.80 31.77 10.74
CA GLN B 45 -3.24 30.96 9.65
C GLN B 45 -2.57 29.71 10.21
N LEU B 46 -1.88 29.84 11.34
CA LEU B 46 -1.22 28.70 11.98
C LEU B 46 -2.23 27.69 12.53
N GLU B 47 -3.32 28.20 13.10
CA GLU B 47 -4.43 27.35 13.56
C GLU B 47 -5.07 26.60 12.39
N ALA B 48 -5.12 27.26 11.23
CA ALA B 48 -5.63 26.64 10.01
C ALA B 48 -4.73 25.48 9.56
N LEU B 49 -3.43 25.61 9.78
CA LEU B 49 -2.49 24.53 9.51
C LEU B 49 -2.62 23.37 10.50
N GLN B 50 -2.92 23.70 11.76
CA GLN B 50 -3.24 22.69 12.78
C GLN B 50 -4.48 21.91 12.34
N ARG B 51 -5.45 22.63 11.80
CA ARG B 51 -6.69 22.06 11.31
C ARG B 51 -6.42 21.17 10.10
N LEU B 52 -5.58 21.66 9.17
CA LEU B 52 -5.18 20.91 7.99
C LEU B 52 -4.59 19.56 8.38
N ILE B 53 -3.64 19.56 9.31
CA ILE B 53 -2.96 18.35 9.75
C ILE B 53 -3.92 17.33 10.37
N GLN B 54 -4.82 17.80 11.24
CA GLN B 54 -5.81 16.94 11.88
C GLN B 54 -6.81 16.35 10.89
N GLU B 55 -7.36 17.19 10.02
CA GLU B 55 -8.42 16.78 9.10
C GLU B 55 -7.89 16.02 7.89
N GLN B 56 -6.61 16.21 7.56
CA GLN B 56 -6.03 15.57 6.38
C GLN B 56 -5.03 14.47 6.72
N GLU B 57 -5.06 14.00 7.97
CA GLU B 57 -4.10 12.99 8.42
C GLU B 57 -4.00 11.79 7.48
N GLN B 58 -5.15 11.20 7.15
CA GLN B 58 -5.20 10.01 6.29
C GLN B 58 -4.72 10.29 4.86
N GLU B 59 -5.01 11.48 4.36
CA GLU B 59 -4.57 11.91 3.03
C GLU B 59 -3.05 12.15 3.00
N LEU B 60 -2.52 12.72 4.09
CA LEU B 60 -1.08 12.92 4.24
C LEU B 60 -0.35 11.58 4.27
N VAL B 61 -0.90 10.62 5.02
CA VAL B 61 -0.37 9.26 5.08
C VAL B 61 -0.36 8.60 3.71
N GLY B 62 -1.50 8.68 3.01
CA GLY B 62 -1.63 8.11 1.66
C GLY B 62 -0.61 8.66 0.67
N ALA B 63 -0.34 9.95 0.75
CA ALA B 63 0.67 10.60 -0.09
C ALA B 63 2.07 10.07 0.21
N LEU B 64 2.43 10.05 1.49
CA LEU B 64 3.74 9.56 1.93
C LEU B 64 3.92 8.05 1.67
N ALA B 65 2.83 7.29 1.78
CA ALA B 65 2.86 5.86 1.45
C ALA B 65 3.12 5.65 -0.04
N ALA B 66 2.46 6.45 -0.87
CA ALA B 66 2.61 6.34 -2.32
C ALA B 66 3.96 6.86 -2.82
N ASP B 67 4.48 7.90 -2.15
CA ASP B 67 5.75 8.51 -2.55
C ASP B 67 6.96 7.72 -2.05
N LEU B 68 6.92 7.29 -0.79
CA LEU B 68 8.13 6.80 -0.12
C LEU B 68 7.97 5.47 0.63
N HIS B 69 6.77 4.87 0.53
CA HIS B 69 6.43 3.63 1.23
C HIS B 69 6.42 3.79 2.73
N LYS B 70 6.09 5.00 3.18
CA LYS B 70 5.90 5.28 4.60
C LYS B 70 4.59 4.66 5.08
N ASN B 71 4.49 4.37 6.37
CA ASN B 71 3.23 3.90 6.97
C ASN B 71 2.61 4.97 7.88
N GLU B 72 1.40 4.71 8.36
CA GLU B 72 0.68 5.68 9.20
C GLU B 72 1.42 6.11 10.48
N TRP B 73 2.29 5.24 10.99
CA TRP B 73 3.04 5.55 12.20
C TRP B 73 4.20 6.47 11.94
N ASN B 74 5.09 6.06 11.03
CA ASN B 74 6.29 6.85 10.73
C ASN B 74 6.03 8.08 9.85
N ALA B 75 4.90 8.07 9.14
CA ALA B 75 4.43 9.27 8.43
C ALA B 75 4.12 10.37 9.44
N TYR B 76 3.62 9.98 10.61
CA TYR B 76 3.29 10.92 11.67
C TYR B 76 4.48 11.19 12.60
N TYR B 77 5.05 10.12 13.17
CA TYR B 77 6.08 10.24 14.20
C TYR B 77 7.51 10.45 13.71
N GLU B 78 7.69 10.46 12.38
CA GLU B 78 8.99 10.79 11.79
C GLU B 78 8.91 11.98 10.84
N GLU B 79 7.77 12.66 10.83
CA GLU B 79 7.58 13.83 9.97
C GLU B 79 6.52 14.81 10.49
N VAL B 80 5.25 14.41 10.38
CA VAL B 80 4.10 15.29 10.62
C VAL B 80 4.04 15.90 12.03
N VAL B 81 4.30 15.08 13.05
CA VAL B 81 4.17 15.50 14.46
C VAL B 81 5.06 16.70 14.81
N TYR B 82 6.21 16.82 14.12
CA TYR B 82 7.16 17.88 14.39
C TYR B 82 6.72 19.21 13.77
N VAL B 83 5.92 19.14 12.72
CA VAL B 83 5.29 20.34 12.15
C VAL B 83 4.24 20.85 13.13
N LEU B 84 3.47 19.92 13.71
CA LEU B 84 2.45 20.25 14.71
CA LEU B 84 2.46 20.24 14.72
C LEU B 84 3.08 20.89 15.95
N GLU B 85 4.17 20.28 16.43
CA GLU B 85 4.89 20.79 17.60
C GLU B 85 5.44 22.19 17.33
N GLU B 86 5.99 22.39 16.13
CA GLU B 86 6.48 23.70 15.68
C GLU B 86 5.36 24.75 15.68
N ILE B 87 4.19 24.37 15.17
CA ILE B 87 3.02 25.26 15.14
C ILE B 87 2.56 25.64 16.56
N GLU B 88 2.41 24.63 17.42
CA GLU B 88 2.02 24.84 18.81
C GLU B 88 3.02 25.76 19.54
N TYR B 89 4.30 25.53 19.29
CA TYR B 89 5.39 26.29 19.91
C TYR B 89 5.37 27.77 19.47
N MET B 90 5.19 27.99 18.17
CA MET B 90 5.19 29.35 17.62
C MET B 90 3.95 30.17 18.00
N ILE B 91 2.78 29.52 18.01
CA ILE B 91 1.55 30.18 18.44
C ILE B 91 1.72 30.75 19.86
N GLN B 92 2.29 29.93 20.74
CA GLN B 92 2.53 30.32 22.13
C GLN B 92 3.56 31.45 22.28
N LYS B 93 4.63 31.38 21.48
CA LYS B 93 5.77 32.30 21.65
C LYS B 93 5.71 33.56 20.79
N LEU B 94 4.78 33.60 19.85
CA LEU B 94 4.71 34.72 18.88
C LEU B 94 4.61 36.11 19.53
N PRO B 95 3.72 36.30 20.53
CA PRO B 95 3.70 37.59 21.24
C PRO B 95 5.07 37.98 21.80
N GLU B 96 5.77 37.04 22.45
CA GLU B 96 7.11 37.27 22.97
C GLU B 96 8.09 37.68 21.88
N TRP B 97 8.09 36.92 20.78
CA TRP B 97 9.06 37.11 19.70
C TRP B 97 8.89 38.38 18.93
N ALA B 98 7.63 38.75 18.67
CA ALA B 98 7.29 39.91 17.85
C ALA B 98 7.47 41.24 18.58
N ALA B 99 7.48 41.21 19.91
CA ALA B 99 7.62 42.43 20.71
C ALA B 99 8.98 43.08 20.48
N ASP B 100 9.01 44.41 20.44
CA ASP B 100 10.26 45.17 20.36
C ASP B 100 11.22 44.70 21.46
N GLU B 101 12.47 44.44 21.06
CA GLU B 101 13.47 43.88 21.98
C GLU B 101 14.41 44.94 22.53
N PRO B 102 14.26 45.31 23.81
CA PRO B 102 15.17 46.28 24.40
C PRO B 102 16.60 45.74 24.50
N VAL B 103 17.58 46.59 24.21
CA VAL B 103 18.99 46.20 24.29
C VAL B 103 19.75 47.05 25.31
N GLU B 104 21.00 46.69 25.55
CA GLU B 104 21.83 47.37 26.55
C GLU B 104 22.20 48.79 26.13
N LYS B 105 22.03 49.72 27.05
CA LYS B 105 22.37 51.14 26.83
C LYS B 105 23.86 51.41 27.00
N THR B 106 24.25 52.64 26.68
CA THR B 106 25.61 53.15 26.93
C THR B 106 25.50 54.45 27.75
N PRO B 107 26.62 54.89 28.38
CA PRO B 107 26.63 56.09 29.23
C PRO B 107 26.04 57.37 28.60
N GLN B 108 26.18 57.52 27.28
CA GLN B 108 25.64 58.70 26.59
C GLN B 108 24.16 58.52 26.21
N THR B 109 23.72 57.27 26.09
CA THR B 109 22.35 56.97 25.65
C THR B 109 21.39 56.69 26.82
N GLN B 110 21.54 57.45 27.90
CA GLN B 110 20.71 57.30 29.10
C GLN B 110 19.24 57.65 28.85
N GLN B 111 18.99 58.75 28.15
CA GLN B 111 17.63 59.24 27.93
C GLN B 111 16.98 58.68 26.66
N ASP B 112 17.72 57.83 25.95
CA ASP B 112 17.28 57.26 24.68
C ASP B 112 16.52 55.94 24.85
N GLU B 113 15.77 55.58 23.81
CA GLU B 113 15.23 54.23 23.69
C GLU B 113 16.03 53.49 22.63
N LEU B 114 16.62 52.34 23.00
CA LEU B 114 17.31 51.50 22.03
C LEU B 114 16.67 50.12 22.02
N TYR B 115 16.23 49.68 20.85
CA TYR B 115 15.58 48.38 20.72
C TYR B 115 15.70 47.76 19.33
N ILE B 116 15.41 46.47 19.24
CA ILE B 116 15.37 45.77 17.96
C ILE B 116 13.91 45.49 17.59
N HIS B 117 13.51 46.02 16.43
CA HIS B 117 12.15 45.89 15.92
C HIS B 117 12.11 44.84 14.86
N SER B 118 11.20 43.86 15.03
CA SER B 118 11.05 42.79 14.07
C SER B 118 9.94 43.10 13.08
N GLU B 119 10.21 42.89 11.79
CA GLU B 119 9.24 43.11 10.73
C GLU B 119 9.39 42.06 9.64
N PRO B 120 8.28 41.70 8.97
CA PRO B 120 8.36 40.75 7.86
C PRO B 120 9.24 41.25 6.73
N LEU B 121 9.75 40.33 5.93
CA LEU B 121 10.58 40.67 4.78
C LEU B 121 9.73 40.98 3.56
N GLY B 122 8.60 40.30 3.44
CA GLY B 122 7.68 40.51 2.32
C GLY B 122 7.12 39.20 1.78
N VAL B 123 7.55 38.84 0.56
CA VAL B 123 7.16 37.58 -0.05
C VAL B 123 8.33 36.61 0.05
N VAL B 124 8.11 35.50 0.76
CA VAL B 124 9.14 34.47 0.94
C VAL B 124 8.86 33.31 0.00
N LEU B 125 9.91 32.79 -0.63
CA LEU B 125 9.79 31.58 -1.43
C LEU B 125 10.40 30.40 -0.69
N VAL B 126 9.61 29.33 -0.56
CA VAL B 126 10.09 28.09 0.03
C VAL B 126 10.12 27.01 -1.05
N ILE B 127 11.33 26.53 -1.35
CA ILE B 127 11.50 25.42 -2.28
C ILE B 127 11.75 24.16 -1.47
N GLY B 128 10.80 23.23 -1.55
CA GLY B 128 10.87 21.99 -0.78
C GLY B 128 11.59 20.89 -1.52
N THR B 129 11.95 19.84 -0.79
CA THR B 129 12.56 18.65 -1.38
C THR B 129 11.66 17.43 -1.15
N TRP B 130 12.09 16.27 -1.66
CA TRP B 130 11.20 15.10 -1.76
C TRP B 130 11.26 14.10 -0.62
N ASN B 131 12.34 14.09 0.16
CA ASN B 131 12.55 13.03 1.15
C ASN B 131 11.66 13.13 2.38
N TYR B 132 11.41 14.35 2.83
CA TYR B 132 10.39 14.63 3.84
C TYR B 132 9.53 15.76 3.28
N PRO B 133 8.66 15.42 2.31
CA PRO B 133 8.03 16.42 1.44
C PRO B 133 6.94 17.26 2.11
N PHE B 134 6.48 16.84 3.29
CA PHE B 134 5.55 17.67 4.06
C PHE B 134 6.32 18.56 5.03
N ASN B 135 7.20 17.95 5.83
CA ASN B 135 7.99 18.68 6.80
C ASN B 135 8.84 19.78 6.18
N LEU B 136 9.50 19.46 5.07
CA LEU B 136 10.46 20.38 4.46
C LEU B 136 9.82 21.37 3.48
N THR B 137 8.49 21.37 3.44
CA THR B 137 7.72 22.41 2.76
C THR B 137 7.00 23.26 3.79
N ILE B 138 6.43 22.60 4.81
CA ILE B 138 5.52 23.25 5.73
C ILE B 138 6.19 23.80 6.99
N GLN B 139 7.20 23.10 7.51
CA GLN B 139 7.93 23.63 8.69
C GLN B 139 8.58 25.00 8.40
N PRO B 140 9.30 25.14 7.27
CA PRO B 140 9.79 26.47 6.90
C PRO B 140 8.66 27.48 6.69
N MET B 141 7.55 27.02 6.11
CA MET B 141 6.40 27.88 5.87
C MET B 141 5.83 28.42 7.18
N VAL B 142 5.73 27.56 8.20
CA VAL B 142 5.22 27.94 9.52
C VAL B 142 5.99 29.12 10.11
N GLY B 143 7.32 29.05 10.02
CA GLY B 143 8.19 30.11 10.47
C GLY B 143 7.98 31.40 9.70
N ALA B 144 7.88 31.29 8.38
CA ALA B 144 7.67 32.44 7.50
C ALA B 144 6.30 33.08 7.70
N ILE B 145 5.30 32.26 8.02
CA ILE B 145 3.95 32.75 8.33
C ILE B 145 3.96 33.51 9.66
N ALA B 146 4.58 32.90 10.67
CA ALA B 146 4.68 33.52 12.00
C ALA B 146 5.37 34.87 11.96
N ALA B 147 6.32 35.03 11.03
CA ALA B 147 7.06 36.28 10.87
C ALA B 147 6.30 37.30 10.02
N GLY B 148 5.11 36.93 9.56
CA GLY B 148 4.20 37.86 8.88
C GLY B 148 4.43 38.02 7.39
N ASN B 149 5.03 37.01 6.77
CA ASN B 149 5.29 37.05 5.34
C ASN B 149 4.19 36.40 4.52
N ALA B 150 4.08 36.83 3.27
CA ALA B 150 3.42 36.03 2.25
C ALA B 150 4.40 34.91 1.90
N VAL B 151 3.90 33.72 1.59
CA VAL B 151 4.77 32.56 1.36
C VAL B 151 4.37 31.78 0.10
N VAL B 152 5.25 31.77 -0.88
CA VAL B 152 5.05 30.97 -2.08
C VAL B 152 5.74 29.62 -1.86
N LEU B 153 4.97 28.54 -2.04
CA LEU B 153 5.49 27.20 -1.86
CA LEU B 153 5.48 27.18 -1.86
C LEU B 153 5.78 26.52 -3.20
N LYS B 154 6.99 26.01 -3.34
CA LYS B 154 7.38 25.24 -4.52
C LYS B 154 7.81 23.85 -4.06
N PRO B 155 6.84 22.90 -4.03
CA PRO B 155 7.12 21.53 -3.60
C PRO B 155 7.94 20.79 -4.64
N SER B 156 8.69 19.78 -4.19
CA SER B 156 9.45 18.92 -5.09
C SER B 156 8.52 18.17 -6.03
N GLU B 157 8.92 18.08 -7.30
CA GLU B 157 8.17 17.32 -8.29
C GLU B 157 8.41 15.80 -8.16
N LEU B 158 9.49 15.43 -7.48
CA LEU B 158 9.85 14.01 -7.32
C LEU B 158 8.91 13.24 -6.41
N SER B 159 8.51 13.85 -5.31
CA SER B 159 7.42 13.32 -4.48
C SER B 159 6.10 13.81 -5.06
N GLU B 160 5.66 13.11 -6.11
CA GLU B 160 4.52 13.52 -6.94
C GLU B 160 3.20 13.61 -6.18
N ASN B 161 2.93 12.64 -5.32
CA ASN B 161 1.66 12.58 -4.60
C ASN B 161 1.50 13.67 -3.57
N MET B 162 2.57 13.95 -2.82
CA MET B 162 2.55 15.06 -1.86
C MET B 162 2.44 16.41 -2.56
N ALA B 163 3.12 16.56 -3.70
CA ALA B 163 3.07 17.81 -4.47
C ALA B 163 1.64 18.13 -4.92
N SER B 164 0.95 17.11 -5.42
CA SER B 164 -0.44 17.22 -5.87
C SER B 164 -1.38 17.51 -4.70
N LEU B 165 -1.21 16.77 -3.62
CA LEU B 165 -2.04 16.95 -2.42
C LEU B 165 -1.93 18.36 -1.84
N LEU B 166 -0.70 18.86 -1.70
CA LEU B 166 -0.46 20.18 -1.12
C LEU B 166 -1.07 21.29 -1.98
N ALA B 167 -1.02 21.13 -3.30
CA ALA B 167 -1.66 22.06 -4.23
C ALA B 167 -3.17 22.12 -4.03
N THR B 168 -3.75 21.02 -3.53
CA THR B 168 -5.19 20.94 -3.27
C THR B 168 -5.54 21.42 -1.85
N ILE B 169 -4.84 20.92 -0.84
CA ILE B 169 -5.25 21.18 0.55
C ILE B 169 -4.82 22.52 1.15
N ILE B 170 -3.67 23.06 0.73
CA ILE B 170 -3.19 24.35 1.22
C ILE B 170 -4.22 25.49 1.02
N PRO B 171 -4.72 25.69 -0.23
CA PRO B 171 -5.74 26.73 -0.43
C PRO B 171 -7.08 26.46 0.28
N GLN B 172 -7.29 25.22 0.70
CA GLN B 172 -8.51 24.86 1.42
C GLN B 172 -8.48 25.27 2.89
N TYR B 173 -7.29 25.66 3.37
CA TYR B 173 -7.10 26.05 4.76
C TYR B 173 -6.45 27.42 4.92
N LEU B 174 -5.45 27.70 4.10
CA LEU B 174 -4.71 28.97 4.19
C LEU B 174 -5.21 30.01 3.19
N ASP B 175 -4.95 31.28 3.51
CA ASP B 175 -5.26 32.40 2.62
C ASP B 175 -4.74 32.12 1.21
N LYS B 176 -5.63 32.24 0.22
CA LYS B 176 -5.35 31.83 -1.14
C LYS B 176 -4.36 32.74 -1.89
N ASP B 177 -4.39 34.02 -1.58
CA ASP B 177 -3.50 34.98 -2.25
C ASP B 177 -2.12 35.02 -1.60
N LEU B 178 -2.08 34.95 -0.28
CA LEU B 178 -0.83 35.09 0.46
C LEU B 178 0.07 33.86 0.39
N TYR B 179 -0.54 32.68 0.27
CA TYR B 179 0.20 31.44 0.40
C TYR B 179 -0.05 30.45 -0.76
N PRO B 180 0.35 30.85 -2.00
CA PRO B 180 0.08 29.99 -3.15
C PRO B 180 1.02 28.80 -3.23
N VAL B 181 0.56 27.73 -3.88
CA VAL B 181 1.41 26.58 -4.19
C VAL B 181 1.70 26.57 -5.69
N ILE B 182 2.98 26.51 -6.04
CA ILE B 182 3.41 26.44 -7.43
C ILE B 182 4.12 25.11 -7.66
N ASN B 183 3.53 24.26 -8.48
CA ASN B 183 4.17 23.00 -8.86
C ASN B 183 4.86 23.11 -10.21
N GLY B 184 5.89 22.29 -10.40
CA GLY B 184 6.63 22.27 -11.66
C GLY B 184 8.00 21.64 -11.56
N GLY B 185 8.63 21.46 -12.72
CA GLY B 185 9.97 20.91 -12.79
C GLY B 185 11.03 21.99 -12.90
N VAL B 186 12.14 21.64 -13.55
CA VAL B 186 13.26 22.58 -13.74
C VAL B 186 12.84 23.85 -14.50
N PRO B 187 12.15 23.71 -15.66
CA PRO B 187 11.76 24.92 -16.40
C PRO B 187 10.85 25.86 -15.59
N GLU B 188 9.91 25.30 -14.85
CA GLU B 188 9.00 26.10 -14.03
C GLU B 188 9.71 26.79 -12.87
N THR B 189 10.69 26.10 -12.27
CA THR B 189 11.48 26.66 -11.17
C THR B 189 12.38 27.79 -11.67
N THR B 190 12.97 27.60 -12.85
CA THR B 190 13.79 28.61 -13.51
C THR B 190 12.99 29.90 -13.73
N GLU B 191 11.76 29.77 -14.21
CA GLU B 191 10.89 30.93 -14.40
C GLU B 191 10.49 31.57 -13.07
N LEU B 192 10.15 30.74 -12.09
CA LEU B 192 9.82 31.21 -10.74
C LEU B 192 10.98 31.99 -10.11
N LEU B 193 12.20 31.55 -10.39
CA LEU B 193 13.40 32.20 -9.84
C LEU B 193 13.72 33.55 -10.48
N LYS B 194 12.98 33.92 -11.53
CA LYS B 194 13.09 35.24 -12.14
C LYS B 194 12.22 36.28 -11.41
N GLU B 195 11.23 35.80 -10.68
CA GLU B 195 10.35 36.65 -9.87
C GLU B 195 11.13 37.23 -8.69
N ARG B 196 10.72 38.40 -8.21
CA ARG B 196 11.39 39.05 -7.10
C ARG B 196 10.82 38.64 -5.75
N PHE B 197 11.65 38.00 -4.93
CA PHE B 197 11.28 37.62 -3.58
C PHE B 197 12.12 38.39 -2.58
N ASP B 198 11.65 38.43 -1.33
CA ASP B 198 12.35 39.12 -0.26
C ASP B 198 13.20 38.16 0.57
N HIS B 199 12.97 36.86 0.38
CA HIS B 199 13.78 35.80 0.97
C HIS B 199 13.47 34.51 0.28
N ILE B 200 14.49 33.67 0.12
CA ILE B 200 14.30 32.32 -0.39
C ILE B 200 14.91 31.31 0.57
N LEU B 201 14.10 30.36 1.02
CA LEU B 201 14.62 29.19 1.71
C LEU B 201 14.58 28.01 0.75
N TYR B 202 15.75 27.46 0.48
CA TYR B 202 15.89 26.34 -0.44
C TYR B 202 16.44 25.14 0.30
N THR B 203 15.74 24.02 0.16
CA THR B 203 16.22 22.74 0.67
C THR B 203 16.46 21.82 -0.51
N GLY B 204 17.70 21.37 -0.67
CA GLY B 204 18.06 20.51 -1.78
C GLY B 204 19.55 20.26 -1.89
N SER B 205 20.02 20.06 -3.12
CA SER B 205 21.40 19.68 -3.36
C SER B 205 22.36 20.86 -3.36
N THR B 206 23.61 20.57 -3.02
CA THR B 206 24.69 21.55 -3.04
C THR B 206 24.80 22.26 -4.40
N GLY B 207 24.76 21.48 -5.47
CA GLY B 207 24.86 22.01 -6.83
C GLY B 207 23.76 22.98 -7.22
N VAL B 208 22.50 22.61 -6.96
CA VAL B 208 21.36 23.45 -7.29
C VAL B 208 21.26 24.66 -6.35
N GLY B 209 21.81 24.51 -5.15
CA GLY B 209 21.93 25.62 -4.20
C GLY B 209 22.67 26.80 -4.80
N LYS B 210 23.70 26.51 -5.59
CA LYS B 210 24.48 27.54 -6.28
C LYS B 210 23.63 28.27 -7.32
N ILE B 211 22.77 27.51 -8.00
CA ILE B 211 21.85 28.06 -8.99
C ILE B 211 20.82 29.00 -8.34
N ILE B 212 20.24 28.56 -7.23
CA ILE B 212 19.29 29.40 -6.48
C ILE B 212 19.94 30.70 -5.99
N MET B 213 21.15 30.60 -5.45
CA MET B 213 21.87 31.77 -4.96
C MET B 213 22.22 32.74 -6.09
N THR B 214 22.59 32.19 -7.24
CA THR B 214 22.87 32.97 -8.45
C THR B 214 21.63 33.76 -8.90
N ALA B 215 20.47 33.09 -8.87
CA ALA B 215 19.21 33.74 -9.21
C ALA B 215 18.85 34.83 -8.20
N ALA B 216 19.04 34.53 -6.91
CA ALA B 216 18.74 35.46 -5.83
C ALA B 216 19.61 36.73 -5.90
N ALA B 217 20.83 36.58 -6.37
CA ALA B 217 21.77 37.70 -6.51
C ALA B 217 21.21 38.81 -7.39
N LYS B 218 20.46 38.42 -8.44
CA LYS B 218 19.88 39.37 -9.39
C LYS B 218 18.88 40.33 -8.74
N HIS B 219 18.26 39.92 -7.65
CA HIS B 219 17.32 40.76 -6.90
C HIS B 219 17.82 41.11 -5.53
N LEU B 220 19.07 40.77 -5.24
CA LEU B 220 19.67 40.93 -3.91
C LEU B 220 18.78 40.30 -2.83
N THR B 221 18.31 39.11 -3.12
CA THR B 221 17.43 38.38 -2.22
C THR B 221 18.28 37.52 -1.28
N PRO B 222 18.12 37.69 0.04
CA PRO B 222 18.82 36.84 1.01
C PRO B 222 18.34 35.40 0.92
N VAL B 223 19.25 34.46 1.16
CA VAL B 223 18.97 33.04 1.00
C VAL B 223 19.28 32.23 2.25
N THR B 224 18.41 31.26 2.54
CA THR B 224 18.72 30.21 3.49
C THR B 224 18.83 28.93 2.67
N LEU B 225 20.01 28.34 2.65
CA LEU B 225 20.25 27.15 1.85
C LEU B 225 20.50 25.96 2.76
N GLU B 226 19.61 24.97 2.68
CA GLU B 226 19.72 23.78 3.48
C GLU B 226 20.14 22.65 2.54
N LEU B 227 21.43 22.35 2.54
CA LEU B 227 22.01 21.52 1.50
C LEU B 227 22.49 20.17 2.02
N GLY B 228 23.37 19.53 1.25
CA GLY B 228 23.77 18.17 1.56
C GLY B 228 25.23 17.97 1.88
N GLY B 229 25.67 16.71 1.75
CA GLY B 229 27.03 16.30 2.05
C GLY B 229 27.01 14.92 2.65
N LYS B 230 28.16 14.45 3.08
CA LYS B 230 28.26 13.13 3.71
C LYS B 230 28.51 13.31 5.20
N SER B 231 27.47 13.08 6.00
CA SER B 231 27.57 13.21 7.46
C SER B 231 28.36 12.04 8.05
N PRO B 232 29.56 12.31 8.59
CA PRO B 232 30.39 11.25 9.15
C PRO B 232 29.88 10.78 10.51
N CYS B 233 30.11 9.51 10.81
CA CYS B 233 29.77 8.95 12.10
C CYS B 233 30.98 8.20 12.66
N TYR B 234 31.72 8.87 13.55
CA TYR B 234 32.90 8.26 14.15
C TYR B 234 32.50 7.40 15.35
N VAL B 235 32.96 6.15 15.35
CA VAL B 235 32.71 5.24 16.46
C VAL B 235 34.03 4.93 17.18
N ASP B 236 34.12 5.36 18.45
CA ASP B 236 35.31 5.16 19.27
C ASP B 236 35.44 3.70 19.70
N LYS B 237 36.66 3.28 20.02
CA LYS B 237 36.96 1.91 20.43
C LYS B 237 36.31 1.49 21.75
N ASN B 238 36.47 2.31 22.79
CA ASN B 238 36.09 1.93 24.15
C ASN B 238 34.66 2.34 24.56
N CYS B 239 33.71 2.17 23.64
CA CYS B 239 32.32 2.53 23.90
C CYS B 239 31.38 1.33 23.70
N ASP B 240 30.19 1.41 24.28
CA ASP B 240 29.19 0.36 24.18
C ASP B 240 28.65 0.25 22.76
N LEU B 241 29.14 -0.73 22.03
CA LEU B 241 28.80 -0.89 20.61
C LEU B 241 27.37 -1.39 20.38
N ASP B 242 26.80 -2.08 21.35
CA ASP B 242 25.40 -2.53 21.27
C ASP B 242 24.45 -1.35 21.21
N VAL B 243 24.64 -0.42 22.16
CA VAL B 243 23.85 0.81 22.22
C VAL B 243 24.13 1.68 21.00
N ALA B 244 25.42 1.87 20.70
CA ALA B 244 25.86 2.71 19.57
C ALA B 244 25.26 2.28 18.23
N CYS B 245 25.45 1.02 17.87
CA CYS B 245 25.05 0.52 16.55
C CYS B 245 23.54 0.47 16.34
N ARG B 246 22.79 0.31 17.42
CA ARG B 246 21.33 0.36 17.38
C ARG B 246 20.86 1.77 17.02
N ARG B 247 21.49 2.77 17.64
CA ARG B 247 21.18 4.17 17.36
C ARG B 247 21.58 4.57 15.94
N ILE B 248 22.75 4.12 15.52
CA ILE B 248 23.25 4.37 14.15
C ILE B 248 22.35 3.74 13.09
N ALA B 249 22.01 2.46 13.28
CA ALA B 249 21.18 1.72 12.32
C ALA B 249 19.82 2.38 12.16
N TRP B 250 19.26 2.86 13.26
CA TRP B 250 18.00 3.59 13.26
C TRP B 250 18.06 4.85 12.41
N GLY B 251 19.11 5.62 12.60
CA GLY B 251 19.29 6.86 11.84
C GLY B 251 19.63 6.65 10.38
N LYS B 252 20.44 5.64 10.10
CA LYS B 252 20.89 5.37 8.74
C LYS B 252 19.79 4.79 7.84
N PHE B 253 18.96 3.94 8.42
CA PHE B 253 18.04 3.14 7.61
C PHE B 253 16.58 3.59 7.59
N MET B 254 16.24 4.58 8.41
CA MET B 254 14.93 5.23 8.32
C MET B 254 14.79 5.90 6.95
N ASN B 255 13.56 5.95 6.44
CA ASN B 255 13.28 6.52 5.12
C ASN B 255 14.15 5.91 4.02
N SER B 256 14.48 4.62 4.19
CA SER B 256 15.38 3.90 3.28
C SER B 256 16.70 4.64 3.00
N GLY B 257 17.25 5.24 4.06
CA GLY B 257 18.52 5.95 3.97
C GLY B 257 18.45 7.34 3.37
N GLN B 258 17.23 7.80 3.09
CA GLN B 258 17.04 9.08 2.40
C GLN B 258 16.80 10.21 3.40
N THR B 259 17.82 10.46 4.22
CA THR B 259 17.76 11.51 5.21
C THR B 259 19.04 12.33 5.13
N CYS B 260 18.86 13.65 5.05
CA CYS B 260 19.98 14.58 4.94
C CYS B 260 20.93 14.49 6.13
N VAL B 261 20.38 14.20 7.31
CA VAL B 261 21.18 14.08 8.53
C VAL B 261 21.45 12.62 8.93
N ALA B 262 21.24 11.69 7.99
CA ALA B 262 21.57 10.29 8.23
C ALA B 262 23.08 10.15 8.44
N PRO B 263 23.50 9.25 9.33
CA PRO B 263 24.93 8.94 9.39
C PRO B 263 25.34 8.26 8.08
N ASP B 264 25.96 9.03 7.19
CA ASP B 264 26.23 8.57 5.82
C ASP B 264 27.20 7.40 5.80
N TYR B 265 28.30 7.53 6.55
CA TYR B 265 29.32 6.50 6.65
C TYR B 265 29.90 6.43 8.05
N ILE B 266 30.53 5.29 8.36
CA ILE B 266 31.16 5.09 9.65
C ILE B 266 32.67 5.16 9.52
N LEU B 267 33.30 5.88 10.46
CA LEU B 267 34.75 5.87 10.63
C LEU B 267 35.03 5.16 11.95
N CYS B 268 35.89 4.13 11.91
CA CYS B 268 36.22 3.37 13.10
C CYS B 268 37.58 2.70 12.98
N ASP B 269 38.13 2.26 14.11
CA ASP B 269 39.34 1.45 14.11
C ASP B 269 39.06 0.08 13.48
N PRO B 270 40.00 -0.43 12.65
CA PRO B 270 39.84 -1.76 12.06
C PRO B 270 39.61 -2.88 13.08
N SER B 271 39.97 -2.65 14.33
CA SER B 271 39.81 -3.65 15.39
C SER B 271 38.36 -3.83 15.85
N ILE B 272 37.51 -2.85 15.60
CA ILE B 272 36.09 -2.93 16.00
C ILE B 272 35.13 -3.04 14.82
N GLN B 273 35.66 -3.13 13.61
CA GLN B 273 34.86 -3.18 12.39
C GLN B 273 33.88 -4.37 12.38
N ASN B 274 34.40 -5.57 12.62
CA ASN B 274 33.59 -6.79 12.63
C ASN B 274 32.48 -6.73 13.68
N GLN B 275 32.80 -6.23 14.87
CA GLN B 275 31.82 -6.05 15.94
C GLN B 275 30.71 -5.08 15.54
N ILE B 276 31.08 -3.99 14.87
CA ILE B 276 30.12 -3.01 14.35
C ILE B 276 29.18 -3.67 13.32
N VAL B 277 29.76 -4.42 12.38
CA VAL B 277 28.97 -5.14 11.37
C VAL B 277 27.94 -6.06 12.02
N GLU B 278 28.40 -6.87 12.98
CA GLU B 278 27.55 -7.83 13.66
C GLU B 278 26.40 -7.17 14.44
N LYS B 279 26.70 -6.06 15.11
CA LYS B 279 25.70 -5.36 15.92
C LYS B 279 24.73 -4.53 15.09
N LEU B 280 25.19 -4.03 13.94
CA LEU B 280 24.31 -3.38 12.97
C LEU B 280 23.33 -4.40 12.38
N LYS B 281 23.84 -5.59 12.06
CA LYS B 281 23.04 -6.70 11.55
C LYS B 281 21.97 -7.13 12.54
N LYS B 282 22.33 -7.23 13.82
CA LYS B 282 21.41 -7.60 14.88
C LYS B 282 20.29 -6.58 15.01
N SER B 283 20.66 -5.29 15.01
CA SER B 283 19.67 -4.21 15.10
C SER B 283 18.73 -4.17 13.90
N LEU B 284 19.28 -4.38 12.70
CA LEU B 284 18.48 -4.38 11.47
C LEU B 284 17.46 -5.52 11.46
N LYS B 285 17.87 -6.68 11.95
CA LYS B 285 16.97 -7.83 12.12
C LYS B 285 15.86 -7.55 13.12
N GLU B 286 16.21 -6.85 14.20
CA GLU B 286 15.21 -6.41 15.19
C GLU B 286 14.21 -5.44 14.57
N PHE B 287 14.72 -4.49 13.78
CA PHE B 287 13.89 -3.44 13.18
C PHE B 287 12.95 -3.95 12.10
N TYR B 288 13.50 -4.66 11.12
CA TYR B 288 12.77 -5.00 9.89
C TYR B 288 12.66 -6.50 9.61
N GLY B 289 13.18 -7.33 10.52
CA GLY B 289 13.18 -8.77 10.33
C GLY B 289 14.29 -9.25 9.42
N GLU B 290 14.24 -10.54 9.07
CA GLU B 290 15.23 -11.16 8.19
C GLU B 290 15.21 -10.55 6.79
N ASP B 291 13.99 -10.41 6.24
CA ASP B 291 13.78 -9.83 4.92
C ASP B 291 13.05 -8.49 5.08
N ALA B 292 13.80 -7.40 4.95
CA ALA B 292 13.27 -6.05 5.12
C ALA B 292 12.20 -5.68 4.09
N LYS B 293 12.18 -6.39 2.96
CA LYS B 293 11.17 -6.22 1.92
C LYS B 293 9.76 -6.50 2.42
N LYS B 294 9.67 -7.27 3.51
CA LYS B 294 8.39 -7.67 4.09
C LYS B 294 7.93 -6.72 5.19
N SER B 295 8.82 -5.85 5.65
CA SER B 295 8.52 -4.93 6.75
C SER B 295 7.70 -3.72 6.32
N ARG B 296 6.63 -3.44 7.06
CA ARG B 296 5.81 -2.25 6.83
C ARG B 296 6.56 -0.96 7.18
N ASP B 297 7.61 -1.10 7.98
CA ASP B 297 8.36 0.04 8.51
C ASP B 297 9.54 0.47 7.62
N TYR B 298 9.81 -0.32 6.58
CA TYR B 298 10.92 -0.06 5.68
C TYR B 298 10.45 0.64 4.42
N GLY B 299 11.16 1.71 4.04
CA GLY B 299 10.75 2.54 2.92
C GLY B 299 11.25 2.07 1.56
N ARG B 300 11.02 2.88 0.54
CA ARG B 300 11.48 2.59 -0.81
C ARG B 300 12.19 3.82 -1.36
N ILE B 301 13.04 3.59 -2.37
CA ILE B 301 13.72 4.68 -3.08
C ILE B 301 12.71 5.50 -3.89
N ILE B 302 12.90 6.81 -3.90
CA ILE B 302 11.95 7.76 -4.50
C ILE B 302 11.72 7.57 -6.01
N SER B 303 12.79 7.27 -6.74
CA SER B 303 12.74 7.28 -8.21
C SER B 303 13.64 6.20 -8.81
N ALA B 304 13.38 5.89 -10.08
CA ALA B 304 14.20 4.94 -10.85
C ALA B 304 15.64 5.42 -10.98
N ARG B 305 15.83 6.71 -11.26
CA ARG B 305 17.16 7.30 -11.35
C ARG B 305 17.95 7.09 -10.06
N HIS B 306 17.34 7.38 -8.92
CA HIS B 306 18.00 7.23 -7.63
C HIS B 306 18.20 5.80 -7.23
N PHE B 307 17.29 4.93 -7.67
CA PHE B 307 17.47 3.49 -7.46
C PHE B 307 18.75 3.00 -8.13
N GLN B 308 18.88 3.28 -9.43
CA GLN B 308 20.08 2.92 -10.20
C GLN B 308 21.35 3.53 -9.63
N ARG B 309 21.27 4.78 -9.20
CA ARG B 309 22.40 5.49 -8.60
C ARG B 309 22.93 4.76 -7.36
N VAL B 310 22.03 4.45 -6.42
CA VAL B 310 22.41 3.78 -5.17
C VAL B 310 22.89 2.34 -5.40
N MET B 311 22.22 1.62 -6.30
CA MET B 311 22.65 0.27 -6.68
C MET B 311 24.04 0.30 -7.31
N GLY B 312 24.30 1.34 -8.11
CA GLY B 312 25.62 1.54 -8.71
C GLY B 312 26.73 1.66 -7.69
N LEU B 313 26.43 2.31 -6.56
CA LEU B 313 27.39 2.50 -5.46
C LEU B 313 27.77 1.22 -4.73
N ILE B 314 26.94 0.17 -4.87
CA ILE B 314 27.21 -1.11 -4.23
C ILE B 314 28.24 -1.92 -5.02
N GLU B 315 28.20 -1.78 -6.35
CA GLU B 315 29.08 -2.54 -7.25
C GLU B 315 30.56 -2.37 -6.90
N GLY B 316 31.30 -3.47 -6.96
CA GLY B 316 32.74 -3.46 -6.72
C GLY B 316 33.13 -3.34 -5.24
N GLN B 317 32.15 -3.40 -4.35
CA GLN B 317 32.41 -3.29 -2.91
C GLN B 317 32.25 -4.63 -2.21
N LYS B 318 32.90 -4.77 -1.06
CA LYS B 318 32.78 -5.97 -0.24
C LYS B 318 31.52 -5.88 0.62
N VAL B 319 30.49 -6.62 0.21
CA VAL B 319 29.19 -6.62 0.89
C VAL B 319 29.20 -7.55 2.08
N ALA B 320 28.95 -7.00 3.27
CA ALA B 320 28.92 -7.78 4.50
C ALA B 320 27.49 -8.14 4.90
N TYR B 321 26.52 -7.47 4.27
CA TYR B 321 25.09 -7.66 4.54
C TYR B 321 24.28 -6.96 3.46
N GLY B 322 23.17 -7.58 3.05
CA GLY B 322 22.32 -7.02 2.01
C GLY B 322 22.98 -7.02 0.64
N GLY B 323 22.88 -5.90 -0.06
CA GLY B 323 23.54 -5.73 -1.36
C GLY B 323 22.67 -6.00 -2.57
N THR B 324 21.42 -6.39 -2.33
CA THR B 324 20.49 -6.68 -3.42
C THR B 324 19.35 -5.67 -3.48
N GLY B 325 18.71 -5.59 -4.64
CA GLY B 325 17.59 -4.68 -4.85
C GLY B 325 16.57 -5.20 -5.84
N ASP B 326 15.44 -4.50 -5.93
CA ASP B 326 14.37 -4.81 -6.88
C ASP B 326 13.94 -3.53 -7.58
N ALA B 327 14.22 -3.44 -8.88
CA ALA B 327 13.93 -2.24 -9.68
C ALA B 327 12.44 -1.91 -9.77
N ALA B 328 11.60 -2.93 -9.85
CA ALA B 328 10.15 -2.77 -10.00
C ALA B 328 9.52 -2.03 -8.83
N THR B 329 9.97 -2.33 -7.62
CA THR B 329 9.42 -1.72 -6.40
C THR B 329 10.37 -0.67 -5.81
N ARG B 330 11.52 -0.49 -6.46
CA ARG B 330 12.58 0.40 -5.99
C ARG B 330 13.02 0.07 -4.56
N TYR B 331 13.07 -1.23 -4.26
CA TYR B 331 13.52 -1.71 -2.96
C TYR B 331 15.01 -1.96 -3.00
N ILE B 332 15.71 -1.45 -1.99
CA ILE B 332 17.12 -1.79 -1.79
C ILE B 332 17.28 -2.31 -0.37
N ALA B 333 17.76 -3.55 -0.27
CA ALA B 333 17.98 -4.19 1.02
C ALA B 333 18.99 -3.40 1.84
N PRO B 334 18.79 -3.34 3.17
CA PRO B 334 19.76 -2.69 4.05
C PRO B 334 21.14 -3.28 3.82
N THR B 335 22.09 -2.43 3.45
CA THR B 335 23.39 -2.90 2.99
C THR B 335 24.52 -2.32 3.85
N ILE B 336 25.45 -3.19 4.25
CA ILE B 336 26.67 -2.79 4.95
C ILE B 336 27.87 -3.20 4.11
N LEU B 337 28.77 -2.24 3.88
CA LEU B 337 29.99 -2.47 3.12
C LEU B 337 31.20 -2.30 4.03
N THR B 338 32.17 -3.20 3.90
CA THR B 338 33.35 -3.20 4.76
C THR B 338 34.64 -2.84 4.02
N ASP B 339 35.61 -2.33 4.77
CA ASP B 339 36.94 -1.96 4.26
C ASP B 339 36.84 -1.08 3.01
N VAL B 340 35.96 -0.08 3.09
CA VAL B 340 35.64 0.75 1.94
C VAL B 340 36.76 1.74 1.63
N ASP B 341 37.21 1.73 0.38
CA ASP B 341 38.18 2.71 -0.11
C ASP B 341 37.51 4.08 -0.12
N PRO B 342 38.07 5.05 0.63
CA PRO B 342 37.53 6.41 0.68
C PRO B 342 37.49 7.11 -0.68
N GLN B 343 38.21 6.57 -1.66
CA GLN B 343 38.26 7.13 -3.00
C GLN B 343 37.28 6.45 -3.98
N SER B 344 36.59 5.41 -3.52
CA SER B 344 35.60 4.71 -4.35
C SER B 344 34.29 5.50 -4.46
N PRO B 345 33.43 5.18 -5.46
CA PRO B 345 32.20 5.95 -5.69
C PRO B 345 31.29 6.13 -4.46
N VAL B 346 31.09 5.08 -3.67
CA VAL B 346 30.22 5.15 -2.49
C VAL B 346 30.76 6.13 -1.42
N MET B 347 32.03 6.49 -1.53
CA MET B 347 32.62 7.45 -0.61
C MET B 347 32.96 8.81 -1.24
N GLN B 348 32.48 9.02 -2.46
CA GLN B 348 32.74 10.26 -3.20
C GLN B 348 31.47 11.06 -3.49
N GLU B 349 30.33 10.58 -2.99
CA GLU B 349 29.05 11.29 -3.12
C GLU B 349 28.13 10.94 -1.97
N GLU B 350 27.19 11.84 -1.67
CA GLU B 350 26.13 11.56 -0.70
C GLU B 350 25.35 10.34 -1.17
N ILE B 351 25.30 9.32 -0.33
CA ILE B 351 24.69 8.05 -0.68
C ILE B 351 23.16 8.18 -0.81
N PHE B 352 22.55 8.79 0.21
CA PHE B 352 21.10 8.99 0.27
C PHE B 352 20.34 7.70 -0.08
N GLY B 353 20.77 6.62 0.59
CA GLY B 353 20.19 5.30 0.39
C GLY B 353 20.66 4.37 1.49
N PRO B 354 20.10 3.14 1.53
CA PRO B 354 20.34 2.22 2.64
C PRO B 354 21.63 1.41 2.46
N VAL B 355 22.71 2.12 2.15
CA VAL B 355 24.02 1.51 1.99
C VAL B 355 24.97 2.21 2.95
N LEU B 356 25.49 1.46 3.91
CA LEU B 356 26.36 2.02 4.95
C LEU B 356 27.80 1.51 4.86
N PRO B 357 28.70 2.33 4.28
CA PRO B 357 30.10 1.94 4.17
C PRO B 357 30.85 2.15 5.49
N ILE B 358 31.77 1.24 5.79
CA ILE B 358 32.65 1.39 6.93
C ILE B 358 34.06 1.69 6.44
N VAL B 359 34.58 2.84 6.86
CA VAL B 359 35.90 3.30 6.47
C VAL B 359 36.81 3.24 7.69
N CYS B 360 37.98 2.65 7.52
CA CYS B 360 38.90 2.45 8.63
C CYS B 360 39.86 3.62 8.84
N VAL B 361 39.95 4.07 10.08
CA VAL B 361 40.96 5.04 10.52
C VAL B 361 41.67 4.48 11.75
N ARG B 362 42.92 4.84 11.92
CA ARG B 362 43.74 4.21 12.96
C ARG B 362 43.77 4.99 14.27
N SER B 363 43.19 6.19 14.27
CA SER B 363 43.13 7.04 15.46
C SER B 363 42.06 8.12 15.34
N LEU B 364 41.72 8.73 16.48
CA LEU B 364 40.84 9.90 16.49
C LEU B 364 41.43 11.01 15.62
N GLU B 365 42.75 11.18 15.71
CA GLU B 365 43.47 12.18 14.92
C GLU B 365 43.33 11.93 13.41
N GLU B 366 43.40 10.67 13.00
CA GLU B 366 43.18 10.30 11.60
C GLU B 366 41.74 10.57 11.17
N ALA B 367 40.79 10.32 12.07
CA ALA B 367 39.38 10.57 11.81
C ALA B 367 39.09 12.06 11.65
N ILE B 368 39.70 12.88 12.51
CA ILE B 368 39.58 14.34 12.43
C ILE B 368 40.13 14.86 11.10
N GLN B 369 41.31 14.38 10.72
CA GLN B 369 41.94 14.76 9.46
C GLN B 369 41.09 14.37 8.26
N PHE B 370 40.55 13.14 8.31
CA PHE B 370 39.67 12.63 7.27
C PHE B 370 38.47 13.55 7.03
N ILE B 371 37.75 13.87 8.11
CA ILE B 371 36.60 14.76 8.04
C ILE B 371 36.99 16.13 7.49
N ASN B 372 38.10 16.68 8.01
CA ASN B 372 38.58 18.02 7.61
C ASN B 372 39.02 18.14 6.15
N GLN B 373 39.48 17.04 5.55
CA GLN B 373 39.87 17.02 4.13
C GLN B 373 38.67 17.13 3.18
N ARG B 374 37.49 16.79 3.69
CA ARG B 374 36.28 16.79 2.89
C ARG B 374 35.45 18.05 3.13
N GLU B 375 34.39 18.23 2.35
CA GLU B 375 33.51 19.39 2.51
C GLU B 375 32.74 19.29 3.83
N LYS B 376 32.38 20.44 4.40
CA LYS B 376 31.73 20.48 5.70
C LYS B 376 30.34 19.86 5.65
N PRO B 377 30.12 18.79 6.43
CA PRO B 377 28.87 18.05 6.40
C PRO B 377 27.75 18.78 7.15
N LEU B 378 26.50 18.43 6.85
CA LEU B 378 25.35 19.00 7.54
C LEU B 378 25.32 18.57 9.01
N ALA B 379 25.65 17.31 9.25
CA ALA B 379 25.73 16.79 10.61
C ALA B 379 27.04 16.04 10.80
N LEU B 380 27.48 15.96 12.05
CA LEU B 380 28.64 15.17 12.40
C LEU B 380 28.31 14.37 13.65
N TYR B 381 28.58 13.08 13.60
CA TYR B 381 28.27 12.20 14.71
C TYR B 381 29.51 11.53 15.27
N MET B 382 29.49 11.32 16.58
CA MET B 382 30.55 10.62 17.27
C MET B 382 29.96 9.79 18.39
N PHE B 383 30.46 8.57 18.55
CA PHE B 383 30.04 7.70 19.63
C PHE B 383 31.27 7.34 20.48
N SER B 384 31.23 7.77 21.74
CA SER B 384 32.35 7.59 22.67
C SER B 384 31.91 7.77 24.11
N SER B 385 32.55 7.02 25.02
CA SER B 385 32.35 7.19 26.45
C SER B 385 33.33 8.21 27.02
N ASN B 386 34.28 8.63 26.18
CA ASN B 386 35.31 9.60 26.57
C ASN B 386 34.94 11.02 26.13
N ASP B 387 34.60 11.86 27.11
CA ASP B 387 34.21 13.25 26.85
C ASP B 387 35.30 14.06 26.15
N LYS B 388 36.57 13.74 26.43
CA LYS B 388 37.70 14.42 25.79
C LYS B 388 37.76 14.15 24.28
N VAL B 389 37.39 12.93 23.89
CA VAL B 389 37.31 12.56 22.48
C VAL B 389 36.18 13.33 21.80
N ILE B 390 35.04 13.41 22.49
CA ILE B 390 33.87 14.15 22.01
C ILE B 390 34.24 15.62 21.80
N LYS B 391 34.79 16.25 22.83
CA LYS B 391 35.11 17.66 22.80
C LYS B 391 36.23 18.00 21.81
N LYS B 392 37.18 17.09 21.63
CA LYS B 392 38.26 17.31 20.66
C LYS B 392 37.76 17.26 19.22
N MET B 393 36.92 16.27 18.90
CA MET B 393 36.37 16.17 17.55
C MET B 393 35.50 17.38 17.21
N ILE B 394 34.69 17.83 18.16
CA ILE B 394 33.87 19.03 17.96
C ILE B 394 34.78 20.25 17.70
N ALA B 395 35.73 20.48 18.60
CA ALA B 395 36.60 21.66 18.52
C ALA B 395 37.48 21.71 17.27
N GLU B 396 37.82 20.54 16.74
CA GLU B 396 38.75 20.46 15.61
C GLU B 396 38.11 20.21 14.25
N THR B 397 36.79 20.04 14.23
CA THR B 397 36.05 19.91 12.97
C THR B 397 35.01 21.01 12.82
N SER B 398 34.41 21.08 11.63
CA SER B 398 33.29 21.97 11.38
C SER B 398 32.17 21.21 10.67
N SER B 399 30.94 21.42 11.14
CA SER B 399 29.76 20.83 10.52
C SER B 399 28.56 21.70 10.88
N GLY B 400 27.45 21.51 10.18
CA GLY B 400 26.24 22.28 10.45
C GLY B 400 25.79 22.09 11.88
N GLY B 401 25.59 20.83 12.27
CA GLY B 401 25.23 20.48 13.64
C GLY B 401 25.99 19.25 14.08
N VAL B 402 25.88 18.94 15.38
CA VAL B 402 26.60 17.82 15.97
C VAL B 402 25.73 17.07 16.97
N ALA B 403 25.77 15.74 16.91
CA ALA B 403 25.23 14.91 17.98
C ALA B 403 26.28 13.91 18.43
N ALA B 404 26.42 13.79 19.75
CA ALA B 404 27.33 12.81 20.35
C ALA B 404 26.50 11.74 21.04
N ASN B 405 26.77 10.49 20.67
CA ASN B 405 26.08 9.31 21.21
C ASN B 405 24.62 9.18 20.77
N ASP B 406 24.29 9.79 19.63
CA ASP B 406 23.00 9.60 18.97
C ASP B 406 23.06 10.20 17.57
N VAL B 407 22.02 9.92 16.78
CA VAL B 407 21.88 10.49 15.45
C VAL B 407 20.50 11.13 15.30
N ILE B 408 20.36 12.01 14.32
CA ILE B 408 19.07 12.62 13.93
C ILE B 408 18.47 13.61 14.95
N VAL B 409 18.41 13.19 16.22
CA VAL B 409 17.62 13.90 17.26
C VAL B 409 17.86 15.42 17.39
N HIS B 410 19.08 15.87 17.11
CA HIS B 410 19.43 17.29 17.26
C HIS B 410 18.61 18.22 16.39
N ILE B 411 18.00 17.68 15.33
CA ILE B 411 17.15 18.46 14.42
C ILE B 411 15.69 18.56 14.90
N THR B 412 15.37 17.87 15.99
CA THR B 412 13.99 17.80 16.48
C THR B 412 13.72 18.71 17.68
N LEU B 413 14.75 19.44 18.10
CA LEU B 413 14.69 20.25 19.31
C LEU B 413 14.54 21.73 19.02
N HIS B 414 13.52 22.35 19.62
CA HIS B 414 13.19 23.76 19.41
C HIS B 414 14.32 24.72 19.71
N SER B 415 15.16 24.37 20.68
CA SER B 415 16.23 25.27 21.14
C SER B 415 17.53 25.16 20.35
N LEU B 416 17.57 24.24 19.38
CA LEU B 416 18.78 24.05 18.55
C LEU B 416 18.49 24.39 17.09
N PRO B 417 18.96 25.57 16.63
CA PRO B 417 18.82 25.95 15.21
C PRO B 417 19.38 24.89 14.26
N PHE B 418 18.67 24.67 13.16
CA PHE B 418 19.06 23.66 12.19
C PHE B 418 19.53 24.28 10.89
N GLY B 419 20.74 23.93 10.48
CA GLY B 419 21.30 24.41 9.23
C GLY B 419 22.71 23.92 8.99
N GLY B 420 23.22 24.18 7.79
CA GLY B 420 24.55 23.73 7.42
C GLY B 420 25.62 24.80 7.51
N VAL B 421 26.79 24.47 6.97
CA VAL B 421 27.91 25.40 6.88
C VAL B 421 28.74 24.99 5.66
N GLY B 422 29.26 25.98 4.93
CA GLY B 422 29.97 25.71 3.67
C GLY B 422 29.05 25.00 2.71
N ASN B 423 29.53 23.89 2.14
CA ASN B 423 28.76 23.12 1.16
C ASN B 423 27.44 22.53 1.67
N SER B 424 27.32 22.38 2.99
CA SER B 424 26.05 21.91 3.58
C SER B 424 25.02 23.03 3.74
N GLY B 425 25.43 24.27 3.47
CA GLY B 425 24.50 25.38 3.39
C GLY B 425 24.83 26.61 4.20
N MET B 426 23.91 27.57 4.18
CA MET B 426 24.05 28.82 4.92
C MET B 426 22.72 29.22 5.52
N GLY B 427 22.77 29.85 6.68
CA GLY B 427 21.57 30.22 7.42
C GLY B 427 21.02 29.04 8.21
N SER B 428 19.93 29.27 8.91
CA SER B 428 19.32 28.23 9.74
C SER B 428 17.89 28.59 10.10
N TYR B 429 17.15 27.59 10.57
CA TYR B 429 15.78 27.81 11.07
C TYR B 429 15.39 26.78 12.14
N HIS B 430 14.08 26.71 12.43
CA HIS B 430 13.51 25.96 13.56
C HIS B 430 13.35 26.84 14.77
N GLY B 431 12.16 26.80 15.36
CA GLY B 431 11.87 27.56 16.57
C GLY B 431 12.01 29.05 16.40
N LYS B 432 12.64 29.70 17.38
CA LYS B 432 12.85 31.15 17.36
C LYS B 432 13.68 31.57 16.15
N LYS B 433 14.62 30.72 15.74
CA LYS B 433 15.49 30.99 14.60
C LYS B 433 14.70 31.18 13.30
N SER B 434 13.61 30.44 13.14
CA SER B 434 12.72 30.61 12.00
C SER B 434 12.13 32.00 11.95
N PHE B 435 11.59 32.46 13.07
CA PHE B 435 11.04 33.81 13.18
C PHE B 435 12.08 34.86 12.81
N GLU B 436 13.29 34.73 13.36
CA GLU B 436 14.39 35.65 13.09
C GLU B 436 14.83 35.61 11.62
N THR B 437 14.95 34.40 11.07
CA THR B 437 15.39 34.21 9.68
C THR B 437 14.42 34.83 8.67
N PHE B 438 13.12 34.74 8.96
CA PHE B 438 12.10 35.27 8.06
C PHE B 438 11.62 36.68 8.43
N SER B 439 12.33 37.31 9.36
CA SER B 439 12.10 38.70 9.72
C SER B 439 13.33 39.54 9.36
N HIS B 440 13.12 40.84 9.19
CA HIS B 440 14.24 41.77 9.28
C HIS B 440 14.31 42.32 10.67
N ARG B 441 15.47 42.18 11.29
CA ARG B 441 15.69 42.70 12.64
C ARG B 441 16.29 44.09 12.55
N ARG B 442 15.48 45.07 12.92
CA ARG B 442 15.71 46.48 12.61
C ARG B 442 16.16 47.23 13.86
N SER B 443 17.41 47.69 13.86
CA SER B 443 17.97 48.44 14.99
C SER B 443 17.34 49.83 15.07
N CYS B 444 16.77 50.16 16.23
CA CYS B 444 16.06 51.43 16.41
C CYS B 444 16.60 52.26 17.56
N LEU B 445 16.90 53.52 17.28
CA LEU B 445 17.30 54.47 18.29
C LEU B 445 16.32 55.65 18.33
N VAL B 446 15.65 55.82 19.46
CA VAL B 446 14.69 56.90 19.63
C VAL B 446 15.19 57.87 20.69
N ARG B 447 15.53 59.09 20.26
CA ARG B 447 16.05 60.12 21.17
C ARG B 447 14.97 61.16 21.49
N PRO B 448 15.10 61.83 22.65
CA PRO B 448 14.26 63.00 22.90
C PRO B 448 14.67 64.18 22.02
N LEU B 449 13.70 64.98 21.60
CA LEU B 449 13.98 66.18 20.82
C LEU B 449 14.06 67.40 21.73
N MET B 450 14.84 67.24 22.80
CA MET B 450 15.16 68.33 23.72
C MET B 450 16.64 68.67 23.59
N ASN B 451 17.00 69.91 23.91
CA ASN B 451 18.39 70.34 23.86
C ASN B 451 19.26 69.50 24.79
N ASP B 452 20.30 68.90 24.24
CA ASP B 452 21.26 68.12 25.00
C ASP B 452 22.65 68.74 24.88
N GLU B 453 23.19 69.19 26.00
CA GLU B 453 24.49 69.84 26.06
C GLU B 453 25.63 68.86 25.78
N GLY B 454 25.42 67.60 26.14
CA GLY B 454 26.43 66.54 25.96
C GLY B 454 26.73 66.23 24.51
N LEU B 455 25.78 66.50 23.63
CA LEU B 455 25.94 66.24 22.19
C LEU B 455 26.70 67.35 21.47
N LYS B 456 26.83 68.51 22.10
CA LYS B 456 27.44 69.69 21.47
C LYS B 456 28.91 69.50 21.06
N VAL B 457 29.60 68.61 21.77
CA VAL B 457 31.01 68.32 21.49
C VAL B 457 31.25 67.79 20.06
N ARG B 458 30.26 67.10 19.51
CA ARG B 458 30.37 66.47 18.19
C ARG B 458 30.28 67.46 17.02
N TYR B 459 29.63 68.59 17.24
CA TYR B 459 29.43 69.58 16.18
C TYR B 459 30.70 70.36 15.88
N PRO B 460 30.93 70.70 14.60
CA PRO B 460 31.97 71.67 14.24
C PRO B 460 31.62 73.06 14.81
N PRO B 461 32.62 73.95 14.97
CA PRO B 461 34.04 73.77 14.64
C PRO B 461 34.75 72.91 15.67
N SER B 462 35.71 72.10 15.21
CA SER B 462 36.51 71.26 16.09
C SER B 462 37.51 72.09 16.89
N PRO B 463 37.84 71.65 18.12
CA PRO B 463 38.86 72.35 18.92
C PRO B 463 40.25 72.28 18.28
N ALA B 464 41.04 73.33 18.49
CA ALA B 464 42.40 73.40 17.94
C ALA B 464 43.34 72.44 18.65
N SER C 18 -26.86 -41.60 -37.75
CA SER C 18 -27.54 -42.90 -37.48
C SER C 18 -28.82 -42.69 -36.68
N LYS C 19 -29.53 -43.77 -36.38
CA LYS C 19 -30.77 -43.69 -35.61
C LYS C 19 -30.54 -43.30 -34.14
N ILE C 20 -29.32 -43.53 -33.65
CA ILE C 20 -28.92 -43.10 -32.31
C ILE C 20 -28.96 -41.57 -32.20
N SER C 21 -28.30 -40.89 -33.14
CA SER C 21 -28.26 -39.44 -33.17
CA SER C 21 -28.26 -39.44 -33.17
C SER C 21 -29.65 -38.83 -33.33
N GLU C 22 -30.48 -39.45 -34.18
CA GLU C 22 -31.83 -38.98 -34.42
C GLU C 22 -32.70 -39.09 -33.17
N ALA C 23 -32.52 -40.18 -32.43
CA ALA C 23 -33.29 -40.42 -31.20
C ALA C 23 -32.96 -39.41 -30.10
N VAL C 24 -31.67 -39.10 -29.94
CA VAL C 24 -31.22 -38.11 -28.96
C VAL C 24 -31.68 -36.71 -29.35
N LYS C 25 -31.61 -36.42 -30.66
CA LYS C 25 -32.09 -35.15 -31.22
C LYS C 25 -33.57 -34.90 -30.89
N ARG C 26 -34.40 -35.90 -31.15
CA ARG C 26 -35.84 -35.81 -30.86
C ARG C 26 -36.12 -35.69 -29.37
N ALA C 27 -35.27 -36.32 -28.55
CA ALA C 27 -35.41 -36.25 -27.10
C ALA C 27 -35.11 -34.84 -26.58
N ARG C 28 -34.05 -34.23 -27.09
CA ARG C 28 -33.66 -32.88 -26.69
C ARG C 28 -34.65 -31.82 -27.19
N ALA C 29 -35.09 -31.97 -28.44
CA ALA C 29 -36.11 -31.08 -29.01
C ALA C 29 -37.38 -31.09 -28.17
N ALA C 30 -37.81 -32.28 -27.76
CA ALA C 30 -39.00 -32.43 -26.94
C ALA C 30 -38.82 -31.85 -25.53
N PHE C 31 -37.63 -32.03 -24.94
CA PHE C 31 -37.34 -31.37 -23.67
C PHE C 31 -37.34 -29.84 -23.81
N SER C 32 -36.70 -29.35 -24.87
CA SER C 32 -36.59 -27.91 -25.11
C SER C 32 -37.94 -27.23 -25.33
N SER C 33 -38.93 -28.01 -25.79
CA SER C 33 -40.29 -27.49 -26.01
C SER C 33 -41.00 -27.16 -24.71
N GLY C 34 -40.48 -27.63 -23.58
CA GLY C 34 -41.05 -27.35 -22.27
C GLY C 34 -42.08 -28.37 -21.82
N ARG C 35 -42.23 -29.43 -22.62
CA ARG C 35 -43.24 -30.47 -22.41
C ARG C 35 -43.21 -31.11 -21.02
N THR C 36 -42.00 -31.36 -20.51
CA THR C 36 -41.82 -32.09 -19.24
C THR C 36 -41.97 -31.24 -17.99
N ARG C 37 -42.01 -29.92 -18.15
CA ARG C 37 -41.95 -29.00 -17.01
C ARG C 37 -43.15 -29.09 -16.05
N PRO C 38 -44.40 -29.09 -16.56
CA PRO C 38 -45.51 -29.19 -15.63
C PRO C 38 -45.53 -30.52 -14.88
N LEU C 39 -45.84 -30.49 -13.59
CA LEU C 39 -45.83 -31.68 -12.75
C LEU C 39 -46.85 -32.73 -13.17
N GLN C 40 -48.02 -32.27 -13.64
CA GLN C 40 -49.09 -33.16 -14.10
CA GLN C 40 -49.08 -33.18 -14.07
C GLN C 40 -48.61 -34.06 -15.23
N PHE C 41 -47.80 -33.49 -16.13
CA PHE C 41 -47.27 -34.25 -17.26
C PHE C 41 -46.42 -35.42 -16.80
N ARG C 42 -45.53 -35.15 -15.84
CA ARG C 42 -44.63 -36.15 -15.28
C ARG C 42 -45.39 -37.24 -14.53
N ILE C 43 -46.39 -36.82 -13.75
CA ILE C 43 -47.24 -37.75 -13.01
C ILE C 43 -47.98 -38.68 -13.98
N GLN C 44 -48.50 -38.12 -15.07
CA GLN C 44 -49.23 -38.92 -16.07
C GLN C 44 -48.32 -39.91 -16.80
N GLN C 45 -47.07 -39.52 -17.03
CA GLN C 45 -46.08 -40.45 -17.59
C GLN C 45 -45.78 -41.58 -16.60
N LEU C 46 -45.67 -41.24 -15.32
CA LEU C 46 -45.45 -42.24 -14.27
C LEU C 46 -46.66 -43.16 -14.07
N GLU C 47 -47.86 -42.59 -14.21
CA GLU C 47 -49.09 -43.37 -14.14
C GLU C 47 -49.27 -44.29 -15.35
N ALA C 48 -48.77 -43.86 -16.51
CA ALA C 48 -48.72 -44.70 -17.69
C ALA C 48 -47.76 -45.88 -17.49
N LEU C 49 -46.65 -45.63 -16.79
N LEU C 49 -46.67 -45.64 -16.77
CA LEU C 49 -45.69 -46.68 -16.42
CA LEU C 49 -45.70 -46.68 -16.43
C LEU C 49 -46.31 -47.67 -15.45
C LEU C 49 -46.27 -47.66 -15.42
N GLN C 50 -47.11 -47.16 -14.53
CA GLN C 50 -47.84 -47.96 -13.55
C GLN C 50 -48.76 -48.94 -14.29
N ARG C 51 -49.51 -48.39 -15.25
CA ARG C 51 -50.40 -49.15 -16.12
CA ARG C 51 -50.40 -49.19 -16.08
C ARG C 51 -49.63 -50.19 -16.94
N LEU C 52 -48.45 -49.79 -17.43
CA LEU C 52 -47.59 -50.68 -18.22
C LEU C 52 -47.19 -51.91 -17.41
N ILE C 53 -46.74 -51.70 -16.17
CA ILE C 53 -46.30 -52.78 -15.30
C ILE C 53 -47.45 -53.73 -15.00
N GLN C 54 -48.61 -53.16 -14.68
CA GLN C 54 -49.82 -53.93 -14.39
C GLN C 54 -50.30 -54.75 -15.58
N GLU C 55 -50.35 -54.12 -16.75
CA GLU C 55 -50.88 -54.76 -17.97
C GLU C 55 -49.90 -55.73 -18.63
N GLN C 56 -48.60 -55.50 -18.42
CA GLN C 56 -47.57 -56.33 -19.06
C GLN C 56 -46.89 -57.27 -18.07
N GLU C 57 -47.54 -57.47 -16.92
CA GLU C 57 -46.98 -58.29 -15.84
C GLU C 57 -46.47 -59.63 -16.32
N GLN C 58 -47.32 -60.39 -17.02
CA GLN C 58 -46.97 -61.72 -17.52
C GLN C 58 -45.84 -61.70 -18.55
N GLU C 59 -45.83 -60.66 -19.38
CA GLU C 59 -44.75 -60.48 -20.37
C GLU C 59 -43.42 -60.19 -19.68
N LEU C 60 -43.47 -59.40 -18.60
CA LEU C 60 -42.28 -59.09 -17.81
C LEU C 60 -41.73 -60.33 -17.11
N VAL C 61 -42.63 -61.12 -16.53
CA VAL C 61 -42.28 -62.39 -15.91
C VAL C 61 -41.62 -63.34 -16.91
N GLY C 62 -42.20 -63.43 -18.11
CA GLY C 62 -41.67 -64.27 -19.19
C GLY C 62 -40.29 -63.87 -19.65
N ALA C 63 -40.02 -62.56 -19.68
CA ALA C 63 -38.72 -62.04 -20.05
C ALA C 63 -37.65 -62.38 -19.01
N LEU C 64 -38.04 -62.27 -17.73
CA LEU C 64 -37.14 -62.59 -16.62
C LEU C 64 -36.93 -64.10 -16.47
N ALA C 65 -37.97 -64.88 -16.80
CA ALA C 65 -37.88 -66.34 -16.81
C ALA C 65 -36.90 -66.83 -17.87
N ALA C 66 -36.95 -66.19 -19.05
CA ALA C 66 -36.09 -66.55 -20.16
C ALA C 66 -34.65 -66.10 -19.95
N ASP C 67 -34.48 -64.91 -19.36
CA ASP C 67 -33.15 -64.34 -19.16
C ASP C 67 -32.42 -64.92 -17.95
N LEU C 68 -33.14 -65.18 -16.87
CA LEU C 68 -32.50 -65.47 -15.59
C LEU C 68 -33.11 -66.65 -14.81
N HIS C 69 -34.08 -67.33 -15.42
CA HIS C 69 -34.80 -68.45 -14.78
C HIS C 69 -35.51 -68.00 -13.53
N LYS C 70 -36.06 -66.80 -13.58
CA LYS C 70 -36.94 -66.30 -12.52
C LYS C 70 -38.33 -66.88 -12.71
N ASN C 71 -39.14 -66.88 -11.65
CA ASN C 71 -40.53 -67.33 -11.74
C ASN C 71 -41.51 -66.20 -11.42
N GLU C 72 -42.80 -66.48 -11.55
CA GLU C 72 -43.86 -65.48 -11.31
C GLU C 72 -43.71 -64.77 -9.97
N TRP C 73 -43.28 -65.51 -8.94
CA TRP C 73 -43.16 -64.94 -7.61
C TRP C 73 -42.00 -64.00 -7.44
N ASN C 74 -40.78 -64.47 -7.73
CA ASN C 74 -39.59 -63.66 -7.51
C ASN C 74 -39.34 -62.58 -8.57
N ALA C 75 -39.93 -62.74 -9.75
CA ALA C 75 -39.94 -61.68 -10.76
C ALA C 75 -40.66 -60.45 -10.21
N TYR C 76 -41.69 -60.70 -9.39
CA TYR C 76 -42.47 -59.62 -8.78
C TYR C 76 -41.87 -59.15 -7.45
N TYR C 77 -41.73 -60.08 -6.50
CA TYR C 77 -41.35 -59.72 -5.13
C TYR C 77 -39.86 -59.48 -4.89
N GLU C 78 -39.03 -59.80 -5.89
CA GLU C 78 -37.60 -59.53 -5.81
C GLU C 78 -37.13 -58.52 -6.86
N GLU C 79 -38.09 -57.91 -7.58
CA GLU C 79 -37.76 -56.91 -8.61
C GLU C 79 -38.88 -55.90 -8.87
N VAL C 80 -39.94 -56.35 -9.54
CA VAL C 80 -40.97 -55.46 -10.08
C VAL C 80 -41.73 -54.63 -9.03
N VAL C 81 -42.00 -55.24 -7.87
CA VAL C 81 -42.79 -54.57 -6.83
C VAL C 81 -42.13 -53.28 -6.31
N TYR C 82 -40.81 -53.24 -6.34
CA TYR C 82 -40.06 -52.09 -5.84
C TYR C 82 -40.07 -50.91 -6.82
N VAL C 83 -40.19 -51.22 -8.11
CA VAL C 83 -40.39 -50.18 -9.12
C VAL C 83 -41.77 -49.54 -8.91
N LEU C 84 -42.79 -50.40 -8.71
CA LEU C 84 -44.15 -49.95 -8.42
C LEU C 84 -44.20 -49.07 -7.17
N GLU C 85 -43.53 -49.50 -6.10
CA GLU C 85 -43.44 -48.73 -4.86
C GLU C 85 -42.76 -47.38 -5.09
N GLU C 86 -41.71 -47.37 -5.92
CA GLU C 86 -41.01 -46.14 -6.26
C GLU C 86 -41.91 -45.17 -7.03
N ILE C 87 -42.66 -45.69 -8.00
CA ILE C 87 -43.61 -44.90 -8.78
C ILE C 87 -44.65 -44.26 -7.87
N GLU C 88 -45.26 -45.07 -7.00
CA GLU C 88 -46.28 -44.62 -6.06
C GLU C 88 -45.76 -43.55 -5.11
N TYR C 89 -44.55 -43.79 -4.58
CA TYR C 89 -43.91 -42.88 -3.65
C TYR C 89 -43.59 -41.53 -4.32
N MET C 90 -43.09 -41.58 -5.55
CA MET C 90 -42.71 -40.35 -6.27
C MET C 90 -43.88 -39.50 -6.74
N ILE C 91 -44.94 -40.13 -7.22
CA ILE C 91 -46.17 -39.42 -7.58
C ILE C 91 -46.70 -38.64 -6.38
N GLN C 92 -46.72 -39.29 -5.22
CA GLN C 92 -47.23 -38.71 -3.99
C GLN C 92 -46.35 -37.58 -3.47
N LYS C 93 -45.03 -37.72 -3.63
CA LYS C 93 -44.07 -36.76 -3.08
C LYS C 93 -43.65 -35.64 -4.03
N LEU C 94 -43.92 -35.80 -5.33
CA LEU C 94 -43.44 -34.87 -6.36
C LEU C 94 -43.76 -33.39 -6.07
N PRO C 95 -45.03 -33.06 -5.75
CA PRO C 95 -45.33 -31.64 -5.50
C PRO C 95 -44.52 -31.05 -4.35
N GLU C 96 -44.27 -31.83 -3.31
CA GLU C 96 -43.47 -31.40 -2.18
C GLU C 96 -42.00 -31.20 -2.57
N TRP C 97 -41.44 -32.16 -3.32
CA TRP C 97 -40.04 -32.10 -3.76
C TRP C 97 -39.77 -31.03 -4.77
N ALA C 98 -40.72 -30.79 -5.66
CA ALA C 98 -40.55 -29.84 -6.76
C ALA C 98 -40.75 -28.39 -6.32
N ALA C 99 -41.40 -28.19 -5.19
CA ALA C 99 -41.65 -26.84 -4.67
C ALA C 99 -40.35 -26.12 -4.36
N ASP C 100 -40.34 -24.80 -4.54
CA ASP C 100 -39.24 -23.96 -4.10
C ASP C 100 -39.04 -24.16 -2.60
N GLU C 101 -37.79 -24.35 -2.19
CA GLU C 101 -37.49 -24.68 -0.80
C GLU C 101 -36.83 -23.49 -0.09
N PRO C 102 -37.58 -22.80 0.79
CA PRO C 102 -37.00 -21.72 1.59
C PRO C 102 -35.88 -22.24 2.48
N VAL C 103 -34.79 -21.48 2.58
CA VAL C 103 -33.67 -21.84 3.45
C VAL C 103 -33.49 -20.80 4.57
N GLU C 104 -32.67 -21.15 5.56
CA GLU C 104 -32.47 -20.29 6.73
C GLU C 104 -31.86 -18.95 6.36
N LYS C 105 -32.50 -17.88 6.81
CA LYS C 105 -32.03 -16.53 6.53
C LYS C 105 -31.10 -16.05 7.65
N THR C 106 -30.57 -14.84 7.49
CA THR C 106 -29.68 -14.23 8.46
C THR C 106 -30.34 -13.02 9.10
N PRO C 107 -29.77 -12.49 10.20
CA PRO C 107 -30.25 -11.22 10.76
C PRO C 107 -30.18 -10.07 9.76
N GLN C 108 -29.44 -10.26 8.66
CA GLN C 108 -29.21 -9.22 7.67
C GLN C 108 -30.09 -9.37 6.42
N THR C 109 -30.82 -10.48 6.34
CA THR C 109 -31.56 -10.83 5.11
C THR C 109 -33.06 -11.04 5.34
N GLN C 110 -33.63 -10.35 6.32
CA GLN C 110 -35.06 -10.49 6.64
C GLN C 110 -36.00 -10.00 5.53
N GLN C 111 -35.53 -9.03 4.74
CA GLN C 111 -36.33 -8.49 3.64
C GLN C 111 -36.18 -9.30 2.36
N ASP C 112 -35.24 -10.24 2.36
CA ASP C 112 -34.92 -11.04 1.17
C ASP C 112 -35.64 -12.38 1.15
N GLU C 113 -35.72 -12.96 -0.04
CA GLU C 113 -36.15 -14.35 -0.22
C GLU C 113 -34.92 -15.20 -0.48
N LEU C 114 -34.77 -16.28 0.28
CA LEU C 114 -33.67 -17.21 0.09
C LEU C 114 -34.24 -18.60 -0.08
N TYR C 115 -34.08 -19.18 -1.27
CA TYR C 115 -34.66 -20.49 -1.54
C TYR C 115 -33.90 -21.30 -2.58
N ILE C 116 -34.16 -22.61 -2.58
CA ILE C 116 -33.59 -23.53 -3.56
C ILE C 116 -34.65 -23.89 -4.59
N HIS C 117 -34.33 -23.63 -5.85
CA HIS C 117 -35.21 -23.91 -6.98
C HIS C 117 -34.72 -25.15 -7.67
N SER C 118 -35.60 -26.14 -7.82
CA SER C 118 -35.25 -27.38 -8.49
C SER C 118 -35.70 -27.35 -9.94
N GLU C 119 -34.81 -27.75 -10.85
CA GLU C 119 -35.10 -27.76 -12.28
C GLU C 119 -34.47 -29.00 -12.92
N PRO C 120 -35.10 -29.52 -13.99
CA PRO C 120 -34.50 -30.65 -14.72
C PRO C 120 -33.13 -30.31 -15.28
N LEU C 121 -32.33 -31.36 -15.53
CA LEU C 121 -31.02 -31.20 -16.14
C LEU C 121 -31.13 -31.14 -17.67
N GLY C 122 -32.03 -31.94 -18.22
CA GLY C 122 -32.26 -31.95 -19.67
C GLY C 122 -32.53 -33.35 -20.18
N VAL C 123 -31.58 -33.88 -20.94
CA VAL C 123 -31.64 -35.26 -21.44
C VAL C 123 -30.72 -36.15 -20.60
N VAL C 124 -31.33 -37.10 -19.91
CA VAL C 124 -30.62 -38.04 -19.04
C VAL C 124 -30.44 -39.37 -19.77
N LEU C 125 -29.22 -39.90 -19.74
CA LEU C 125 -28.98 -41.26 -20.21
C LEU C 125 -28.93 -42.23 -19.04
N VAL C 126 -29.73 -43.30 -19.15
CA VAL C 126 -29.69 -44.40 -18.19
C VAL C 126 -29.18 -45.65 -18.92
N ILE C 127 -28.02 -46.14 -18.49
CA ILE C 127 -27.47 -47.39 -19.00
C ILE C 127 -27.74 -48.49 -17.98
N GLY C 128 -28.47 -49.51 -18.41
CA GLY C 128 -28.87 -50.61 -17.53
C GLY C 128 -27.90 -51.77 -17.54
N THR C 129 -28.12 -52.69 -16.60
CA THR C 129 -27.35 -53.92 -16.52
C THR C 129 -28.31 -55.12 -16.53
N TRP C 130 -27.76 -56.33 -16.52
CA TRP C 130 -28.52 -57.54 -16.83
C TRP C 130 -29.11 -58.30 -15.67
N ASN C 131 -28.56 -58.12 -14.47
CA ASN C 131 -28.94 -58.95 -13.33
C ASN C 131 -30.35 -58.67 -12.79
N TYR C 132 -30.71 -57.40 -12.76
CA TYR C 132 -32.09 -56.99 -12.51
C TYR C 132 -32.46 -56.00 -13.62
N PRO C 133 -32.73 -56.53 -14.83
CA PRO C 133 -32.83 -55.73 -16.06
C PRO C 133 -34.07 -54.86 -16.16
N PHE C 134 -35.05 -55.08 -15.30
CA PHE C 134 -36.22 -54.20 -15.23
C PHE C 134 -35.99 -53.11 -14.19
N ASN C 135 -35.65 -53.51 -12.96
CA ASN C 135 -35.41 -52.58 -11.87
C ASN C 135 -34.29 -51.58 -12.20
N LEU C 136 -33.20 -52.10 -12.75
CA LEU C 136 -32.01 -51.27 -13.00
C LEU C 136 -32.03 -50.54 -14.34
N THR C 137 -33.19 -50.57 -15.00
CA THR C 137 -33.43 -49.68 -16.14
C THR C 137 -34.53 -48.69 -15.78
N ILE C 138 -35.61 -49.21 -15.19
CA ILE C 138 -36.84 -48.44 -14.98
C ILE C 138 -36.83 -47.62 -13.68
N GLN C 139 -36.24 -48.14 -12.61
CA GLN C 139 -36.20 -47.38 -11.36
C GLN C 139 -35.40 -46.06 -11.47
N PRO C 140 -34.21 -46.08 -12.11
CA PRO C 140 -33.55 -44.80 -12.37
C PRO C 140 -34.37 -43.92 -13.31
N MET C 141 -35.01 -44.53 -14.30
CA MET C 141 -35.87 -43.82 -15.25
C MET C 141 -37.02 -43.08 -14.55
N VAL C 142 -37.65 -43.75 -13.58
CA VAL C 142 -38.73 -43.18 -12.79
C VAL C 142 -38.29 -41.85 -12.14
N GLY C 143 -37.13 -41.87 -11.49
CA GLY C 143 -36.57 -40.69 -10.85
C GLY C 143 -36.26 -39.58 -11.83
N ALA C 144 -35.73 -39.95 -12.98
CA ALA C 144 -35.37 -38.99 -14.03
C ALA C 144 -36.61 -38.37 -14.67
N ILE C 145 -37.67 -39.18 -14.84
CA ILE C 145 -38.96 -38.69 -15.31
C ILE C 145 -39.58 -37.73 -14.30
N ALA C 146 -39.54 -38.12 -13.02
CA ALA C 146 -40.13 -37.30 -11.96
C ALA C 146 -39.44 -35.95 -11.81
N ALA C 147 -38.14 -35.92 -12.13
CA ALA C 147 -37.36 -34.68 -12.09
C ALA C 147 -37.58 -33.81 -13.33
N GLY C 148 -38.37 -34.30 -14.28
CA GLY C 148 -38.74 -33.53 -15.47
C GLY C 148 -37.76 -33.60 -16.63
N ASN C 149 -37.01 -34.68 -16.72
CA ASN C 149 -36.05 -34.87 -17.79
C ASN C 149 -36.60 -35.70 -18.94
N ALA C 150 -36.01 -35.53 -20.12
CA ALA C 150 -36.06 -36.54 -21.16
C ALA C 150 -35.11 -37.65 -20.72
N VAL C 151 -35.46 -38.89 -21.04
CA VAL C 151 -34.68 -40.05 -20.57
C VAL C 151 -34.43 -41.03 -21.71
N VAL C 152 -33.16 -41.21 -22.07
CA VAL C 152 -32.78 -42.21 -23.06
C VAL C 152 -32.37 -43.48 -22.31
N LEU C 153 -33.01 -44.60 -22.66
CA LEU C 153 -32.75 -45.89 -22.03
C LEU C 153 -31.84 -46.76 -22.88
N LYS C 154 -30.76 -47.25 -22.27
CA LYS C 154 -29.88 -48.23 -22.90
C LYS C 154 -29.85 -49.50 -22.04
N PRO C 155 -30.73 -50.46 -22.35
CA PRO C 155 -30.76 -51.72 -21.62
C PRO C 155 -29.55 -52.58 -21.95
N SER C 156 -29.18 -53.47 -21.01
CA SER C 156 -28.11 -54.43 -21.24
C SER C 156 -28.48 -55.43 -22.33
N GLU C 157 -27.51 -55.72 -23.20
CA GLU C 157 -27.70 -56.70 -24.27
C GLU C 157 -27.66 -58.15 -23.77
N LEU C 158 -27.06 -58.37 -22.59
CA LEU C 158 -26.95 -59.72 -22.01
C LEU C 158 -28.30 -60.32 -21.64
N SER C 159 -29.17 -59.50 -21.06
CA SER C 159 -30.55 -59.88 -20.81
CA SER C 159 -30.55 -59.88 -20.81
C SER C 159 -31.40 -59.54 -22.04
N GLU C 160 -31.22 -60.34 -23.09
CA GLU C 160 -31.81 -60.13 -24.42
C GLU C 160 -33.32 -59.96 -24.43
N ASN C 161 -34.02 -60.84 -23.71
CA ASN C 161 -35.48 -60.87 -23.72
C ASN C 161 -36.10 -59.62 -23.09
N MET C 162 -35.55 -59.19 -21.95
CA MET C 162 -35.98 -57.95 -21.32
C MET C 162 -35.66 -56.73 -22.18
N ALA C 163 -34.49 -56.74 -22.81
CA ALA C 163 -34.09 -55.66 -23.71
C ALA C 163 -35.08 -55.48 -24.86
N SER C 164 -35.44 -56.60 -25.49
CA SER C 164 -36.40 -56.58 -26.61
C SER C 164 -37.79 -56.15 -26.16
N LEU C 165 -38.21 -56.65 -25.00
CA LEU C 165 -39.52 -56.31 -24.45
C LEU C 165 -39.65 -54.82 -24.11
N LEU C 166 -38.59 -54.26 -23.51
CA LEU C 166 -38.58 -52.85 -23.13
C LEU C 166 -38.66 -51.92 -24.34
N ALA C 167 -37.89 -52.23 -25.39
CA ALA C 167 -37.93 -51.46 -26.63
C ALA C 167 -39.32 -51.49 -27.27
N THR C 168 -40.07 -52.56 -26.99
CA THR C 168 -41.40 -52.75 -27.53
C THR C 168 -42.49 -52.05 -26.71
N ILE C 169 -42.54 -52.31 -25.40
CA ILE C 169 -43.64 -51.83 -24.56
C ILE C 169 -43.53 -50.38 -24.07
N ILE C 170 -42.32 -49.90 -23.87
CA ILE C 170 -42.10 -48.52 -23.37
C ILE C 170 -42.75 -47.45 -24.28
N PRO C 171 -42.50 -47.49 -25.60
CA PRO C 171 -43.07 -46.47 -26.49
C PRO C 171 -44.59 -46.57 -26.65
N GLN C 172 -45.17 -47.68 -26.23
CA GLN C 172 -46.63 -47.87 -26.27
C GLN C 172 -47.34 -47.07 -25.19
N TYR C 173 -46.65 -46.85 -24.07
CA TYR C 173 -47.24 -46.17 -22.92
C TYR C 173 -46.66 -44.79 -22.67
N LEU C 174 -45.38 -44.61 -23.00
CA LEU C 174 -44.68 -43.35 -22.70
C LEU C 174 -44.41 -42.54 -23.96
N ASP C 175 -44.25 -41.23 -23.77
CA ASP C 175 -43.92 -40.30 -24.84
C ASP C 175 -42.77 -40.83 -25.70
N LYS C 176 -43.02 -40.94 -27.01
CA LYS C 176 -42.08 -41.56 -27.94
C LYS C 176 -40.81 -40.76 -28.17
N ASP C 177 -40.91 -39.44 -28.09
CA ASP C 177 -39.77 -38.55 -28.27
C ASP C 177 -38.91 -38.43 -26.99
N LEU C 178 -39.57 -38.25 -25.86
CA LEU C 178 -38.87 -37.97 -24.60
C LEU C 178 -38.16 -39.16 -23.98
N TYR C 179 -38.72 -40.36 -24.17
CA TYR C 179 -38.22 -41.55 -23.48
C TYR C 179 -37.93 -42.73 -24.42
N PRO C 180 -36.97 -42.55 -25.36
CA PRO C 180 -36.67 -43.62 -26.31
C PRO C 180 -35.83 -44.74 -25.72
N VAL C 181 -35.94 -45.92 -26.31
CA VAL C 181 -35.11 -47.06 -25.93
C VAL C 181 -34.09 -47.33 -27.03
N ILE C 182 -32.81 -47.38 -26.64
CA ILE C 182 -31.73 -47.70 -27.57
C ILE C 182 -31.10 -49.03 -27.17
N ASN C 183 -31.16 -50.01 -28.07
CA ASN C 183 -30.53 -51.31 -27.85
C ASN C 183 -29.25 -51.47 -28.65
N GLY C 184 -28.34 -52.29 -28.13
CA GLY C 184 -27.10 -52.60 -28.82
C GLY C 184 -26.00 -53.09 -27.90
N GLY C 185 -24.84 -53.41 -28.50
CA GLY C 185 -23.68 -53.87 -27.74
C GLY C 185 -22.69 -52.75 -27.50
N VAL C 186 -21.41 -53.12 -27.43
CA VAL C 186 -20.32 -52.16 -27.20
C VAL C 186 -20.20 -51.09 -28.30
N PRO C 187 -20.29 -51.48 -29.60
CA PRO C 187 -20.17 -50.46 -30.65
C PRO C 187 -21.30 -49.42 -30.62
N GLU C 188 -22.51 -49.86 -30.31
CA GLU C 188 -23.67 -48.98 -30.22
C GLU C 188 -23.56 -48.04 -29.01
N THR C 189 -23.11 -48.58 -27.88
CA THR C 189 -22.91 -47.82 -26.65
C THR C 189 -21.84 -46.74 -26.83
N THR C 190 -20.73 -47.13 -27.48
CA THR C 190 -19.62 -46.21 -27.76
C THR C 190 -20.09 -45.01 -28.57
N GLU C 191 -20.91 -45.27 -29.60
CA GLU C 191 -21.45 -44.20 -30.44
C GLU C 191 -22.47 -43.35 -29.68
N LEU C 192 -23.26 -44.00 -28.82
CA LEU C 192 -24.24 -43.30 -27.97
C LEU C 192 -23.55 -42.38 -26.97
N LEU C 193 -22.38 -42.77 -26.49
CA LEU C 193 -21.61 -41.98 -25.53
C LEU C 193 -20.97 -40.74 -26.15
N LYS C 194 -21.03 -40.63 -27.48
CA LYS C 194 -20.54 -39.44 -28.18
C LYS C 194 -21.59 -38.33 -28.16
N GLU C 195 -22.85 -38.72 -27.91
CA GLU C 195 -23.96 -37.78 -27.84
C GLU C 195 -23.92 -36.96 -26.55
N ARG C 196 -24.44 -35.73 -26.62
CA ARG C 196 -24.40 -34.84 -25.46
C ARG C 196 -25.61 -35.04 -24.55
N PHE C 197 -25.34 -35.48 -23.33
CA PHE C 197 -26.36 -35.65 -22.31
C PHE C 197 -26.13 -34.66 -21.17
N ASP C 198 -27.16 -34.48 -20.35
CA ASP C 198 -27.06 -33.56 -19.21
C ASP C 198 -26.83 -34.32 -17.91
N HIS C 199 -26.98 -35.64 -17.98
CA HIS C 199 -26.61 -36.55 -16.89
C HIS C 199 -26.56 -37.95 -17.41
N ILE C 200 -25.63 -38.73 -16.88
CA ILE C 200 -25.57 -40.15 -17.18
C ILE C 200 -25.61 -40.95 -15.88
N LEU C 201 -26.59 -41.85 -15.77
CA LEU C 201 -26.55 -42.87 -14.73
C LEU C 201 -26.13 -44.18 -15.38
N TYR C 202 -25.03 -44.73 -14.88
CA TYR C 202 -24.50 -45.99 -15.37
C TYR C 202 -24.46 -47.01 -14.24
N THR C 203 -25.08 -48.16 -14.49
CA THR C 203 -25.02 -49.28 -13.58
C THR C 203 -24.25 -50.40 -14.27
N GLY C 204 -23.12 -50.79 -13.69
CA GLY C 204 -22.29 -51.84 -14.28
C GLY C 204 -20.94 -52.00 -13.62
N SER C 205 -19.95 -52.42 -14.41
CA SER C 205 -18.63 -52.75 -13.87
C SER C 205 -17.82 -51.52 -13.54
N THR C 206 -16.96 -51.68 -12.53
CA THR C 206 -15.96 -50.69 -12.15
C THR C 206 -15.12 -50.25 -13.37
N GLY C 207 -14.73 -51.22 -14.20
CA GLY C 207 -13.89 -50.98 -15.37
C GLY C 207 -14.51 -50.16 -16.49
N VAL C 208 -15.77 -50.46 -16.83
CA VAL C 208 -16.49 -49.73 -17.87
C VAL C 208 -16.95 -48.37 -17.34
N GLY C 209 -17.17 -48.29 -16.02
CA GLY C 209 -17.48 -47.02 -15.36
C GLY C 209 -16.45 -45.94 -15.66
N LYS C 210 -15.19 -46.33 -15.77
CA LYS C 210 -14.10 -45.43 -16.14
C LYS C 210 -14.23 -44.92 -17.58
N ILE C 211 -14.70 -45.80 -18.45
CA ILE C 211 -14.94 -45.45 -19.86
C ILE C 211 -16.15 -44.51 -19.97
N ILE C 212 -17.17 -44.74 -19.15
CA ILE C 212 -18.36 -43.88 -19.12
C ILE C 212 -17.98 -42.45 -18.69
N MET C 213 -17.21 -42.35 -17.61
CA MET C 213 -16.81 -41.05 -17.07
C MET C 213 -15.89 -40.29 -18.04
N THR C 214 -15.04 -41.04 -18.74
CA THR C 214 -14.16 -40.48 -19.77
C THR C 214 -14.97 -39.84 -20.91
N ALA C 215 -15.99 -40.56 -21.39
CA ALA C 215 -16.88 -40.03 -22.41
C ALA C 215 -17.66 -38.82 -21.91
N ALA C 216 -18.14 -38.90 -20.67
CA ALA C 216 -18.88 -37.81 -20.05
C ALA C 216 -18.06 -36.52 -19.92
N ALA C 217 -16.76 -36.68 -19.64
CA ALA C 217 -15.82 -35.57 -19.50
C ALA C 217 -15.78 -34.66 -20.73
N LYS C 218 -15.98 -35.24 -21.91
CA LYS C 218 -15.96 -34.49 -23.17
C LYS C 218 -17.07 -33.46 -23.28
N HIS C 219 -18.20 -33.71 -22.61
CA HIS C 219 -19.33 -32.79 -22.61
C HIS C 219 -19.59 -32.18 -21.25
N LEU C 220 -18.68 -32.42 -20.32
CA LEU C 220 -18.84 -32.01 -18.91
C LEU C 220 -20.19 -32.47 -18.36
N THR C 221 -20.48 -33.75 -18.58
CA THR C 221 -21.73 -34.35 -18.15
C THR C 221 -21.51 -34.99 -16.78
N PRO C 222 -22.32 -34.59 -15.77
CA PRO C 222 -22.24 -35.22 -14.46
C PRO C 222 -22.64 -36.70 -14.53
N VAL C 223 -22.01 -37.53 -13.70
CA VAL C 223 -22.27 -38.96 -13.71
C VAL C 223 -22.71 -39.52 -12.35
N THR C 224 -23.65 -40.46 -12.39
CA THR C 224 -23.91 -41.34 -11.27
C THR C 224 -23.46 -42.71 -11.71
N LEU C 225 -22.41 -43.22 -11.07
CA LEU C 225 -21.86 -44.52 -11.42
C LEU C 225 -22.18 -45.52 -10.32
N GLU C 226 -23.00 -46.50 -10.67
CA GLU C 226 -23.38 -47.55 -9.73
C GLU C 226 -22.59 -48.80 -10.07
N LEU C 227 -21.51 -49.01 -9.34
CA LEU C 227 -20.53 -50.03 -9.71
C LEU C 227 -20.52 -51.21 -8.75
N GLY C 228 -19.42 -51.95 -8.72
CA GLY C 228 -19.37 -53.19 -7.95
C GLY C 228 -18.17 -53.32 -7.04
N GLY C 229 -17.85 -54.58 -6.72
CA GLY C 229 -16.78 -54.93 -5.80
C GLY C 229 -17.17 -56.20 -5.08
N LYS C 230 -16.49 -56.50 -3.98
CA LYS C 230 -16.82 -57.68 -3.19
C LYS C 230 -17.36 -57.24 -1.83
N SER C 231 -18.67 -57.36 -1.64
CA SER C 231 -19.31 -56.97 -0.37
C SER C 231 -19.02 -57.97 0.74
N PRO C 232 -18.26 -57.54 1.77
CA PRO C 232 -17.87 -58.44 2.85
C PRO C 232 -19.03 -58.67 3.83
N CYS C 233 -19.05 -59.87 4.41
CA CYS C 233 -20.03 -60.21 5.43
C CYS C 233 -19.33 -60.78 6.65
N TYR C 234 -19.19 -59.95 7.67
CA TYR C 234 -18.53 -60.35 8.90
C TYR C 234 -19.54 -60.97 9.87
N VAL C 235 -19.19 -62.14 10.39
CA VAL C 235 -20.06 -62.83 11.36
C VAL C 235 -19.35 -62.90 12.71
N ASP C 236 -19.97 -62.29 13.72
CA ASP C 236 -19.46 -62.28 15.09
C ASP C 236 -19.65 -63.64 15.74
N LYS C 237 -18.60 -64.10 16.45
CA LYS C 237 -18.61 -65.36 17.20
C LYS C 237 -19.80 -65.53 18.14
N ASN C 238 -20.20 -64.44 18.78
CA ASN C 238 -21.19 -64.48 19.86
C ASN C 238 -22.64 -64.31 19.42
N CYS C 239 -22.87 -64.22 18.10
CA CYS C 239 -24.21 -63.95 17.60
C CYS C 239 -25.02 -65.23 17.36
N ASP C 240 -26.33 -65.07 17.16
CA ASP C 240 -27.20 -66.19 16.83
C ASP C 240 -26.97 -66.62 15.38
N LEU C 241 -26.24 -67.71 15.21
CA LEU C 241 -25.82 -68.18 13.89
C LEU C 241 -26.96 -68.78 13.06
N ASP C 242 -28.00 -69.28 13.74
CA ASP C 242 -29.16 -69.85 13.06
C ASP C 242 -29.93 -68.79 12.29
N VAL C 243 -30.16 -67.64 12.94
CA VAL C 243 -30.81 -66.50 12.31
C VAL C 243 -29.89 -65.90 11.24
N ALA C 244 -28.62 -65.70 11.61
CA ALA C 244 -27.62 -65.08 10.73
C ALA C 244 -27.45 -65.81 9.40
N CYS C 245 -27.29 -67.13 9.46
CA CYS C 245 -26.98 -67.90 8.26
C CYS C 245 -28.14 -68.04 7.28
N ARG C 246 -29.36 -68.06 7.81
CA ARG C 246 -30.57 -68.08 6.97
C ARG C 246 -30.67 -66.80 6.14
N ARG C 247 -30.41 -65.67 6.78
CA ARG C 247 -30.42 -64.37 6.11
C ARG C 247 -29.29 -64.25 5.10
N ILE C 248 -28.10 -64.70 5.48
CA ILE C 248 -26.93 -64.68 4.60
C ILE C 248 -27.16 -65.54 3.36
N ALA C 249 -27.61 -66.77 3.57
CA ALA C 249 -27.88 -67.70 2.47
C ALA C 249 -28.95 -67.17 1.51
N TRP C 250 -29.94 -66.47 2.06
CA TRP C 250 -30.99 -65.83 1.27
C TRP C 250 -30.42 -64.81 0.33
N GLY C 251 -29.66 -63.86 0.87
CA GLY C 251 -29.07 -62.79 0.07
C GLY C 251 -28.00 -63.26 -0.90
N LYS C 252 -27.20 -64.24 -0.48
CA LYS C 252 -26.12 -64.75 -1.31
C LYS C 252 -26.63 -65.54 -2.51
N PHE C 253 -27.67 -66.34 -2.32
CA PHE C 253 -28.06 -67.32 -3.34
C PHE C 253 -29.27 -66.95 -4.19
N MET C 254 -29.93 -65.84 -3.87
CA MET C 254 -30.99 -65.30 -4.72
C MET C 254 -30.39 -64.86 -6.06
N ASN C 255 -31.20 -64.97 -7.12
CA ASN C 255 -30.75 -64.64 -8.48
C ASN C 255 -29.46 -65.38 -8.85
N SER C 256 -29.31 -66.59 -8.31
CA SER C 256 -28.11 -67.42 -8.50
C SER C 256 -26.82 -66.66 -8.21
N GLY C 257 -26.82 -65.90 -7.11
CA GLY C 257 -25.65 -65.14 -6.67
C GLY C 257 -25.38 -63.85 -7.41
N GLN C 258 -26.21 -63.53 -8.40
CA GLN C 258 -25.98 -62.38 -9.27
C GLN C 258 -26.64 -61.10 -8.75
N THR C 259 -26.24 -60.69 -7.56
CA THR C 259 -26.71 -59.45 -6.95
C THR C 259 -25.51 -58.60 -6.54
N CYS C 260 -25.55 -57.33 -6.91
CA CYS C 260 -24.48 -56.40 -6.61
C CYS C 260 -24.26 -56.18 -5.11
N VAL C 261 -25.35 -56.28 -4.34
CA VAL C 261 -25.25 -56.16 -2.88
C VAL C 261 -25.30 -57.51 -2.17
N ALA C 262 -25.07 -58.59 -2.92
CA ALA C 262 -24.97 -59.91 -2.31
C ALA C 262 -23.81 -59.96 -1.32
N PRO C 263 -23.98 -60.66 -0.20
CA PRO C 263 -22.82 -60.91 0.67
C PRO C 263 -21.83 -61.80 -0.08
N ASP C 264 -20.82 -61.18 -0.67
CA ASP C 264 -19.90 -61.85 -1.60
C ASP C 264 -19.06 -62.95 -0.91
N TYR C 265 -18.52 -62.61 0.26
CA TYR C 265 -17.75 -63.58 1.05
C TYR C 265 -18.00 -63.38 2.54
N ILE C 266 -17.66 -64.41 3.31
CA ILE C 266 -17.83 -64.38 4.76
C ILE C 266 -16.47 -64.25 5.45
N LEU C 267 -16.39 -63.31 6.40
CA LEU C 267 -15.27 -63.22 7.32
C LEU C 267 -15.75 -63.66 8.69
N CYS C 268 -15.05 -64.62 9.28
CA CYS C 268 -15.42 -65.18 10.58
C CYS C 268 -14.26 -65.86 11.28
N ASP C 269 -14.40 -66.04 12.58
CA ASP C 269 -13.43 -66.79 13.39
C ASP C 269 -13.41 -68.27 12.95
N PRO C 270 -12.20 -68.87 12.88
CA PRO C 270 -12.08 -70.29 12.55
C PRO C 270 -12.92 -71.21 13.44
N SER C 271 -13.24 -70.77 14.65
CA SER C 271 -14.00 -71.58 15.61
C SER C 271 -15.49 -71.73 15.25
N ILE C 272 -16.02 -70.80 14.45
CA ILE C 272 -17.43 -70.87 14.04
C ILE C 272 -17.65 -71.26 12.58
N GLN C 273 -16.56 -71.49 11.85
CA GLN C 273 -16.62 -71.84 10.42
C GLN C 273 -17.49 -73.07 10.14
N ASN C 274 -17.24 -74.15 10.89
CA ASN C 274 -17.99 -75.41 10.71
C ASN C 274 -19.50 -75.24 10.96
N GLN C 275 -19.84 -74.52 12.03
CA GLN C 275 -21.23 -74.22 12.36
C GLN C 275 -21.90 -73.43 11.23
N ILE C 276 -21.21 -72.39 10.75
CA ILE C 276 -21.71 -71.58 9.63
C ILE C 276 -22.00 -72.45 8.42
N VAL C 277 -21.07 -73.35 8.09
CA VAL C 277 -21.24 -74.27 6.97
C VAL C 277 -22.53 -75.09 7.13
N GLU C 278 -22.72 -75.67 8.32
CA GLU C 278 -23.90 -76.49 8.61
C GLU C 278 -25.21 -75.68 8.57
N LYS C 279 -25.22 -74.51 9.19
CA LYS C 279 -26.40 -73.65 9.18
C LYS C 279 -26.75 -73.11 7.79
N LEU C 280 -25.73 -72.87 6.97
CA LEU C 280 -25.94 -72.48 5.58
C LEU C 280 -26.56 -73.63 4.77
N LYS C 281 -25.99 -74.83 4.93
CA LYS C 281 -26.53 -76.05 4.32
C LYS C 281 -28.00 -76.26 4.67
N LYS C 282 -28.31 -76.13 5.96
CA LYS C 282 -29.67 -76.30 6.48
C LYS C 282 -30.64 -75.32 5.81
N SER C 283 -30.22 -74.06 5.69
CA SER C 283 -31.04 -73.02 5.08
C SER C 283 -31.24 -73.27 3.58
N LEU C 284 -30.17 -73.62 2.88
CA LEU C 284 -30.23 -73.89 1.44
C LEU C 284 -31.13 -75.07 1.09
N LYS C 285 -31.14 -76.08 1.96
CA LYS C 285 -32.02 -77.23 1.79
C LYS C 285 -33.47 -76.87 2.06
N GLU C 286 -33.68 -75.95 3.01
CA GLU C 286 -35.01 -75.40 3.27
C GLU C 286 -35.50 -74.59 2.07
N PHE C 287 -34.60 -73.81 1.47
CA PHE C 287 -34.96 -72.92 0.36
C PHE C 287 -35.22 -73.68 -0.94
N TYR C 288 -34.29 -74.56 -1.33
CA TYR C 288 -34.30 -75.14 -2.67
C TYR C 288 -34.34 -76.66 -2.72
N GLY C 289 -34.46 -77.30 -1.55
CA GLY C 289 -34.48 -78.76 -1.47
C GLY C 289 -33.09 -79.36 -1.53
N GLU C 290 -33.04 -80.69 -1.59
CA GLU C 290 -31.78 -81.42 -1.65
C GLU C 290 -31.02 -81.18 -2.96
N ASP C 291 -31.77 -81.05 -4.05
CA ASP C 291 -31.20 -80.75 -5.36
C ASP C 291 -31.78 -79.44 -5.87
N ALA C 292 -30.98 -78.38 -5.82
CA ALA C 292 -31.43 -77.03 -6.17
C ALA C 292 -31.80 -76.87 -7.66
N LYS C 293 -31.33 -77.80 -8.49
CA LYS C 293 -31.66 -77.83 -9.91
C LYS C 293 -33.14 -78.14 -10.15
N LYS C 294 -33.78 -78.76 -9.16
CA LYS C 294 -35.19 -79.14 -9.24
C LYS C 294 -36.13 -78.03 -8.78
N SER C 295 -35.58 -77.02 -8.11
CA SER C 295 -36.38 -75.91 -7.56
C SER C 295 -36.69 -74.85 -8.60
N ARG C 296 -37.95 -74.43 -8.66
CA ARG C 296 -38.34 -73.35 -9.56
C ARG C 296 -37.92 -71.97 -9.03
N ASP C 297 -37.50 -71.92 -7.77
CA ASP C 297 -37.07 -70.69 -7.11
C ASP C 297 -35.59 -70.39 -7.24
N TYR C 298 -34.85 -71.29 -7.88
CA TYR C 298 -33.42 -71.13 -8.04
C TYR C 298 -33.09 -70.70 -9.46
N GLY C 299 -32.24 -69.69 -9.58
CA GLY C 299 -31.94 -69.09 -10.88
C GLY C 299 -30.88 -69.79 -11.69
N ARG C 300 -30.53 -69.19 -12.83
CA ARG C 300 -29.45 -69.67 -13.69
C ARG C 300 -28.52 -68.50 -14.02
N ILE C 301 -27.29 -68.83 -14.39
CA ILE C 301 -26.29 -67.83 -14.81
C ILE C 301 -26.71 -67.23 -16.15
N ILE C 302 -26.40 -65.95 -16.33
CA ILE C 302 -26.84 -65.16 -17.50
C ILE C 302 -26.29 -65.64 -18.85
N SER C 303 -25.01 -65.98 -18.89
CA SER C 303 -24.34 -66.31 -20.15
C SER C 303 -23.31 -67.42 -19.97
N ALA C 304 -22.87 -67.97 -21.10
CA ALA C 304 -21.87 -69.06 -21.12
C ALA C 304 -20.50 -68.60 -20.60
N ARG C 305 -20.13 -67.36 -20.89
CA ARG C 305 -18.88 -66.79 -20.42
C ARG C 305 -18.89 -66.65 -18.90
N HIS C 306 -19.99 -66.14 -18.35
CA HIS C 306 -20.12 -65.99 -16.90
C HIS C 306 -20.23 -67.31 -16.19
N PHE C 307 -20.85 -68.29 -16.84
CA PHE C 307 -20.90 -69.65 -16.31
C PHE C 307 -19.50 -70.21 -16.12
N GLN C 308 -18.67 -70.11 -17.17
CA GLN C 308 -17.30 -70.62 -17.14
C GLN C 308 -16.43 -69.87 -16.14
N ARG C 309 -16.66 -68.56 -16.02
CA ARG C 309 -15.94 -67.71 -15.08
C ARG C 309 -16.18 -68.14 -13.63
N VAL C 310 -17.44 -68.34 -13.26
CA VAL C 310 -17.80 -68.73 -11.90
C VAL C 310 -17.33 -70.16 -11.59
N MET C 311 -17.52 -71.08 -12.54
CA MET C 311 -17.04 -72.46 -12.40
C MET C 311 -15.53 -72.53 -12.15
N GLY C 312 -14.79 -71.68 -12.87
CA GLY C 312 -13.33 -71.60 -12.71
C GLY C 312 -12.87 -71.19 -11.32
N LEU C 313 -13.70 -70.42 -10.62
CA LEU C 313 -13.40 -69.95 -9.26
C LEU C 313 -13.51 -71.07 -8.21
N ILE C 314 -14.18 -72.16 -8.56
CA ILE C 314 -14.30 -73.33 -7.68
C ILE C 314 -13.03 -74.20 -7.73
N GLU C 315 -12.29 -74.12 -8.83
CA GLU C 315 -11.08 -74.92 -9.02
C GLU C 315 -10.03 -74.67 -7.94
N GLY C 316 -9.43 -75.75 -7.44
CA GLY C 316 -8.38 -75.66 -6.42
C GLY C 316 -8.85 -75.22 -5.04
N GLN C 317 -10.16 -75.31 -4.81
CA GLN C 317 -10.76 -74.88 -3.55
C GLN C 317 -11.33 -76.04 -2.75
N LYS C 318 -11.38 -75.88 -1.43
CA LYS C 318 -11.99 -76.86 -0.54
C LYS C 318 -13.51 -76.72 -0.54
N VAL C 319 -14.19 -77.61 -1.25
CA VAL C 319 -15.64 -77.57 -1.40
C VAL C 319 -16.33 -78.25 -0.23
N ALA C 320 -17.05 -77.46 0.57
CA ALA C 320 -17.81 -77.97 1.71
C ALA C 320 -19.22 -78.40 1.29
N TYR C 321 -19.73 -77.77 0.24
CA TYR C 321 -21.08 -78.05 -0.27
C TYR C 321 -21.18 -77.63 -1.73
N GLY C 322 -21.95 -78.38 -2.51
CA GLY C 322 -22.13 -78.10 -3.93
C GLY C 322 -20.90 -78.39 -4.76
N GLY C 323 -20.54 -77.44 -5.64
CA GLY C 323 -19.32 -77.53 -6.43
C GLY C 323 -19.50 -77.93 -7.88
N THR C 324 -20.66 -78.47 -8.21
CA THR C 324 -20.94 -78.95 -9.58
C THR C 324 -21.85 -78.00 -10.35
N GLY C 325 -21.87 -78.15 -11.67
CA GLY C 325 -22.72 -77.35 -12.53
C GLY C 325 -23.03 -78.01 -13.86
N ASP C 326 -23.90 -77.37 -14.63
CA ASP C 326 -24.29 -77.84 -15.96
C ASP C 326 -24.21 -76.70 -16.97
N ALA C 327 -23.35 -76.86 -17.97
CA ALA C 327 -23.12 -75.85 -19.00
C ALA C 327 -24.33 -75.63 -19.91
N ALA C 328 -25.09 -76.70 -20.17
CA ALA C 328 -26.25 -76.66 -21.07
C ALA C 328 -27.37 -75.74 -20.56
N THR C 329 -27.58 -75.73 -19.25
CA THR C 329 -28.63 -74.93 -18.63
C THR C 329 -28.05 -73.75 -17.83
N ARG C 330 -26.72 -73.65 -17.81
CA ARG C 330 -26.00 -72.64 -17.02
C ARG C 330 -26.39 -72.68 -15.54
N TYR C 331 -26.54 -73.89 -15.02
CA TYR C 331 -26.83 -74.12 -13.62
C TYR C 331 -25.52 -74.31 -12.84
N ILE C 332 -25.42 -73.65 -11.70
CA ILE C 332 -24.34 -73.90 -10.75
C ILE C 332 -24.97 -74.12 -9.39
N ALA C 333 -24.72 -75.29 -8.81
CA ALA C 333 -25.22 -75.65 -7.50
C ALA C 333 -24.74 -74.67 -6.44
N PRO C 334 -25.60 -74.38 -5.42
CA PRO C 334 -25.17 -73.57 -4.28
C PRO C 334 -23.88 -74.14 -3.69
N THR C 335 -22.83 -73.33 -3.70
CA THR C 335 -21.49 -73.80 -3.32
C THR C 335 -20.92 -73.02 -2.15
N ILE C 336 -20.38 -73.75 -1.17
CA ILE C 336 -19.68 -73.17 -0.03
C ILE C 336 -18.22 -73.64 -0.05
N LEU C 337 -17.30 -72.70 0.17
CA LEU C 337 -15.87 -73.01 0.23
C LEU C 337 -15.30 -72.62 1.59
N THR C 338 -14.46 -73.51 2.14
CA THR C 338 -13.88 -73.31 3.47
C THR C 338 -12.39 -72.97 3.42
N ASP C 339 -11.90 -72.33 4.47
CA ASP C 339 -10.48 -72.00 4.63
C ASP C 339 -9.87 -71.44 3.34
N VAL C 340 -10.54 -70.44 2.77
CA VAL C 340 -10.17 -69.90 1.46
C VAL C 340 -8.97 -68.96 1.56
N ASP C 341 -8.00 -69.19 0.67
CA ASP C 341 -6.84 -68.30 0.51
C ASP C 341 -7.34 -66.96 -0.07
N PRO C 342 -7.10 -65.85 0.65
CA PRO C 342 -7.50 -64.52 0.17
C PRO C 342 -6.88 -64.13 -1.17
N GLN C 343 -5.78 -64.79 -1.54
CA GLN C 343 -5.07 -64.50 -2.79
C GLN C 343 -5.53 -65.37 -3.95
N SER C 344 -6.40 -66.33 -3.67
CA SER C 344 -6.95 -67.20 -4.70
C SER C 344 -7.99 -66.46 -5.56
N PRO C 345 -8.24 -66.92 -6.79
CA PRO C 345 -9.13 -66.24 -7.74
C PRO C 345 -10.51 -65.87 -7.18
N VAL C 346 -11.16 -66.80 -6.48
CA VAL C 346 -12.49 -66.57 -5.91
C VAL C 346 -12.51 -65.41 -4.91
N MET C 347 -11.34 -65.04 -4.41
CA MET C 347 -11.22 -63.90 -3.50
C MET C 347 -10.49 -62.70 -4.10
N GLN C 348 -10.27 -62.74 -5.42
CA GLN C 348 -9.61 -61.64 -6.13
C GLN C 348 -10.51 -60.95 -7.16
N GLU C 349 -11.75 -61.43 -7.28
CA GLU C 349 -12.74 -60.79 -8.16
C GLU C 349 -14.15 -60.92 -7.58
N GLU C 350 -15.03 -60.01 -8.01
CA GLU C 350 -16.45 -60.10 -7.69
C GLU C 350 -16.98 -61.42 -8.26
N ILE C 351 -17.50 -62.27 -7.38
CA ILE C 351 -17.90 -63.62 -7.77
C ILE C 351 -19.13 -63.57 -8.68
N PHE C 352 -20.16 -62.85 -8.23
CA PHE C 352 -21.42 -62.73 -8.96
C PHE C 352 -21.95 -64.10 -9.38
N GLY C 353 -21.95 -65.02 -8.41
CA GLY C 353 -22.35 -66.40 -8.62
C GLY C 353 -22.62 -67.09 -7.30
N PRO C 354 -23.24 -68.28 -7.35
CA PRO C 354 -23.64 -68.97 -6.13
C PRO C 354 -22.48 -69.75 -5.49
N VAL C 355 -21.36 -69.07 -5.31
CA VAL C 355 -20.16 -69.64 -4.71
C VAL C 355 -19.77 -68.75 -3.53
N LEU C 356 -19.86 -69.30 -2.32
CA LEU C 356 -19.64 -68.52 -1.11
C LEU C 356 -18.37 -68.95 -0.37
N PRO C 357 -17.27 -68.20 -0.54
CA PRO C 357 -16.04 -68.49 0.18
C PRO C 357 -16.10 -68.04 1.63
N ILE C 358 -15.46 -68.80 2.51
CA ILE C 358 -15.32 -68.41 3.90
C ILE C 358 -13.85 -68.15 4.20
N VAL C 359 -13.55 -66.92 4.59
CA VAL C 359 -12.20 -66.50 4.95
C VAL C 359 -12.14 -66.31 6.47
N CYS C 360 -11.17 -66.97 7.10
CA CYS C 360 -11.03 -66.94 8.56
C CYS C 360 -10.20 -65.75 9.05
N VAL C 361 -10.76 -65.02 10.02
CA VAL C 361 -10.05 -63.95 10.72
C VAL C 361 -10.25 -64.11 12.23
N ARG C 362 -9.17 -63.91 12.98
CA ARG C 362 -9.17 -64.19 14.42
C ARG C 362 -9.70 -63.07 15.30
N SER C 363 -9.92 -61.88 14.71
CA SER C 363 -10.43 -60.74 15.48
C SER C 363 -11.21 -59.76 14.60
N LEU C 364 -11.97 -58.88 15.26
CA LEU C 364 -12.66 -57.79 14.60
C LEU C 364 -11.65 -56.83 13.96
N GLU C 365 -10.53 -56.64 14.65
CA GLU C 365 -9.46 -55.77 14.17
C GLU C 365 -8.82 -56.29 12.88
N GLU C 366 -8.66 -57.61 12.78
CA GLU C 366 -8.16 -58.22 11.55
C GLU C 366 -9.18 -58.09 10.41
N ALA C 367 -10.46 -58.25 10.73
CA ALA C 367 -11.54 -58.13 9.74
C ALA C 367 -11.58 -56.72 9.13
N ILE C 368 -11.49 -55.71 10.00
CA ILE C 368 -11.44 -54.30 9.59
C ILE C 368 -10.25 -54.02 8.66
N GLN C 369 -9.07 -54.51 9.05
CA GLN C 369 -7.86 -54.38 8.24
C GLN C 369 -8.03 -55.06 6.88
N PHE C 370 -8.57 -56.28 6.89
CA PHE C 370 -8.86 -57.03 5.66
C PHE C 370 -9.70 -56.21 4.68
N ILE C 371 -10.79 -55.63 5.18
CA ILE C 371 -11.70 -54.82 4.36
C ILE C 371 -11.02 -53.54 3.85
N ASN C 372 -10.28 -52.87 4.73
CA ASN C 372 -9.64 -51.59 4.39
C ASN C 372 -8.51 -51.68 3.36
N GLN C 373 -7.86 -52.84 3.29
CA GLN C 373 -6.76 -53.06 2.35
C GLN C 373 -7.25 -53.36 0.94
N ARG C 374 -8.54 -53.63 0.81
CA ARG C 374 -9.18 -53.84 -0.49
C ARG C 374 -10.00 -52.61 -0.88
N GLU C 375 -10.49 -52.58 -2.12
CA GLU C 375 -11.29 -51.46 -2.62
C GLU C 375 -12.62 -51.36 -1.87
N LYS C 376 -13.16 -50.14 -1.77
CA LYS C 376 -14.37 -49.87 -1.01
C LYS C 376 -15.59 -50.52 -1.65
N PRO C 377 -16.23 -51.47 -0.94
CA PRO C 377 -17.31 -52.27 -1.52
C PRO C 377 -18.62 -51.49 -1.60
N LEU C 378 -19.53 -51.96 -2.45
CA LEU C 378 -20.85 -51.37 -2.58
C LEU C 378 -21.64 -51.48 -1.28
N ALA C 379 -21.62 -52.67 -0.68
CA ALA C 379 -22.27 -52.91 0.60
C ALA C 379 -21.30 -53.56 1.58
N LEU C 380 -21.55 -53.35 2.86
CA LEU C 380 -20.80 -54.02 3.92
CA LEU C 380 -20.80 -54.02 3.92
C LEU C 380 -21.79 -54.57 4.95
N TYR C 381 -21.63 -55.85 5.28
CA TYR C 381 -22.53 -56.52 6.22
C TYR C 381 -21.80 -57.00 7.46
N MET C 382 -22.50 -56.93 8.59
CA MET C 382 -22.02 -57.48 9.84
C MET C 382 -23.17 -58.15 10.58
N PHE C 383 -22.88 -59.31 11.15
CA PHE C 383 -23.87 -60.01 11.95
C PHE C 383 -23.37 -60.09 13.39
N SER C 384 -23.98 -59.29 14.24
CA SER C 384 -23.56 -59.12 15.63
C SER C 384 -24.68 -58.48 16.45
N SER C 385 -24.80 -58.90 17.71
CA SER C 385 -25.71 -58.28 18.65
C SER C 385 -24.94 -57.38 19.61
N ASN C 386 -23.68 -57.13 19.26
CA ASN C 386 -22.81 -56.26 20.03
C ASN C 386 -22.66 -54.92 19.31
N ASP C 387 -23.22 -53.88 19.89
CA ASP C 387 -23.19 -52.58 19.26
C ASP C 387 -21.82 -51.95 19.19
N LYS C 388 -20.94 -52.40 20.05
CA LYS C 388 -19.53 -52.02 19.98
C LYS C 388 -18.92 -52.51 18.66
N VAL C 389 -19.22 -53.76 18.29
CA VAL C 389 -18.75 -54.35 17.03
C VAL C 389 -19.32 -53.58 15.83
N ILE C 390 -20.63 -53.35 15.87
CA ILE C 390 -21.33 -52.62 14.79
C ILE C 390 -20.73 -51.23 14.58
N LYS C 391 -20.69 -50.43 15.63
CA LYS C 391 -20.21 -49.05 15.55
C LYS C 391 -18.73 -48.97 15.15
N LYS C 392 -17.90 -49.86 15.69
CA LYS C 392 -16.47 -49.85 15.38
C LYS C 392 -16.19 -50.22 13.91
N MET C 393 -16.87 -51.23 13.39
CA MET C 393 -16.67 -51.65 12.01
C MET C 393 -17.12 -50.56 11.03
N ILE C 394 -18.25 -49.92 11.32
CA ILE C 394 -18.73 -48.81 10.49
C ILE C 394 -17.74 -47.64 10.53
N ALA C 395 -17.35 -47.25 11.73
CA ALA C 395 -16.46 -46.10 11.93
C ALA C 395 -15.09 -46.24 11.27
N GLU C 396 -14.59 -47.48 11.18
CA GLU C 396 -13.23 -47.72 10.72
C GLU C 396 -13.13 -48.26 9.29
N THR C 397 -14.27 -48.45 8.64
CA THR C 397 -14.30 -48.86 7.24
C THR C 397 -15.06 -47.86 6.39
N SER C 398 -15.01 -48.06 5.07
CA SER C 398 -15.82 -47.29 4.15
C SER C 398 -16.44 -48.19 3.09
N SER C 399 -17.72 -47.97 2.83
CA SER C 399 -18.48 -48.75 1.84
C SER C 399 -19.66 -47.91 1.42
N GLY C 400 -20.28 -48.27 0.30
CA GLY C 400 -21.44 -47.54 -0.21
C GLY C 400 -22.53 -47.45 0.84
N GLY C 401 -23.01 -48.61 1.27
CA GLY C 401 -23.99 -48.72 2.34
C GLY C 401 -23.64 -49.83 3.32
N VAL C 402 -24.36 -49.85 4.43
CA VAL C 402 -24.14 -50.85 5.48
C VAL C 402 -25.47 -51.43 5.95
N ALA C 403 -25.50 -52.74 6.13
CA ALA C 403 -26.60 -53.39 6.83
C ALA C 403 -26.06 -54.30 7.94
N ALA C 404 -26.62 -54.14 9.14
CA ALA C 404 -26.26 -54.96 10.29
C ALA C 404 -27.39 -55.94 10.57
N ASN C 405 -27.03 -57.23 10.62
CA ASN C 405 -27.95 -58.33 10.93
C ASN C 405 -28.99 -58.65 9.85
N ASP C 406 -28.73 -58.18 8.64
CA ASP C 406 -29.47 -58.59 7.46
C ASP C 406 -28.66 -58.24 6.22
N VAL C 407 -29.08 -58.74 5.07
CA VAL C 407 -28.47 -58.40 3.80
C VAL C 407 -29.53 -57.89 2.82
N ILE C 408 -29.07 -57.17 1.79
CA ILE C 408 -29.92 -56.71 0.67
C ILE C 408 -30.91 -55.59 1.02
N VAL C 409 -31.57 -55.72 2.16
CA VAL C 409 -32.74 -54.88 2.50
C VAL C 409 -32.52 -53.36 2.56
N HIS C 410 -31.29 -52.93 2.84
CA HIS C 410 -30.96 -51.49 2.94
C HIS C 410 -31.18 -50.73 1.65
N ILE C 411 -31.23 -51.45 0.52
CA ILE C 411 -31.42 -50.85 -0.80
C ILE C 411 -32.90 -50.76 -1.19
N THR C 412 -33.78 -51.24 -0.31
CA THR C 412 -35.22 -51.29 -0.61
C THR C 412 -36.01 -50.20 0.14
N LEU C 413 -35.31 -49.37 0.91
CA LEU C 413 -35.96 -48.35 1.74
C LEU C 413 -35.84 -46.96 1.14
N HIS C 414 -36.99 -46.31 0.95
CA HIS C 414 -37.06 -44.99 0.32
C HIS C 414 -36.19 -43.94 0.97
N SER C 415 -36.02 -44.07 2.29
CA SER C 415 -35.29 -43.08 3.08
C SER C 415 -33.76 -43.29 3.11
N LEU C 416 -33.29 -44.37 2.48
CA LEU C 416 -31.85 -44.64 2.43
C LEU C 416 -31.31 -44.58 1.00
N PRO C 417 -30.57 -43.50 0.67
CA PRO C 417 -29.95 -43.38 -0.67
C PRO C 417 -29.07 -44.59 -1.00
N PHE C 418 -29.12 -45.02 -2.26
CA PHE C 418 -28.36 -46.18 -2.70
C PHE C 418 -27.26 -45.79 -3.68
N GLY C 419 -26.03 -46.13 -3.31
CA GLY C 419 -24.87 -45.85 -4.16
C GLY C 419 -23.59 -46.37 -3.55
N GLY C 420 -22.51 -46.31 -4.34
CA GLY C 420 -21.22 -46.77 -3.88
C GLY C 420 -20.30 -45.64 -3.46
N VAL C 421 -19.06 -46.00 -3.15
CA VAL C 421 -18.01 -45.04 -2.87
C VAL C 421 -16.71 -45.61 -3.43
N GLY C 422 -15.83 -44.75 -3.92
CA GLY C 422 -14.58 -45.20 -4.54
C GLY C 422 -14.83 -46.07 -5.75
N ASN C 423 -14.22 -47.25 -5.76
CA ASN C 423 -14.39 -48.21 -6.87
C ASN C 423 -15.80 -48.75 -7.05
N SER C 424 -16.61 -48.70 -5.98
CA SER C 424 -18.01 -49.13 -6.06
C SER C 424 -18.94 -48.05 -6.63
N GLY C 425 -18.39 -46.86 -6.88
CA GLY C 425 -19.12 -45.83 -7.60
C GLY C 425 -19.19 -44.46 -6.95
N MET C 426 -19.91 -43.56 -7.61
CA MET C 426 -20.10 -42.19 -7.15
C MET C 426 -21.54 -41.76 -7.36
N GLY C 427 -22.05 -40.97 -6.41
CA GLY C 427 -23.43 -40.51 -6.44
C GLY C 427 -24.37 -41.58 -5.90
N SER C 428 -25.66 -41.24 -5.87
CA SER C 428 -26.66 -42.17 -5.35
C SER C 428 -28.03 -41.83 -5.91
N TYR C 429 -28.97 -42.74 -5.72
CA TYR C 429 -30.38 -42.49 -6.06
C TYR C 429 -31.33 -43.31 -5.16
N HIS C 430 -32.61 -43.36 -5.54
CA HIS C 430 -33.70 -43.93 -4.74
C HIS C 430 -34.42 -42.86 -3.98
N GLY C 431 -35.76 -42.88 -4.05
CA GLY C 431 -36.59 -41.89 -3.35
C GLY C 431 -36.23 -40.45 -3.69
N LYS C 432 -36.23 -39.61 -2.67
CA LYS C 432 -35.91 -38.18 -2.82
C LYS C 432 -34.55 -37.96 -3.49
N LYS C 433 -33.61 -38.86 -3.22
CA LYS C 433 -32.26 -38.75 -3.78
C LYS C 433 -32.25 -38.82 -5.31
N SER C 434 -33.15 -39.63 -5.87
CA SER C 434 -33.33 -39.70 -7.33
C SER C 434 -33.76 -38.37 -7.91
N PHE C 435 -34.72 -37.72 -7.24
CA PHE C 435 -35.18 -36.41 -7.67
C PHE C 435 -34.03 -35.41 -7.66
N GLU C 436 -33.26 -35.41 -6.57
CA GLU C 436 -32.11 -34.52 -6.41
C GLU C 436 -31.03 -34.80 -7.46
N THR C 437 -30.69 -36.08 -7.61
CA THR C 437 -29.66 -36.53 -8.55
C THR C 437 -29.96 -36.12 -10.00
N PHE C 438 -31.23 -36.22 -10.39
CA PHE C 438 -31.63 -35.89 -11.76
C PHE C 438 -32.13 -34.46 -11.91
N SER C 439 -31.92 -33.65 -10.89
CA SER C 439 -32.26 -32.23 -10.91
C SER C 439 -31.02 -31.37 -10.72
N HIS C 440 -31.11 -30.11 -11.13
CA HIS C 440 -30.17 -29.12 -10.64
C HIS C 440 -30.84 -28.33 -9.55
N ARG C 441 -30.17 -28.28 -8.40
CA ARG C 441 -30.63 -27.49 -7.27
C ARG C 441 -29.99 -26.11 -7.34
N ARG C 442 -30.83 -25.11 -7.58
CA ARG C 442 -30.39 -23.78 -7.95
C ARG C 442 -30.64 -22.80 -6.81
N SER C 443 -29.57 -22.26 -6.24
CA SER C 443 -29.69 -21.28 -5.16
C SER C 443 -30.22 -19.95 -5.69
N CYS C 444 -31.23 -19.41 -4.99
CA CYS C 444 -31.88 -18.18 -5.44
C CYS C 444 -31.98 -17.17 -4.32
N LEU C 445 -31.51 -15.96 -4.60
CA LEU C 445 -31.66 -14.83 -3.70
C LEU C 445 -32.49 -13.74 -4.38
N VAL C 446 -33.60 -13.38 -3.76
CA VAL C 446 -34.47 -12.33 -4.30
C VAL C 446 -34.53 -11.17 -3.32
N ARG C 447 -34.04 -10.02 -3.76
CA ARG C 447 -33.97 -8.82 -2.92
C ARG C 447 -34.95 -7.76 -3.40
N PRO C 448 -35.35 -6.84 -2.51
CA PRO C 448 -36.15 -5.71 -2.95
C PRO C 448 -35.29 -4.68 -3.68
N LEU C 449 -35.81 -4.10 -4.74
CA LEU C 449 -35.10 -3.05 -5.47
C LEU C 449 -35.52 -1.68 -4.93
N MET C 450 -35.12 -1.41 -3.70
CA MET C 450 -35.35 -0.12 -3.06
C MET C 450 -34.07 0.31 -2.35
N ASN C 451 -33.80 1.61 -2.39
CA ASN C 451 -32.57 2.18 -1.84
C ASN C 451 -32.28 1.74 -0.41
N ASP C 452 -31.39 0.77 -0.27
CA ASP C 452 -30.93 0.31 1.03
C ASP C 452 -29.63 1.03 1.40
N GLU C 453 -29.70 1.80 2.48
CA GLU C 453 -28.56 2.56 2.98
C GLU C 453 -27.57 1.66 3.70
N GLY C 454 -28.06 0.53 4.21
CA GLY C 454 -27.25 -0.45 4.93
C GLY C 454 -26.22 -1.14 4.05
N LEU C 455 -26.52 -1.26 2.77
CA LEU C 455 -25.61 -1.89 1.82
C LEU C 455 -24.48 -0.96 1.38
N LYS C 456 -24.67 0.34 1.56
CA LYS C 456 -23.77 1.36 1.00
C LYS C 456 -22.30 1.27 1.41
N VAL C 457 -22.00 0.56 2.50
CA VAL C 457 -20.62 0.38 2.95
C VAL C 457 -19.77 -0.46 1.98
N ARG C 458 -20.44 -1.32 1.21
CA ARG C 458 -19.76 -2.21 0.26
C ARG C 458 -19.24 -1.49 -0.98
N TYR C 459 -19.85 -0.35 -1.32
CA TYR C 459 -19.49 0.38 -2.53
C TYR C 459 -18.22 1.21 -2.35
N PRO C 460 -17.38 1.28 -3.39
CA PRO C 460 -16.27 2.24 -3.36
C PRO C 460 -16.81 3.68 -3.33
N PRO C 461 -16.05 4.63 -2.73
CA PRO C 461 -14.73 4.45 -2.13
C PRO C 461 -14.79 3.76 -0.76
N SER C 462 -13.75 3.00 -0.44
CA SER C 462 -13.65 2.34 0.85
C SER C 462 -13.45 3.37 1.96
N PRO C 463 -14.00 3.11 3.17
CA PRO C 463 -13.88 4.07 4.27
C PRO C 463 -12.44 4.36 4.65
N ALA C 464 -12.19 5.57 5.15
CA ALA C 464 -10.85 6.00 5.53
C ALA C 464 -10.39 5.33 6.82
N SER D 18 9.24 -38.71 -6.72
CA SER D 18 9.18 -37.24 -6.93
C SER D 18 8.67 -36.53 -5.68
N LYS D 19 8.79 -35.21 -5.67
CA LYS D 19 8.26 -34.39 -4.58
C LYS D 19 6.73 -34.48 -4.50
N ILE D 20 6.09 -34.52 -5.67
CA ILE D 20 4.63 -34.62 -5.76
C ILE D 20 4.12 -35.94 -5.19
N SER D 21 4.75 -37.05 -5.60
CA SER D 21 4.37 -38.38 -5.14
C SER D 21 4.56 -38.55 -3.63
N GLU D 22 5.70 -38.05 -3.14
CA GLU D 22 6.01 -38.09 -1.70
C GLU D 22 4.96 -37.36 -0.87
N ALA D 23 4.59 -36.15 -1.32
CA ALA D 23 3.61 -35.33 -0.62
C ALA D 23 2.24 -36.01 -0.51
N VAL D 24 1.81 -36.64 -1.59
CA VAL D 24 0.53 -37.34 -1.62
C VAL D 24 0.59 -38.63 -0.79
N LYS D 25 1.71 -39.35 -0.88
CA LYS D 25 1.94 -40.56 -0.10
C LYS D 25 1.88 -40.29 1.41
N ARG D 26 2.56 -39.21 1.84
CA ARG D 26 2.57 -38.81 3.24
C ARG D 26 1.18 -38.36 3.71
N ALA D 27 0.45 -37.68 2.83
CA ALA D 27 -0.92 -37.24 3.13
C ALA D 27 -1.88 -38.41 3.33
N ARG D 28 -1.74 -39.45 2.51
CA ARG D 28 -2.59 -40.64 2.62
C ARG D 28 -2.27 -41.49 3.84
N ALA D 29 -0.98 -41.64 4.14
CA ALA D 29 -0.53 -42.38 5.32
C ALA D 29 -1.00 -41.71 6.61
N ALA D 30 -1.03 -40.38 6.60
CA ALA D 30 -1.50 -39.61 7.75
C ALA D 30 -3.02 -39.70 7.90
N PHE D 31 -3.74 -39.80 6.79
CA PHE D 31 -5.18 -40.05 6.85
C PHE D 31 -5.48 -41.47 7.36
N SER D 32 -4.76 -42.45 6.83
CA SER D 32 -4.95 -43.86 7.19
C SER D 32 -4.70 -44.14 8.67
N SER D 33 -3.86 -43.32 9.31
CA SER D 33 -3.55 -43.45 10.73
C SER D 33 -4.77 -43.16 11.62
N GLY D 34 -5.74 -42.42 11.07
CA GLY D 34 -6.98 -42.11 11.76
C GLY D 34 -6.98 -40.79 12.50
N ARG D 35 -5.93 -39.98 12.27
CA ARG D 35 -5.75 -38.74 13.02
C ARG D 35 -6.80 -37.65 12.73
N THR D 36 -7.41 -37.68 11.55
CA THR D 36 -8.43 -36.68 11.20
C THR D 36 -9.82 -37.01 11.74
N ARG D 37 -10.02 -38.25 12.17
CA ARG D 37 -11.35 -38.74 12.53
C ARG D 37 -12.00 -38.04 13.73
N PRO D 38 -11.26 -37.86 14.84
CA PRO D 38 -11.87 -37.13 15.96
C PRO D 38 -12.20 -35.68 15.59
N LEU D 39 -13.41 -35.24 15.94
CA LEU D 39 -13.88 -33.90 15.61
C LEU D 39 -13.02 -32.79 16.22
N GLN D 40 -12.46 -33.06 17.40
CA GLN D 40 -11.56 -32.11 18.06
C GLN D 40 -10.31 -31.80 17.24
N PHE D 41 -9.77 -32.79 16.55
CA PHE D 41 -8.61 -32.58 15.69
C PHE D 41 -8.93 -31.62 14.54
N ARG D 42 -10.08 -31.83 13.91
CA ARG D 42 -10.52 -31.01 12.79
C ARG D 42 -10.77 -29.56 13.23
N ILE D 43 -11.39 -29.41 14.40
CA ILE D 43 -11.63 -28.08 14.98
C ILE D 43 -10.31 -27.38 15.27
N GLN D 44 -9.32 -28.14 15.75
CA GLN D 44 -7.99 -27.62 16.02
C GLN D 44 -7.28 -27.12 14.75
N GLN D 45 -7.52 -27.78 13.63
CA GLN D 45 -6.99 -27.32 12.34
C GLN D 45 -7.70 -26.06 11.86
N LEU D 46 -9.00 -25.96 12.15
CA LEU D 46 -9.80 -24.80 11.75
C LEU D 46 -9.47 -23.58 12.59
N GLU D 47 -9.26 -23.79 13.89
CA GLU D 47 -8.80 -22.72 14.79
C GLU D 47 -7.43 -22.22 14.38
N ALA D 48 -6.60 -23.12 13.84
CA ALA D 48 -5.29 -22.77 13.33
C ALA D 48 -5.39 -21.89 12.09
N LEU D 49 -6.43 -22.13 11.28
CA LEU D 49 -6.69 -21.30 10.11
C LEU D 49 -7.22 -19.91 10.49
N GLN D 50 -7.95 -19.83 11.61
CA GLN D 50 -8.37 -18.55 12.17
C GLN D 50 -7.13 -17.78 12.64
N ARG D 51 -6.22 -18.50 13.29
CA ARG D 51 -4.98 -17.94 13.79
C ARG D 51 -4.12 -17.42 12.63
N LEU D 52 -4.03 -18.23 11.57
CA LEU D 52 -3.31 -17.85 10.34
C LEU D 52 -3.84 -16.53 9.76
N ILE D 53 -5.16 -16.43 9.64
CA ILE D 53 -5.78 -15.24 9.06
C ILE D 53 -5.53 -13.99 9.92
N GLN D 54 -5.68 -14.14 11.24
CA GLN D 54 -5.43 -13.06 12.19
C GLN D 54 -3.99 -12.57 12.18
N GLU D 55 -3.04 -13.51 12.16
CA GLU D 55 -1.62 -13.20 12.29
C GLU D 55 -0.95 -12.81 10.98
N GLN D 56 -1.45 -13.33 9.87
CA GLN D 56 -0.85 -13.08 8.56
C GLN D 56 -1.67 -12.09 7.74
N GLU D 57 -2.53 -11.31 8.41
CA GLU D 57 -3.41 -10.36 7.76
C GLU D 57 -2.67 -9.42 6.79
N GLN D 58 -1.58 -8.81 7.27
CA GLN D 58 -0.80 -7.87 6.47
C GLN D 58 -0.03 -8.55 5.35
N GLU D 59 0.37 -9.80 5.59
CA GLU D 59 1.03 -10.61 4.57
C GLU D 59 0.04 -11.02 3.47
N LEU D 60 -1.20 -11.29 3.86
CA LEU D 60 -2.27 -11.63 2.91
C LEU D 60 -2.64 -10.44 2.02
N VAL D 61 -2.88 -9.30 2.66
CA VAL D 61 -3.14 -8.04 1.95
C VAL D 61 -1.99 -7.72 0.99
N GLY D 62 -0.76 -7.88 1.47
CA GLY D 62 0.44 -7.65 0.67
C GLY D 62 0.49 -8.48 -0.60
N ALA D 63 0.12 -9.76 -0.48
CA ALA D 63 0.09 -10.67 -1.64
C ALA D 63 -1.01 -10.30 -2.62
N LEU D 64 -2.19 -9.96 -2.09
CA LEU D 64 -3.33 -9.55 -2.92
C LEU D 64 -3.09 -8.22 -3.63
N ALA D 65 -2.35 -7.32 -2.95
CA ALA D 65 -1.97 -6.02 -3.51
C ALA D 65 -1.04 -6.19 -4.71
N ALA D 66 -0.07 -7.09 -4.58
CA ALA D 66 0.91 -7.32 -5.62
C ALA D 66 0.34 -8.10 -6.80
N ASP D 67 -0.56 -9.03 -6.52
CA ASP D 67 -1.16 -9.86 -7.56
C ASP D 67 -2.25 -9.15 -8.36
N LEU D 68 -3.10 -8.40 -7.68
CA LEU D 68 -4.33 -7.88 -8.30
C LEU D 68 -4.63 -6.41 -7.99
N HIS D 69 -3.71 -5.73 -7.32
CA HIS D 69 -3.86 -4.31 -6.95
C HIS D 69 -5.03 -4.08 -6.01
N LYS D 70 -5.26 -5.06 -5.13
CA LYS D 70 -6.24 -4.91 -4.06
C LYS D 70 -5.64 -4.08 -2.94
N ASN D 71 -6.50 -3.41 -2.16
CA ASN D 71 -6.06 -2.66 -1.00
C ASN D 71 -6.44 -3.35 0.31
N GLU D 72 -6.09 -2.73 1.44
CA GLU D 72 -6.35 -3.29 2.76
C GLU D 72 -7.83 -3.59 3.02
N TRP D 73 -8.72 -2.73 2.54
CA TRP D 73 -10.15 -2.89 2.79
C TRP D 73 -10.78 -4.01 1.99
N ASN D 74 -10.62 -3.99 0.67
CA ASN D 74 -11.26 -5.00 -0.19
C ASN D 74 -10.60 -6.38 -0.16
N ALA D 75 -9.34 -6.43 0.26
CA ALA D 75 -8.65 -7.70 0.48
C ALA D 75 -9.34 -8.48 1.59
N TYR D 76 -9.84 -7.75 2.59
CA TYR D 76 -10.57 -8.34 3.70
C TYR D 76 -12.07 -8.47 3.39
N TYR D 77 -12.72 -7.34 3.07
CA TYR D 77 -14.19 -7.30 2.97
C TYR D 77 -14.78 -7.86 1.68
N GLU D 78 -13.92 -8.21 0.72
CA GLU D 78 -14.39 -8.83 -0.53
C GLU D 78 -13.79 -10.22 -0.73
N GLU D 79 -13.04 -10.71 0.26
CA GLU D 79 -12.42 -12.03 0.15
C GLU D 79 -12.23 -12.72 1.50
N VAL D 80 -11.29 -12.22 2.30
CA VAL D 80 -10.83 -12.89 3.52
C VAL D 80 -11.92 -13.11 4.57
N VAL D 81 -12.74 -12.09 4.81
CA VAL D 81 -13.77 -12.13 5.87
C VAL D 81 -14.75 -13.29 5.72
N TYR D 82 -14.97 -13.73 4.47
CA TYR D 82 -15.90 -14.82 4.20
C TYR D 82 -15.31 -16.20 4.49
N VAL D 83 -13.98 -16.29 4.40
CA VAL D 83 -13.27 -17.50 4.85
C VAL D 83 -13.39 -17.61 6.37
N LEU D 84 -13.21 -16.48 7.07
CA LEU D 84 -13.38 -16.43 8.52
C LEU D 84 -14.79 -16.83 8.94
N GLU D 85 -15.78 -16.26 8.27
CA GLU D 85 -17.18 -16.56 8.51
C GLU D 85 -17.48 -18.05 8.32
N GLU D 86 -16.88 -18.64 7.28
CA GLU D 86 -17.02 -20.06 6.99
C GLU D 86 -16.43 -20.94 8.10
N ILE D 87 -15.21 -20.63 8.52
CA ILE D 87 -14.54 -21.37 9.61
C ILE D 87 -15.35 -21.30 10.89
N GLU D 88 -15.74 -20.09 11.28
CA GLU D 88 -16.56 -19.83 12.47
C GLU D 88 -17.85 -20.64 12.44
N TYR D 89 -18.47 -20.70 11.27
CA TYR D 89 -19.73 -21.40 11.05
C TYR D 89 -19.53 -22.92 11.12
N MET D 90 -18.43 -23.41 10.54
CA MET D 90 -18.14 -24.83 10.50
C MET D 90 -17.71 -25.41 11.84
N ILE D 91 -16.91 -24.65 12.60
CA ILE D 91 -16.50 -25.07 13.95
C ILE D 91 -17.74 -25.28 14.82
N GLN D 92 -18.67 -24.33 14.74
CA GLN D 92 -19.92 -24.37 15.49
C GLN D 92 -20.81 -25.54 15.08
N LYS D 93 -20.93 -25.78 13.78
CA LYS D 93 -21.89 -26.75 13.24
C LYS D 93 -21.36 -28.19 13.12
N LEU D 94 -20.04 -28.36 13.28
CA LEU D 94 -19.42 -29.67 13.02
C LEU D 94 -20.01 -30.85 13.81
N PRO D 95 -20.21 -30.71 15.14
CA PRO D 95 -20.86 -31.79 15.89
C PRO D 95 -22.22 -32.21 15.32
N GLU D 96 -23.04 -31.23 14.94
CA GLU D 96 -24.34 -31.49 14.33
C GLU D 96 -24.20 -32.21 12.99
N TRP D 97 -23.33 -31.70 12.12
CA TRP D 97 -23.12 -32.27 10.79
C TRP D 97 -22.57 -33.67 10.81
N ALA D 98 -21.62 -33.92 11.72
CA ALA D 98 -20.92 -35.20 11.77
C ALA D 98 -21.73 -36.34 12.39
N ALA D 99 -22.72 -35.99 13.21
CA ALA D 99 -23.55 -37.00 13.89
C ALA D 99 -24.33 -37.86 12.91
N ASP D 100 -24.52 -39.13 13.26
CA ASP D 100 -25.39 -40.03 12.49
C ASP D 100 -26.79 -39.41 12.38
N GLU D 101 -27.35 -39.46 11.18
CA GLU D 101 -28.65 -38.84 10.92
C GLU D 101 -29.74 -39.89 10.75
N PRO D 102 -30.62 -40.03 11.76
CA PRO D 102 -31.80 -40.90 11.63
C PRO D 102 -32.71 -40.43 10.50
N VAL D 103 -33.20 -41.39 9.71
CA VAL D 103 -34.12 -41.10 8.61
C VAL D 103 -35.49 -41.73 8.87
N GLU D 104 -36.47 -41.36 8.06
CA GLU D 104 -37.85 -41.83 8.25
C GLU D 104 -37.97 -43.36 8.19
N LYS D 105 -38.68 -43.93 9.16
CA LYS D 105 -38.91 -45.36 9.23
C LYS D 105 -40.24 -45.75 8.59
N THR D 106 -40.36 -47.03 8.22
CA THR D 106 -41.62 -47.58 7.72
C THR D 106 -42.27 -48.41 8.84
N PRO D 107 -43.57 -48.75 8.69
CA PRO D 107 -44.22 -49.59 9.70
C PRO D 107 -43.56 -50.97 9.87
N GLN D 108 -42.83 -51.42 8.84
CA GLN D 108 -42.14 -52.71 8.89
C GLN D 108 -40.68 -52.61 9.35
N THR D 109 -40.21 -51.38 9.56
CA THR D 109 -38.84 -51.15 10.04
C THR D 109 -38.82 -50.38 11.36
N GLN D 110 -39.89 -50.52 12.14
CA GLN D 110 -40.05 -49.80 13.40
C GLN D 110 -39.07 -50.28 14.46
N GLN D 111 -38.69 -51.55 14.40
CA GLN D 111 -37.73 -52.13 15.33
C GLN D 111 -36.29 -51.92 14.87
N ASP D 112 -36.13 -51.46 13.63
CA ASP D 112 -34.83 -51.24 13.02
C ASP D 112 -34.28 -49.84 13.34
N GLU D 113 -32.98 -49.67 13.10
CA GLU D 113 -32.35 -48.35 13.10
C GLU D 113 -31.98 -48.02 11.66
N LEU D 114 -32.49 -46.89 11.17
CA LEU D 114 -32.13 -46.39 9.85
C LEU D 114 -31.48 -45.03 10.01
N TYR D 115 -30.25 -44.91 9.52
CA TYR D 115 -29.53 -43.63 9.59
C TYR D 115 -28.49 -43.46 8.50
N ILE D 116 -28.06 -42.21 8.31
CA ILE D 116 -26.99 -41.90 7.38
C ILE D 116 -25.72 -41.53 8.16
N HIS D 117 -24.65 -42.26 7.89
CA HIS D 117 -23.35 -42.04 8.51
C HIS D 117 -22.46 -41.25 7.58
N SER D 118 -21.85 -40.19 8.10
CA SER D 118 -20.94 -39.37 7.30
C SER D 118 -19.49 -39.70 7.63
N GLU D 119 -18.69 -39.88 6.58
CA GLU D 119 -17.29 -40.23 6.73
C GLU D 119 -16.44 -39.53 5.67
N PRO D 120 -15.17 -39.25 5.99
CA PRO D 120 -14.26 -38.65 5.00
C PRO D 120 -14.04 -39.53 3.79
N LEU D 121 -13.79 -38.90 2.65
CA LEU D 121 -13.48 -39.61 1.43
C LEU D 121 -12.04 -40.11 1.44
N GLY D 122 -11.15 -39.31 2.03
CA GLY D 122 -9.75 -39.67 2.16
C GLY D 122 -8.83 -38.49 1.90
N VAL D 123 -8.17 -38.51 0.74
CA VAL D 123 -7.30 -37.42 0.33
C VAL D 123 -7.96 -36.60 -0.78
N VAL D 124 -8.29 -35.36 -0.45
CA VAL D 124 -8.93 -34.44 -1.39
C VAL D 124 -7.88 -33.54 -2.04
N LEU D 125 -8.05 -33.28 -3.33
CA LEU D 125 -7.25 -32.29 -4.04
C LEU D 125 -8.07 -31.03 -4.31
N VAL D 126 -7.54 -29.89 -3.90
CA VAL D 126 -8.14 -28.60 -4.23
C VAL D 126 -7.22 -27.83 -5.19
N ILE D 127 -7.70 -27.64 -6.41
CA ILE D 127 -6.99 -26.82 -7.39
C ILE D 127 -7.63 -25.42 -7.41
N GLY D 128 -6.85 -24.44 -6.96
CA GLY D 128 -7.34 -23.06 -6.85
C GLY D 128 -7.14 -22.27 -8.13
N THR D 129 -7.77 -21.10 -8.18
CA THR D 129 -7.63 -20.17 -9.29
C THR D 129 -7.11 -18.81 -8.79
N TRP D 130 -6.88 -17.87 -9.71
CA TRP D 130 -6.11 -16.67 -9.40
C TRP D 130 -6.89 -15.43 -9.01
N ASN D 131 -8.16 -15.35 -9.40
CA ASN D 131 -8.94 -14.11 -9.20
C ASN D 131 -9.26 -13.80 -7.74
N TYR D 132 -9.60 -14.83 -6.98
CA TYR D 132 -9.72 -14.73 -5.53
C TYR D 132 -8.87 -15.86 -4.95
N PRO D 133 -7.55 -15.66 -4.97
CA PRO D 133 -6.57 -16.74 -4.76
C PRO D 133 -6.47 -17.23 -3.32
N PHE D 134 -6.99 -16.46 -2.36
CA PHE D 134 -7.07 -16.94 -0.99
C PHE D 134 -8.37 -17.71 -0.76
N ASN D 135 -9.49 -17.04 -1.02
CA ASN D 135 -10.81 -17.64 -0.83
C ASN D 135 -11.01 -18.94 -1.61
N LEU D 136 -10.57 -18.97 -2.87
CA LEU D 136 -10.80 -20.13 -3.73
C LEU D 136 -9.77 -21.24 -3.57
N THR D 137 -8.91 -21.12 -2.56
CA THR D 137 -8.05 -22.22 -2.14
C THR D 137 -8.45 -22.68 -0.75
N ILE D 138 -8.68 -21.72 0.14
CA ILE D 138 -8.87 -21.98 1.56
C ILE D 138 -10.32 -22.31 1.94
N GLN D 139 -11.29 -21.68 1.29
CA GLN D 139 -12.69 -21.97 1.58
C GLN D 139 -13.07 -23.43 1.26
N PRO D 140 -12.72 -23.93 0.05
CA PRO D 140 -12.93 -25.36 -0.20
C PRO D 140 -12.11 -26.25 0.75
N MET D 141 -10.91 -25.78 1.11
CA MET D 141 -10.04 -26.51 2.02
C MET D 141 -10.69 -26.66 3.40
N VAL D 142 -11.29 -25.57 3.88
CA VAL D 142 -11.99 -25.54 5.18
C VAL D 142 -13.06 -26.63 5.25
N GLY D 143 -13.88 -26.72 4.21
CA GLY D 143 -14.90 -27.76 4.09
C GLY D 143 -14.30 -29.15 4.08
N ALA D 144 -13.26 -29.35 3.28
CA ALA D 144 -12.58 -30.63 3.18
C ALA D 144 -11.94 -31.06 4.49
N ILE D 145 -11.38 -30.10 5.24
CA ILE D 145 -10.80 -30.35 6.56
C ILE D 145 -11.90 -30.72 7.57
N ALA D 146 -12.98 -29.94 7.57
CA ALA D 146 -14.12 -30.19 8.46
C ALA D 146 -14.73 -31.57 8.24
N ALA D 147 -14.69 -32.06 7.00
CA ALA D 147 -15.20 -33.38 6.68
C ALA D 147 -14.21 -34.49 7.03
N GLY D 148 -13.05 -34.11 7.58
CA GLY D 148 -12.06 -35.07 8.08
C GLY D 148 -11.14 -35.65 7.01
N ASN D 149 -10.94 -34.91 5.93
CA ASN D 149 -10.04 -35.35 4.87
C ASN D 149 -8.64 -34.80 5.03
N ALA D 150 -7.66 -35.49 4.44
CA ALA D 150 -6.37 -34.90 4.12
C ALA D 150 -6.62 -34.05 2.89
N VAL D 151 -5.97 -32.89 2.81
CA VAL D 151 -6.22 -31.96 1.71
C VAL D 151 -4.93 -31.48 1.07
N VAL D 152 -4.76 -31.81 -0.21
CA VAL D 152 -3.63 -31.32 -0.99
C VAL D 152 -4.04 -30.06 -1.74
N LEU D 153 -3.31 -28.97 -1.50
CA LEU D 153 -3.62 -27.68 -2.12
CA LEU D 153 -3.60 -27.67 -2.12
C LEU D 153 -2.73 -27.40 -3.33
N LYS D 154 -3.36 -27.02 -4.44
CA LYS D 154 -2.67 -26.61 -5.65
C LYS D 154 -3.12 -25.19 -6.03
N PRO D 155 -2.43 -24.17 -5.51
CA PRO D 155 -2.77 -22.78 -5.82
C PRO D 155 -2.46 -22.44 -7.28
N SER D 156 -3.14 -21.43 -7.80
CA SER D 156 -2.87 -20.93 -9.15
C SER D 156 -1.47 -20.32 -9.20
N GLU D 157 -0.76 -20.60 -10.29
CA GLU D 157 0.56 -20.03 -10.50
C GLU D 157 0.50 -18.55 -10.96
N LEU D 158 -0.62 -18.15 -11.56
CA LEU D 158 -0.79 -16.79 -12.08
C LEU D 158 -0.82 -15.73 -10.98
N SER D 159 -1.39 -16.09 -9.82
CA SER D 159 -1.35 -15.25 -8.64
CA SER D 159 -1.36 -15.26 -8.64
C SER D 159 -0.10 -15.60 -7.83
N GLU D 160 1.05 -15.24 -8.39
CA GLU D 160 2.37 -15.62 -7.89
C GLU D 160 2.63 -15.39 -6.41
N ASN D 161 2.34 -14.19 -5.94
CA ASN D 161 2.63 -13.80 -4.55
C ASN D 161 1.81 -14.56 -3.53
N MET D 162 0.53 -14.82 -3.85
CA MET D 162 -0.32 -15.64 -2.99
C MET D 162 0.14 -17.09 -2.99
N ALA D 163 0.54 -17.59 -4.16
CA ALA D 163 0.99 -18.99 -4.30
C ALA D 163 2.22 -19.28 -3.44
N SER D 164 3.19 -18.36 -3.46
N SER D 164 3.19 -18.36 -3.46
CA SER D 164 4.41 -18.49 -2.68
CA SER D 164 4.41 -18.50 -2.67
C SER D 164 4.14 -18.30 -1.18
C SER D 164 4.15 -18.29 -1.18
N LEU D 165 3.21 -17.41 -0.86
CA LEU D 165 2.83 -17.14 0.53
C LEU D 165 2.18 -18.35 1.20
N LEU D 166 1.22 -18.96 0.50
CA LEU D 166 0.50 -20.13 1.02
C LEU D 166 1.42 -21.32 1.27
N ALA D 167 2.37 -21.56 0.34
CA ALA D 167 3.39 -22.58 0.52
C ALA D 167 4.21 -22.37 1.79
N THR D 168 4.38 -21.11 2.18
CA THR D 168 5.13 -20.76 3.40
C THR D 168 4.27 -20.83 4.65
N ILE D 169 3.10 -20.20 4.64
CA ILE D 169 2.30 -20.02 5.86
C ILE D 169 1.39 -21.20 6.26
N ILE D 170 0.88 -21.94 5.28
CA ILE D 170 0.02 -23.10 5.57
C ILE D 170 0.70 -24.12 6.50
N PRO D 171 1.94 -24.58 6.17
CA PRO D 171 2.62 -25.54 7.04
C PRO D 171 3.01 -24.99 8.42
N GLN D 172 3.03 -23.67 8.55
CA GLN D 172 3.32 -23.02 9.83
C GLN D 172 2.15 -23.07 10.80
N TYR D 173 0.95 -23.38 10.28
CA TYR D 173 -0.26 -23.41 11.10
C TYR D 173 -0.96 -24.76 11.08
N LEU D 174 -0.95 -25.42 9.94
CA LEU D 174 -1.64 -26.70 9.77
C LEU D 174 -0.69 -27.90 9.80
N ASP D 175 -1.25 -29.07 10.11
CA ASP D 175 -0.55 -30.34 10.06
C ASP D 175 0.20 -30.46 8.72
N LYS D 176 1.51 -30.67 8.81
CA LYS D 176 2.39 -30.63 7.64
C LYS D 176 2.22 -31.82 6.69
N ASP D 177 1.82 -32.97 7.24
CA ASP D 177 1.63 -34.18 6.45
C ASP D 177 0.26 -34.24 5.78
N LEU D 178 -0.78 -33.85 6.52
CA LEU D 178 -2.16 -33.97 6.06
C LEU D 178 -2.54 -32.92 5.03
N TYR D 179 -1.93 -31.74 5.13
CA TYR D 179 -2.37 -30.60 4.33
C TYR D 179 -1.23 -29.91 3.54
N PRO D 180 -0.62 -30.64 2.58
CA PRO D 180 0.51 -30.06 1.85
C PRO D 180 0.10 -29.06 0.77
N VAL D 181 0.98 -28.09 0.51
CA VAL D 181 0.82 -27.16 -0.61
C VAL D 181 1.78 -27.53 -1.72
N ILE D 182 1.24 -27.72 -2.92
CA ILE D 182 2.04 -28.03 -4.10
C ILE D 182 1.88 -26.89 -5.10
N ASN D 183 3.00 -26.23 -5.43
CA ASN D 183 3.00 -25.15 -6.42
C ASN D 183 3.54 -25.61 -7.77
N GLY D 184 3.10 -24.94 -8.83
CA GLY D 184 3.58 -25.25 -10.18
C GLY D 184 2.61 -24.88 -11.28
N GLY D 185 3.05 -25.08 -12.52
CA GLY D 185 2.25 -24.78 -13.70
C GLY D 185 1.59 -26.02 -14.28
N VAL D 186 1.46 -26.03 -15.61
CA VAL D 186 0.80 -27.13 -16.32
C VAL D 186 1.51 -28.48 -16.13
N PRO D 187 2.84 -28.55 -16.33
CA PRO D 187 3.54 -29.85 -16.18
C PRO D 187 3.42 -30.44 -14.77
N GLU D 188 3.46 -29.58 -13.76
CA GLU D 188 3.31 -29.99 -12.37
C GLU D 188 1.90 -30.50 -12.07
N THR D 189 0.90 -29.79 -12.60
CA THR D 189 -0.50 -30.17 -12.43
C THR D 189 -0.80 -31.50 -13.10
N THR D 190 -0.28 -31.67 -14.32
CA THR D 190 -0.40 -32.91 -15.08
C THR D 190 0.15 -34.10 -14.28
N GLU D 191 1.31 -33.94 -13.67
CA GLU D 191 1.90 -34.97 -12.82
C GLU D 191 1.08 -35.20 -11.55
N LEU D 192 0.59 -34.12 -10.97
CA LEU D 192 -0.26 -34.19 -9.77
C LEU D 192 -1.56 -34.95 -10.02
N LEU D 193 -2.09 -34.81 -11.23
CA LEU D 193 -3.35 -35.45 -11.62
C LEU D 193 -3.22 -36.96 -11.90
N LYS D 194 -2.00 -37.46 -11.90
CA LYS D 194 -1.73 -38.89 -12.04
C LYS D 194 -1.87 -39.61 -10.70
N GLU D 195 -1.78 -38.85 -9.61
CA GLU D 195 -1.90 -39.37 -8.26
C GLU D 195 -3.35 -39.72 -7.94
N ARG D 196 -3.54 -40.69 -7.04
CA ARG D 196 -4.89 -41.13 -6.71
C ARG D 196 -5.49 -40.32 -5.57
N PHE D 197 -6.54 -39.57 -5.89
CA PHE D 197 -7.29 -38.81 -4.91
C PHE D 197 -8.67 -39.40 -4.75
N ASP D 198 -9.31 -39.07 -3.63
CA ASP D 198 -10.64 -39.56 -3.31
C ASP D 198 -11.70 -38.54 -3.70
N HIS D 199 -11.26 -37.30 -3.90
CA HIS D 199 -12.11 -36.23 -4.43
C HIS D 199 -11.26 -35.11 -4.96
N ILE D 200 -11.73 -34.46 -6.02
CA ILE D 200 -11.06 -33.29 -6.57
C ILE D 200 -12.06 -32.15 -6.72
N LEU D 201 -11.79 -31.03 -6.06
CA LEU D 201 -12.50 -29.80 -6.34
C LEU D 201 -11.60 -28.93 -7.20
N TYR D 202 -12.10 -28.57 -8.38
CA TYR D 202 -11.37 -27.74 -9.31
C TYR D 202 -12.16 -26.47 -9.60
N THR D 203 -11.47 -25.34 -9.49
CA THR D 203 -12.03 -24.06 -9.84
C THR D 203 -11.21 -23.50 -10.99
N GLY D 204 -11.86 -23.28 -12.13
CA GLY D 204 -11.16 -22.78 -13.31
C GLY D 204 -11.99 -22.77 -14.57
N SER D 205 -11.32 -22.92 -15.70
CA SER D 205 -11.97 -22.79 -17.00
C SER D 205 -12.71 -24.05 -17.42
N THR D 206 -13.72 -23.86 -18.25
CA THR D 206 -14.53 -24.94 -18.81
C THR D 206 -13.68 -26.01 -19.53
N GLY D 207 -12.70 -25.55 -20.31
CA GLY D 207 -11.83 -26.44 -21.07
C GLY D 207 -10.92 -27.32 -20.23
N VAL D 208 -10.30 -26.73 -19.21
CA VAL D 208 -9.40 -27.49 -18.33
C VAL D 208 -10.21 -28.36 -17.36
N GLY D 209 -11.46 -27.97 -17.08
CA GLY D 209 -12.39 -28.80 -16.33
C GLY D 209 -12.55 -30.18 -16.95
N LYS D 210 -12.59 -30.23 -18.28
CA LYS D 210 -12.66 -31.48 -19.03
C LYS D 210 -11.41 -32.34 -18.82
N ILE D 211 -10.26 -31.68 -18.74
CA ILE D 211 -8.98 -32.36 -18.49
C ILE D 211 -8.92 -32.95 -17.09
N ILE D 212 -9.36 -32.17 -16.09
CA ILE D 212 -9.40 -32.65 -14.70
C ILE D 212 -10.33 -33.86 -14.58
N MET D 213 -11.49 -33.80 -15.21
CA MET D 213 -12.46 -34.89 -15.17
C MET D 213 -11.93 -36.15 -15.87
N THR D 214 -11.22 -35.95 -16.98
CA THR D 214 -10.59 -37.05 -17.72
C THR D 214 -9.57 -37.79 -16.83
N ALA D 215 -8.74 -37.03 -16.12
CA ALA D 215 -7.74 -37.60 -15.22
C ALA D 215 -8.39 -38.28 -14.00
N ALA D 216 -9.48 -37.68 -13.51
CA ALA D 216 -10.22 -38.22 -12.37
C ALA D 216 -10.84 -39.58 -12.66
N ALA D 217 -11.27 -39.76 -13.91
CA ALA D 217 -11.91 -41.00 -14.37
C ALA D 217 -10.99 -42.23 -14.23
N LYS D 218 -9.68 -42.00 -14.36
CA LYS D 218 -8.69 -43.08 -14.27
C LYS D 218 -8.66 -43.75 -12.88
N HIS D 219 -9.09 -43.01 -11.87
CA HIS D 219 -9.15 -43.54 -10.50
C HIS D 219 -10.55 -43.56 -9.97
N LEU D 220 -11.52 -43.31 -10.85
CA LEU D 220 -12.93 -43.13 -10.48
C LEU D 220 -13.05 -42.14 -9.33
N THR D 221 -12.37 -41.01 -9.47
CA THR D 221 -12.40 -39.95 -8.48
C THR D 221 -13.56 -39.02 -8.78
N PRO D 222 -14.48 -38.84 -7.81
CA PRO D 222 -15.57 -37.89 -7.99
C PRO D 222 -15.04 -36.45 -8.02
N VAL D 223 -15.70 -35.59 -8.80
CA VAL D 223 -15.22 -34.23 -9.01
C VAL D 223 -16.26 -33.16 -8.70
N THR D 224 -15.78 -32.06 -8.13
CA THR D 224 -16.56 -30.83 -8.05
C THR D 224 -15.85 -29.85 -8.98
N LEU D 225 -16.56 -29.43 -10.03
CA LEU D 225 -15.99 -28.50 -10.99
C LEU D 225 -16.72 -27.17 -10.91
N GLU D 226 -15.99 -26.15 -10.49
CA GLU D 226 -16.52 -24.80 -10.41
C GLU D 226 -15.97 -24.03 -11.60
N LEU D 227 -16.79 -23.91 -12.64
CA LEU D 227 -16.30 -23.40 -13.92
C LEU D 227 -16.86 -22.03 -14.24
N GLY D 228 -16.84 -21.67 -15.52
CA GLY D 228 -17.19 -20.32 -15.94
C GLY D 228 -18.32 -20.22 -16.96
N GLY D 229 -18.40 -19.04 -17.57
CA GLY D 229 -19.43 -18.72 -18.54
C GLY D 229 -19.67 -17.23 -18.52
N LYS D 230 -20.74 -16.79 -19.18
CA LYS D 230 -21.12 -15.39 -19.19
C LYS D 230 -22.42 -15.22 -18.42
N SER D 231 -22.33 -14.64 -17.22
CA SER D 231 -23.50 -14.43 -16.40
C SER D 231 -24.33 -13.26 -16.93
N PRO D 232 -25.54 -13.55 -17.46
CA PRO D 232 -26.35 -12.49 -18.00
C PRO D 232 -26.98 -11.65 -16.90
N CYS D 233 -27.26 -10.40 -17.22
CA CYS D 233 -27.93 -9.50 -16.29
C CYS D 233 -29.07 -8.79 -17.01
N TYR D 234 -30.28 -9.31 -16.82
CA TYR D 234 -31.46 -8.72 -17.45
C TYR D 234 -31.99 -7.55 -16.63
N VAL D 235 -32.18 -6.42 -17.29
CA VAL D 235 -32.72 -5.24 -16.62
C VAL D 235 -34.09 -4.87 -17.21
N ASP D 236 -35.11 -4.96 -16.36
CA ASP D 236 -36.50 -4.68 -16.73
C ASP D 236 -36.72 -3.19 -16.97
N LYS D 237 -37.54 -2.90 -17.97
CA LYS D 237 -37.86 -1.54 -18.41
C LYS D 237 -38.42 -0.64 -17.31
N ASN D 238 -39.14 -1.23 -16.36
CA ASN D 238 -39.94 -0.47 -15.41
C ASN D 238 -39.38 -0.34 -13.99
N CYS D 239 -38.17 -0.86 -13.77
CA CYS D 239 -37.58 -0.88 -12.45
C CYS D 239 -36.79 0.39 -12.12
N ASP D 240 -36.35 0.50 -10.87
CA ASP D 240 -35.52 1.63 -10.43
C ASP D 240 -34.11 1.47 -10.98
N LEU D 241 -33.84 2.20 -12.07
CA LEU D 241 -32.56 2.05 -12.78
C LEU D 241 -31.38 2.64 -12.02
N ASP D 242 -31.64 3.65 -11.21
CA ASP D 242 -30.61 4.27 -10.36
C ASP D 242 -30.02 3.24 -9.39
N VAL D 243 -30.90 2.49 -8.73
CA VAL D 243 -30.48 1.45 -7.79
C VAL D 243 -29.87 0.25 -8.54
N ALA D 244 -30.51 -0.14 -9.65
CA ALA D 244 -30.04 -1.27 -10.46
C ALA D 244 -28.62 -1.07 -10.97
N CYS D 245 -28.39 0.07 -11.62
CA CYS D 245 -27.09 0.34 -12.23
C CYS D 245 -25.97 0.52 -11.21
N ARG D 246 -26.31 1.03 -10.04
CA ARG D 246 -25.37 1.15 -8.93
C ARG D 246 -24.90 -0.24 -8.49
N ARG D 247 -25.84 -1.16 -8.36
CA ARG D 247 -25.56 -2.54 -7.95
C ARG D 247 -24.80 -3.31 -9.03
N ILE D 248 -25.23 -3.15 -10.28
CA ILE D 248 -24.57 -3.77 -11.43
C ILE D 248 -23.11 -3.30 -11.58
N ALA D 249 -22.90 -1.99 -11.55
CA ALA D 249 -21.54 -1.42 -11.66
C ALA D 249 -20.61 -1.94 -10.56
N TRP D 250 -21.16 -2.11 -9.36
CA TRP D 250 -20.42 -2.63 -8.22
C TRP D 250 -19.93 -4.04 -8.44
N GLY D 251 -20.84 -4.92 -8.86
CA GLY D 251 -20.48 -6.31 -9.11
C GLY D 251 -19.62 -6.53 -10.34
N LYS D 252 -19.85 -5.71 -11.37
CA LYS D 252 -19.12 -5.86 -12.63
C LYS D 252 -17.67 -5.36 -12.53
N PHE D 253 -17.45 -4.29 -11.78
CA PHE D 253 -16.14 -3.61 -11.82
C PHE D 253 -15.23 -3.85 -10.63
N MET D 254 -15.74 -4.53 -9.60
CA MET D 254 -14.87 -4.99 -8.51
C MET D 254 -13.86 -5.98 -9.06
N ASN D 255 -12.68 -6.02 -8.46
CA ASN D 255 -11.58 -6.88 -8.91
C ASN D 255 -11.25 -6.69 -10.39
N SER D 256 -11.39 -5.44 -10.86
CA SER D 256 -11.23 -5.08 -12.27
C SER D 256 -12.00 -6.05 -13.19
N GLY D 257 -13.21 -6.41 -12.78
CA GLY D 257 -14.08 -7.28 -13.57
C GLY D 257 -13.75 -8.77 -13.52
N GLN D 258 -12.78 -9.15 -12.70
CA GLN D 258 -12.30 -10.53 -12.67
C GLN D 258 -13.02 -11.36 -11.61
N THR D 259 -14.33 -11.50 -11.79
CA THR D 259 -15.17 -12.27 -10.88
C THR D 259 -16.03 -13.22 -11.70
N CYS D 260 -16.03 -14.47 -11.30
CA CYS D 260 -16.78 -15.53 -11.98
C CYS D 260 -18.29 -15.32 -11.95
N VAL D 261 -18.79 -14.67 -10.90
CA VAL D 261 -20.20 -14.32 -10.81
C VAL D 261 -20.48 -12.84 -11.12
N ALA D 262 -19.53 -12.18 -11.76
CA ALA D 262 -19.74 -10.79 -12.21
C ALA D 262 -20.88 -10.78 -13.22
N PRO D 263 -21.72 -9.73 -13.20
CA PRO D 263 -22.68 -9.58 -14.30
C PRO D 263 -21.91 -9.28 -15.59
N ASP D 264 -21.70 -10.32 -16.40
CA ASP D 264 -20.83 -10.26 -17.58
C ASP D 264 -21.33 -9.23 -18.61
N TYR D 265 -22.62 -9.34 -18.95
CA TYR D 265 -23.24 -8.44 -19.91
C TYR D 265 -24.66 -8.08 -19.49
N ILE D 266 -25.16 -6.98 -20.05
CA ILE D 266 -26.52 -6.51 -19.76
C ILE D 266 -27.44 -6.82 -20.95
N LEU D 267 -28.62 -7.36 -20.63
CA LEU D 267 -29.71 -7.47 -21.58
C LEU D 267 -30.79 -6.48 -21.16
N CYS D 268 -31.19 -5.61 -22.10
CA CYS D 268 -32.23 -4.61 -21.84
C CYS D 268 -32.95 -4.15 -23.12
N ASP D 269 -34.12 -3.55 -22.93
CA ASP D 269 -34.87 -2.90 -24.01
C ASP D 269 -34.06 -1.72 -24.53
N PRO D 270 -34.05 -1.50 -25.86
CA PRO D 270 -33.31 -0.37 -26.43
C PRO D 270 -33.74 1.00 -25.90
N SER D 271 -34.98 1.12 -25.44
CA SER D 271 -35.50 2.38 -24.90
C SER D 271 -34.85 2.82 -23.58
N ILE D 272 -34.20 1.89 -22.88
CA ILE D 272 -33.53 2.23 -21.62
C ILE D 272 -31.99 2.14 -21.65
N GLN D 273 -31.44 1.81 -22.81
CA GLN D 273 -29.98 1.68 -22.97
C GLN D 273 -29.23 2.96 -22.60
N ASN D 274 -29.66 4.09 -23.14
CA ASN D 274 -29.04 5.39 -22.85
C ASN D 274 -29.08 5.74 -21.37
N GLN D 275 -30.22 5.47 -20.73
CA GLN D 275 -30.39 5.69 -19.29
C GLN D 275 -29.44 4.82 -18.47
N ILE D 276 -29.33 3.55 -18.86
CA ILE D 276 -28.39 2.61 -18.24
C ILE D 276 -26.95 3.10 -18.37
N VAL D 277 -26.56 3.53 -19.57
CA VAL D 277 -25.21 4.08 -19.80
C VAL D 277 -24.92 5.24 -18.84
N GLU D 278 -25.84 6.21 -18.78
CA GLU D 278 -25.63 7.40 -17.95
C GLU D 278 -25.61 7.09 -16.45
N LYS D 279 -26.44 6.15 -16.02
CA LYS D 279 -26.51 5.77 -14.61
C LYS D 279 -25.32 4.92 -14.16
N LEU D 280 -24.82 4.06 -15.05
CA LEU D 280 -23.59 3.31 -14.79
C LEU D 280 -22.40 4.25 -14.68
N LYS D 281 -22.34 5.26 -15.56
CA LYS D 281 -21.30 6.27 -15.53
C LYS D 281 -21.29 7.06 -14.23
N LYS D 282 -22.48 7.44 -13.76
CA LYS D 282 -22.63 8.18 -12.51
C LYS D 282 -22.10 7.38 -11.32
N SER D 283 -22.42 6.08 -11.28
CA SER D 283 -21.95 5.21 -10.20
C SER D 283 -20.44 4.97 -10.27
N LEU D 284 -19.93 4.70 -11.48
CA LEU D 284 -18.50 4.49 -11.70
C LEU D 284 -17.66 5.69 -11.26
N LYS D 285 -18.12 6.90 -11.59
CA LYS D 285 -17.47 8.13 -11.18
C LYS D 285 -17.51 8.32 -9.67
N GLU D 286 -18.63 7.96 -9.04
CA GLU D 286 -18.74 7.98 -7.58
C GLU D 286 -17.81 6.95 -6.93
N PHE D 287 -17.69 5.78 -7.55
CA PHE D 287 -16.87 4.69 -7.02
C PHE D 287 -15.37 5.01 -7.09
N TYR D 288 -14.90 5.37 -8.29
CA TYR D 288 -13.46 5.47 -8.54
C TYR D 288 -12.98 6.85 -8.98
N GLY D 289 -13.89 7.83 -8.99
CA GLY D 289 -13.55 9.20 -9.40
C GLY D 289 -13.55 9.37 -10.91
N GLU D 290 -13.19 10.57 -11.36
CA GLU D 290 -13.14 10.89 -12.79
C GLU D 290 -12.11 10.02 -13.52
N ASP D 291 -10.97 9.81 -12.87
CA ASP D 291 -9.89 8.96 -13.40
C ASP D 291 -9.71 7.75 -12.50
N ALA D 292 -10.22 6.60 -12.95
CA ALA D 292 -10.19 5.36 -12.18
C ALA D 292 -8.77 4.85 -11.90
N LYS D 293 -7.80 5.34 -12.66
CA LYS D 293 -6.39 4.98 -12.49
C LYS D 293 -5.82 5.51 -11.17
N LYS D 294 -6.42 6.58 -10.64
CA LYS D 294 -5.95 7.20 -9.41
C LYS D 294 -6.66 6.67 -8.15
N SER D 295 -7.60 5.77 -8.35
CA SER D 295 -8.34 5.16 -7.24
C SER D 295 -7.59 3.97 -6.65
N ARG D 296 -7.51 3.94 -5.32
CA ARG D 296 -6.89 2.80 -4.64
C ARG D 296 -7.81 1.58 -4.63
N ASP D 297 -9.09 1.81 -4.91
CA ASP D 297 -10.11 0.77 -4.87
C ASP D 297 -10.26 0.01 -6.19
N TYR D 298 -9.64 0.54 -7.24
CA TYR D 298 -9.69 -0.08 -8.56
C TYR D 298 -8.50 -1.01 -8.77
N GLY D 299 -8.79 -2.24 -9.20
CA GLY D 299 -7.77 -3.27 -9.37
C GLY D 299 -7.07 -3.23 -10.71
N ARG D 300 -6.28 -4.28 -10.97
CA ARG D 300 -5.56 -4.42 -12.24
C ARG D 300 -5.73 -5.82 -12.78
N ILE D 301 -5.54 -5.97 -14.09
CA ILE D 301 -5.57 -7.29 -14.73
C ILE D 301 -4.38 -8.14 -14.26
N ILE D 302 -4.64 -9.43 -14.05
CA ILE D 302 -3.67 -10.37 -13.48
C ILE D 302 -2.36 -10.50 -14.27
N SER D 303 -2.47 -10.51 -15.61
CA SER D 303 -1.32 -10.80 -16.46
C SER D 303 -1.40 -10.04 -17.79
N ALA D 304 -0.29 -10.07 -18.52
CA ALA D 304 -0.20 -9.42 -19.83
C ALA D 304 -1.06 -10.12 -20.88
N ARG D 305 -1.15 -11.45 -20.79
CA ARG D 305 -1.96 -12.23 -21.72
C ARG D 305 -3.44 -11.87 -21.61
N HIS D 306 -3.92 -11.75 -20.37
CA HIS D 306 -5.31 -11.37 -20.12
C HIS D 306 -5.57 -9.92 -20.41
N PHE D 307 -4.57 -9.07 -20.18
CA PHE D 307 -4.69 -7.65 -20.52
C PHE D 307 -4.95 -7.47 -22.01
N GLN D 308 -4.17 -8.15 -22.84
CA GLN D 308 -4.32 -8.08 -24.29
C GLN D 308 -5.63 -8.70 -24.74
N ARG D 309 -6.02 -9.79 -24.08
CA ARG D 309 -7.28 -10.49 -24.38
C ARG D 309 -8.48 -9.55 -24.17
N VAL D 310 -8.52 -8.88 -23.03
CA VAL D 310 -9.62 -7.97 -22.73
C VAL D 310 -9.62 -6.73 -23.64
N MET D 311 -8.44 -6.12 -23.81
CA MET D 311 -8.30 -4.97 -24.72
C MET D 311 -8.70 -5.32 -26.16
N GLY D 312 -8.41 -6.55 -26.56
CA GLY D 312 -8.80 -7.06 -27.88
C GLY D 312 -10.31 -7.08 -28.09
N LEU D 313 -11.05 -7.34 -27.01
CA LEU D 313 -12.52 -7.40 -27.07
C LEU D 313 -13.17 -6.03 -27.24
N ILE D 314 -12.41 -4.97 -27.01
CA ILE D 314 -12.90 -3.60 -27.18
C ILE D 314 -12.85 -3.18 -28.65
N GLU D 315 -11.91 -3.77 -29.39
CA GLU D 315 -11.73 -3.46 -30.81
C GLU D 315 -13.00 -3.73 -31.63
N GLY D 316 -13.36 -2.78 -32.48
CA GLY D 316 -14.52 -2.89 -33.36
C GLY D 316 -15.85 -2.62 -32.67
N GLN D 317 -15.79 -2.16 -31.42
CA GLN D 317 -16.99 -1.92 -30.62
C GLN D 317 -17.22 -0.43 -30.39
N LYS D 318 -18.49 -0.05 -30.25
CA LYS D 318 -18.84 1.33 -29.95
C LYS D 318 -18.66 1.60 -28.45
N VAL D 319 -17.65 2.40 -28.12
CA VAL D 319 -17.31 2.71 -26.74
C VAL D 319 -18.11 3.91 -26.24
N ALA D 320 -19.00 3.66 -25.28
CA ALA D 320 -19.82 4.71 -24.71
C ALA D 320 -19.09 5.42 -23.56
N TYR D 321 -18.16 4.69 -22.94
CA TYR D 321 -17.40 5.20 -21.79
C TYR D 321 -16.12 4.39 -21.64
N GLY D 322 -15.05 5.07 -21.24
CA GLY D 322 -13.75 4.43 -21.03
C GLY D 322 -13.12 3.96 -22.33
N GLY D 323 -12.65 2.71 -22.34
CA GLY D 323 -12.10 2.09 -23.55
C GLY D 323 -10.58 2.13 -23.69
N THR D 324 -9.91 2.81 -22.77
CA THR D 324 -8.44 2.91 -22.83
C THR D 324 -7.75 1.99 -21.80
N GLY D 325 -6.52 1.60 -22.11
CA GLY D 325 -5.74 0.76 -21.22
C GLY D 325 -4.25 1.07 -21.23
N ASP D 326 -3.55 0.64 -20.17
CA ASP D 326 -2.10 0.81 -20.06
C ASP D 326 -1.43 -0.56 -19.85
N ALA D 327 -0.70 -1.01 -20.87
CA ALA D 327 -0.06 -2.33 -20.88
C ALA D 327 0.96 -2.54 -19.76
N ALA D 328 1.74 -1.51 -19.47
CA ALA D 328 2.80 -1.58 -18.46
C ALA D 328 2.27 -1.83 -17.05
N THR D 329 1.11 -1.24 -16.73
CA THR D 329 0.52 -1.37 -15.39
C THR D 329 -0.69 -2.32 -15.38
N ARG D 330 -1.07 -2.80 -16.55
CA ARG D 330 -2.23 -3.69 -16.75
C ARG D 330 -3.54 -3.05 -16.26
N TYR D 331 -3.65 -1.74 -16.47
CA TYR D 331 -4.86 -1.00 -16.14
C TYR D 331 -5.79 -0.96 -17.34
N ILE D 332 -7.06 -1.29 -17.12
CA ILE D 332 -8.08 -1.09 -18.13
C ILE D 332 -9.17 -0.23 -17.52
N ALA D 333 -9.42 0.92 -18.14
CA ALA D 333 -10.45 1.85 -17.71
C ALA D 333 -11.82 1.16 -17.75
N PRO D 334 -12.69 1.46 -16.76
CA PRO D 334 -14.05 0.95 -16.79
C PRO D 334 -14.71 1.30 -18.12
N THR D 335 -15.12 0.29 -18.87
CA THR D 335 -15.61 0.46 -20.22
C THR D 335 -17.05 -0.01 -20.37
N ILE D 336 -17.87 0.82 -21.01
CA ILE D 336 -19.24 0.46 -21.36
C ILE D 336 -19.38 0.46 -22.89
N LEU D 337 -19.94 -0.62 -23.43
CA LEU D 337 -20.15 -0.76 -24.86
C LEU D 337 -21.63 -0.82 -25.19
N THR D 338 -22.03 -0.11 -26.25
CA THR D 338 -23.43 0.01 -26.63
C THR D 338 -23.77 -0.72 -27.92
N ASP D 339 -25.03 -1.13 -28.04
CA ASP D 339 -25.57 -1.80 -29.24
C ASP D 339 -24.66 -2.93 -29.73
N VAL D 340 -24.30 -3.80 -28.79
CA VAL D 340 -23.31 -4.83 -29.07
C VAL D 340 -23.93 -5.99 -29.86
N ASP D 341 -23.29 -6.33 -30.97
CA ASP D 341 -23.63 -7.50 -31.76
C ASP D 341 -23.37 -8.75 -30.92
N PRO D 342 -24.43 -9.55 -30.67
CA PRO D 342 -24.30 -10.78 -29.87
C PRO D 342 -23.34 -11.82 -30.46
N GLN D 343 -22.99 -11.67 -31.73
CA GLN D 343 -22.06 -12.57 -32.40
C GLN D 343 -20.61 -12.06 -32.37
N SER D 344 -20.42 -10.86 -31.84
CA SER D 344 -19.09 -10.25 -31.78
C SER D 344 -18.26 -10.83 -30.63
N PRO D 345 -16.92 -10.78 -30.76
CA PRO D 345 -15.99 -11.38 -29.80
C PRO D 345 -16.32 -11.16 -28.31
N VAL D 346 -16.65 -9.93 -27.94
CA VAL D 346 -16.95 -9.59 -26.54
C VAL D 346 -18.22 -10.29 -26.02
N MET D 347 -19.05 -10.78 -26.94
CA MET D 347 -20.24 -11.53 -26.59
C MET D 347 -20.13 -13.02 -26.95
N GLN D 348 -18.89 -13.47 -27.16
CA GLN D 348 -18.62 -14.86 -27.52
C GLN D 348 -17.66 -15.55 -26.56
N GLU D 349 -17.22 -14.82 -25.54
CA GLU D 349 -16.38 -15.39 -24.48
C GLU D 349 -16.60 -14.66 -23.16
N GLU D 350 -16.28 -15.34 -22.06
CA GLU D 350 -16.29 -14.74 -20.73
C GLU D 350 -15.27 -13.59 -20.73
N ILE D 351 -15.76 -12.38 -20.44
CA ILE D 351 -14.93 -11.18 -20.53
C ILE D 351 -13.87 -11.17 -19.43
N PHE D 352 -14.33 -11.35 -18.19
CA PHE D 352 -13.44 -11.37 -17.03
C PHE D 352 -12.56 -10.11 -17.01
N GLY D 353 -13.20 -8.97 -17.22
CA GLY D 353 -12.53 -7.69 -17.30
C GLY D 353 -13.53 -6.55 -17.21
N PRO D 354 -13.04 -5.32 -17.08
CA PRO D 354 -13.91 -4.17 -16.85
C PRO D 354 -14.51 -3.60 -18.14
N VAL D 355 -15.07 -4.49 -18.95
CA VAL D 355 -15.73 -4.12 -20.19
C VAL D 355 -17.14 -4.67 -20.16
N LEU D 356 -18.12 -3.76 -20.13
CA LEU D 356 -19.51 -4.14 -19.98
C LEU D 356 -20.30 -3.86 -21.26
N PRO D 357 -20.62 -4.92 -22.02
CA PRO D 357 -21.43 -4.77 -23.22
C PRO D 357 -22.91 -4.71 -22.90
N ILE D 358 -23.64 -3.89 -23.63
CA ILE D 358 -25.08 -3.84 -23.51
C ILE D 358 -25.69 -4.43 -24.78
N VAL D 359 -26.48 -5.49 -24.59
CA VAL D 359 -27.13 -6.19 -25.70
C VAL D 359 -28.63 -5.95 -25.63
N CYS D 360 -29.20 -5.43 -26.71
CA CYS D 360 -30.61 -5.07 -26.73
C CYS D 360 -31.51 -6.26 -27.05
N VAL D 361 -32.53 -6.45 -26.22
CA VAL D 361 -33.61 -7.41 -26.47
C VAL D 361 -34.94 -6.69 -26.35
N ARG D 362 -35.94 -7.13 -27.10
CA ARG D 362 -37.20 -6.40 -27.23
C ARG D 362 -38.25 -6.78 -26.18
N SER D 363 -37.97 -7.83 -25.41
CA SER D 363 -38.91 -8.31 -24.39
C SER D 363 -38.22 -9.27 -23.41
N LEU D 364 -38.94 -9.61 -22.34
CA LEU D 364 -38.51 -10.65 -21.40
C LEU D 364 -38.36 -11.98 -22.12
N GLU D 365 -39.32 -12.29 -22.99
CA GLU D 365 -39.33 -13.53 -23.76
C GLU D 365 -38.11 -13.63 -24.67
N GLU D 366 -37.73 -12.52 -25.30
CA GLU D 366 -36.51 -12.47 -26.10
C GLU D 366 -35.26 -12.68 -25.25
N ALA D 367 -35.27 -12.14 -24.03
CA ALA D 367 -34.16 -12.30 -23.10
C ALA D 367 -34.00 -13.76 -22.67
N ILE D 368 -35.12 -14.40 -22.34
CA ILE D 368 -35.15 -15.82 -21.97
C ILE D 368 -34.59 -16.68 -23.11
N GLN D 369 -35.08 -16.44 -24.33
CA GLN D 369 -34.60 -17.13 -25.53
C GLN D 369 -33.10 -16.93 -25.73
N PHE D 370 -32.64 -15.70 -25.52
CA PHE D 370 -31.22 -15.36 -25.67
C PHE D 370 -30.35 -16.20 -24.73
N ILE D 371 -30.72 -16.22 -23.45
CA ILE D 371 -29.97 -16.94 -22.43
C ILE D 371 -29.97 -18.45 -22.68
N ASN D 372 -31.12 -18.97 -23.10
CA ASN D 372 -31.28 -20.41 -23.34
C ASN D 372 -30.51 -20.95 -24.54
N GLN D 373 -30.26 -20.08 -25.52
CA GLN D 373 -29.49 -20.45 -26.71
C GLN D 373 -28.00 -20.60 -26.42
N ARG D 374 -27.57 -20.12 -25.25
CA ARG D 374 -26.17 -20.18 -24.86
C ARG D 374 -25.95 -21.22 -23.75
N GLU D 375 -24.69 -21.46 -23.41
CA GLU D 375 -24.35 -22.41 -22.36
C GLU D 375 -24.84 -21.91 -21.00
N LYS D 376 -25.16 -22.83 -20.09
CA LYS D 376 -25.72 -22.48 -18.78
C LYS D 376 -24.70 -21.71 -17.95
N PRO D 377 -25.04 -20.46 -17.56
CA PRO D 377 -24.09 -19.61 -16.85
C PRO D 377 -23.99 -19.94 -15.37
N LEU D 378 -22.89 -19.54 -14.73
CA LEU D 378 -22.68 -19.77 -13.30
C LEU D 378 -23.69 -19.00 -12.47
N ALA D 379 -23.93 -17.76 -12.86
CA ALA D 379 -24.92 -16.90 -12.22
C ALA D 379 -25.86 -16.34 -13.25
N LEU D 380 -27.08 -16.01 -12.81
CA LEU D 380 -28.03 -15.30 -13.66
C LEU D 380 -28.67 -14.21 -12.83
N TYR D 381 -28.67 -13.00 -13.35
CA TYR D 381 -29.18 -11.85 -12.64
C TYR D 381 -30.35 -11.20 -13.36
N MET D 382 -31.29 -10.68 -12.59
CA MET D 382 -32.40 -9.91 -13.14
C MET D 382 -32.74 -8.75 -12.21
N PHE D 383 -33.04 -7.61 -12.81
CA PHE D 383 -33.46 -6.43 -12.05
C PHE D 383 -34.87 -6.04 -12.48
N SER D 384 -35.80 -6.12 -11.52
CA SER D 384 -37.22 -5.92 -11.78
C SER D 384 -38.01 -5.78 -10.49
N SER D 385 -39.01 -4.90 -10.50
CA SER D 385 -39.95 -4.75 -9.39
CA SER D 385 -39.95 -4.75 -9.39
C SER D 385 -41.18 -5.64 -9.61
N ASN D 386 -41.22 -6.30 -10.76
CA ASN D 386 -42.32 -7.19 -11.13
C ASN D 386 -42.03 -8.66 -10.79
N ASP D 387 -42.74 -9.17 -9.79
CA ASP D 387 -42.53 -10.54 -9.29
C ASP D 387 -42.75 -11.62 -10.36
N LYS D 388 -43.69 -11.39 -11.28
CA LYS D 388 -43.97 -12.30 -12.39
C LYS D 388 -42.77 -12.43 -13.35
N VAL D 389 -42.09 -11.32 -13.58
CA VAL D 389 -40.91 -11.27 -14.44
C VAL D 389 -39.78 -12.11 -13.84
N ILE D 390 -39.55 -11.94 -12.54
CA ILE D 390 -38.52 -12.67 -11.82
C ILE D 390 -38.81 -14.18 -11.83
N LYS D 391 -40.03 -14.55 -11.46
CA LYS D 391 -40.43 -15.96 -11.42
C LYS D 391 -40.38 -16.64 -12.78
N LYS D 392 -40.78 -15.92 -13.83
CA LYS D 392 -40.77 -16.49 -15.19
C LYS D 392 -39.36 -16.71 -15.70
N MET D 393 -38.48 -15.72 -15.53
CA MET D 393 -37.09 -15.85 -15.95
C MET D 393 -36.39 -17.03 -15.27
N ILE D 394 -36.60 -17.19 -13.97
CA ILE D 394 -36.03 -18.32 -13.22
C ILE D 394 -36.59 -19.64 -13.76
N ALA D 395 -37.92 -19.73 -13.88
CA ALA D 395 -38.59 -20.96 -14.29
C ALA D 395 -38.22 -21.43 -15.70
N GLU D 396 -37.89 -20.49 -16.58
CA GLU D 396 -37.64 -20.82 -17.99
C GLU D 396 -36.18 -20.79 -18.42
N THR D 397 -35.28 -20.53 -17.47
CA THR D 397 -33.83 -20.60 -17.71
C THR D 397 -33.17 -21.58 -16.75
N SER D 398 -31.90 -21.87 -17.01
CA SER D 398 -31.09 -22.65 -16.08
C SER D 398 -29.73 -21.99 -15.87
N SER D 399 -29.33 -21.90 -14.60
CA SER D 399 -28.05 -21.34 -14.24
C SER D 399 -27.60 -21.99 -12.93
N GLY D 400 -26.34 -21.83 -12.56
CA GLY D 400 -25.83 -22.35 -11.31
C GLY D 400 -26.60 -21.77 -10.14
N GLY D 401 -26.61 -20.44 -10.06
CA GLY D 401 -27.35 -19.72 -9.02
C GLY D 401 -28.04 -18.49 -9.60
N VAL D 402 -28.93 -17.90 -8.81
CA VAL D 402 -29.70 -16.72 -9.23
C VAL D 402 -29.74 -15.66 -8.14
N ALA D 403 -29.57 -14.41 -8.56
CA ALA D 403 -29.88 -13.28 -7.69
C ALA D 403 -30.81 -12.31 -8.42
N ALA D 404 -31.86 -11.88 -7.74
CA ALA D 404 -32.77 -10.89 -8.29
C ALA D 404 -32.63 -9.58 -7.53
N ASN D 405 -32.41 -8.51 -8.30
CA ASN D 405 -32.24 -7.14 -7.77
C ASN D 405 -30.94 -6.90 -7.00
N ASP D 406 -29.98 -7.80 -7.19
CA ASP D 406 -28.60 -7.61 -6.71
C ASP D 406 -27.68 -8.56 -7.49
N VAL D 407 -26.39 -8.38 -7.31
CA VAL D 407 -25.38 -9.24 -7.93
C VAL D 407 -24.40 -9.74 -6.86
N ILE D 408 -23.71 -10.85 -7.18
CA ILE D 408 -22.61 -11.39 -6.37
C ILE D 408 -23.02 -12.00 -5.01
N VAL D 409 -23.82 -11.25 -4.26
CA VAL D 409 -24.05 -11.54 -2.84
CA VAL D 409 -24.12 -11.52 -2.83
C VAL D 409 -24.65 -12.94 -2.55
N HIS D 410 -25.29 -13.55 -3.54
CA HIS D 410 -25.88 -14.89 -3.36
C HIS D 410 -24.89 -15.98 -3.03
N ILE D 411 -23.61 -15.71 -3.30
CA ILE D 411 -22.54 -16.67 -3.02
C ILE D 411 -21.92 -16.47 -1.62
N THR D 412 -22.43 -15.50 -0.87
CA THR D 412 -21.87 -15.17 0.44
C THR D 412 -22.70 -15.75 1.59
N LEU D 413 -23.79 -16.42 1.25
CA LEU D 413 -24.74 -16.90 2.25
C LEU D 413 -24.59 -18.39 2.51
N HIS D 414 -24.40 -18.74 3.78
CA HIS D 414 -24.15 -20.13 4.20
C HIS D 414 -25.21 -21.12 3.81
N SER D 415 -26.46 -20.66 3.72
CA SER D 415 -27.59 -21.56 3.44
C SER D 415 -27.85 -21.79 1.94
N LEU D 416 -27.08 -21.10 1.10
CA LEU D 416 -27.23 -21.24 -0.35
C LEU D 416 -25.99 -21.86 -0.98
N PRO D 417 -26.06 -23.16 -1.32
CA PRO D 417 -24.94 -23.85 -1.98
C PRO D 417 -24.49 -23.12 -3.24
N PHE D 418 -23.17 -23.12 -3.47
CA PHE D 418 -22.59 -22.42 -4.61
C PHE D 418 -21.97 -23.39 -5.60
N GLY D 419 -22.41 -23.29 -6.86
CA GLY D 419 -21.90 -24.15 -7.91
C GLY D 419 -22.57 -23.89 -9.24
N GLY D 420 -22.07 -24.52 -10.29
CA GLY D 420 -22.61 -24.34 -11.62
C GLY D 420 -23.51 -25.46 -12.08
N VAL D 421 -23.85 -25.42 -13.37
CA VAL D 421 -24.61 -26.47 -14.03
C VAL D 421 -24.18 -26.47 -15.50
N GLY D 422 -24.13 -27.66 -16.10
CA GLY D 422 -23.65 -27.81 -17.47
C GLY D 422 -22.22 -27.31 -17.60
N ASN D 423 -22.00 -26.39 -18.54
CA ASN D 423 -20.66 -25.85 -18.79
C ASN D 423 -20.08 -25.00 -17.65
N SER D 424 -20.94 -24.49 -16.78
CA SER D 424 -20.49 -23.71 -15.63
C SER D 424 -20.08 -24.59 -14.44
N GLY D 425 -20.26 -25.90 -14.57
CA GLY D 425 -19.70 -26.86 -13.62
C GLY D 425 -20.65 -27.91 -13.09
N MET D 426 -20.13 -28.73 -12.19
CA MET D 426 -20.92 -29.78 -11.54
C MET D 426 -20.58 -29.85 -10.06
N GLY D 427 -21.60 -30.13 -9.25
CA GLY D 427 -21.44 -30.17 -7.80
C GLY D 427 -21.47 -28.77 -7.21
N SER D 428 -21.36 -28.71 -5.88
CA SER D 428 -21.43 -27.44 -5.18
C SER D 428 -20.79 -27.55 -3.81
N TYR D 429 -20.47 -26.40 -3.22
CA TYR D 429 -19.97 -26.35 -1.85
C TYR D 429 -20.44 -25.08 -1.12
N HIS D 430 -19.81 -24.77 0.02
CA HIS D 430 -20.23 -23.70 0.94
C HIS D 430 -21.11 -24.26 2.03
N GLY D 431 -20.76 -23.94 3.28
CA GLY D 431 -21.55 -24.35 4.44
C GLY D 431 -21.70 -25.85 4.56
N LYS D 432 -22.92 -26.29 4.88
CA LYS D 432 -23.22 -27.73 5.03
C LYS D 432 -22.91 -28.51 3.75
N LYS D 433 -23.15 -27.87 2.60
CA LYS D 433 -22.89 -28.49 1.30
C LYS D 433 -21.41 -28.88 1.14
N SER D 434 -20.50 -28.06 1.68
CA SER D 434 -19.08 -28.40 1.69
C SER D 434 -18.83 -29.69 2.46
N PHE D 435 -19.41 -29.79 3.65
CA PHE D 435 -19.29 -30.99 4.48
C PHE D 435 -19.80 -32.23 3.75
N GLU D 436 -20.95 -32.10 3.10
CA GLU D 436 -21.56 -33.20 2.35
C GLU D 436 -20.72 -33.59 1.12
N THR D 437 -20.27 -32.59 0.38
CA THR D 437 -19.46 -32.80 -0.82
C THR D 437 -18.14 -33.55 -0.54
N PHE D 438 -17.50 -33.22 0.58
CA PHE D 438 -16.22 -33.84 0.95
C PHE D 438 -16.37 -35.04 1.88
N SER D 439 -17.62 -35.49 2.06
CA SER D 439 -17.92 -36.70 2.81
C SER D 439 -18.56 -37.73 1.91
N HIS D 440 -18.48 -38.99 2.31
CA HIS D 440 -19.38 -39.99 1.77
C HIS D 440 -20.51 -40.17 2.74
N ARG D 441 -21.73 -40.03 2.24
CA ARG D 441 -22.94 -40.21 3.03
C ARG D 441 -23.41 -41.66 2.89
N ARG D 442 -23.22 -42.41 3.97
CA ARG D 442 -23.33 -43.86 3.96
C ARG D 442 -24.63 -44.29 4.62
N SER D 443 -25.53 -44.88 3.82
CA SER D 443 -26.79 -45.39 4.32
C SER D 443 -26.56 -46.60 5.22
N CYS D 444 -27.16 -46.58 6.40
CA CYS D 444 -26.99 -47.65 7.37
C CYS D 444 -28.33 -48.20 7.86
N LEU D 445 -28.43 -49.52 7.89
CA LEU D 445 -29.58 -50.22 8.44
C LEU D 445 -29.14 -51.22 9.49
N VAL D 446 -29.63 -51.05 10.72
CA VAL D 446 -29.31 -51.96 11.80
C VAL D 446 -30.59 -52.65 12.29
N ARG D 447 -30.63 -53.97 12.10
CA ARG D 447 -31.77 -54.78 12.54
C ARG D 447 -31.40 -55.59 13.78
N PRO D 448 -32.40 -56.00 14.58
CA PRO D 448 -32.11 -56.97 15.63
C PRO D 448 -31.87 -58.36 15.03
N LEU D 449 -30.99 -59.14 15.65
CA LEU D 449 -30.71 -60.49 15.18
C LEU D 449 -31.52 -61.51 15.96
N MET D 450 -32.82 -61.54 15.69
CA MET D 450 -33.73 -62.54 16.25
C MET D 450 -34.84 -62.84 15.27
N ASN D 451 -35.44 -64.03 15.42
CA ASN D 451 -36.50 -64.49 14.52
C ASN D 451 -37.59 -63.45 14.30
N ASP D 452 -37.84 -63.13 13.04
CA ASP D 452 -38.91 -62.23 12.66
C ASP D 452 -39.82 -62.95 11.68
N GLU D 453 -41.01 -63.32 12.17
CA GLU D 453 -41.99 -64.06 11.36
C GLU D 453 -42.47 -63.26 10.15
N GLY D 454 -42.45 -61.93 10.27
CA GLY D 454 -42.81 -61.02 9.18
C GLY D 454 -41.86 -61.09 7.99
N LEU D 455 -40.62 -61.50 8.25
CA LEU D 455 -39.61 -61.62 7.20
C LEU D 455 -39.68 -62.95 6.45
N LYS D 456 -40.27 -63.97 7.08
CA LYS D 456 -40.26 -65.34 6.53
C LYS D 456 -40.91 -65.48 5.15
N VAL D 457 -41.79 -64.54 4.80
CA VAL D 457 -42.47 -64.54 3.50
C VAL D 457 -41.50 -64.35 2.32
N ARG D 458 -40.31 -63.82 2.60
CA ARG D 458 -39.33 -63.53 1.56
C ARG D 458 -38.50 -64.75 1.13
N TYR D 459 -38.35 -65.71 2.04
CA TYR D 459 -37.54 -66.90 1.79
C TYR D 459 -38.24 -67.87 0.86
N PRO D 460 -37.49 -68.52 -0.04
CA PRO D 460 -38.02 -69.67 -0.77
C PRO D 460 -38.32 -70.82 0.21
N PRO D 461 -39.23 -71.75 -0.16
CA PRO D 461 -39.92 -71.82 -1.45
C PRO D 461 -41.07 -70.82 -1.56
N SER D 462 -41.28 -70.32 -2.78
CA SER D 462 -42.39 -69.42 -3.07
C SER D 462 -43.73 -70.12 -2.88
N PRO D 463 -44.77 -69.38 -2.45
CA PRO D 463 -46.10 -69.95 -2.23
C PRO D 463 -46.70 -70.61 -3.47
N ALA D 464 -47.47 -71.67 -3.26
CA ALA D 464 -48.11 -72.39 -4.35
C ALA D 464 -49.39 -71.69 -4.79
#